data_4OEE
# 
_entry.id   4OEE 
# 
_audit_conform.dict_name       mmcif_pdbx.dic 
_audit_conform.dict_version    5.379 
_audit_conform.dict_location   http://mmcif.pdb.org/dictionaries/ascii/mmcif_pdbx.dic 
# 
loop_
_database_2.database_id 
_database_2.database_code 
_database_2.pdbx_database_accession 
_database_2.pdbx_DOI 
PDB   4OEE         pdb_00004oee 10.2210/pdb4oee/pdb 
RCSB  RCSB084387   ?            ?                   
WWPDB D_1000084387 ?            ?                   
# 
loop_
_pdbx_database_related.db_name 
_pdbx_database_related.db_id 
_pdbx_database_related.details 
_pdbx_database_related.content_type 
PDB 4OEF . unspecified 
PDB 4OEG . unspecified 
# 
_pdbx_database_status.status_code                     REL 
_pdbx_database_status.entry_id                        4OEE 
_pdbx_database_status.recvd_initial_deposition_date   2014-01-13 
_pdbx_database_status.deposit_site                    RCSB 
_pdbx_database_status.process_site                    RCSB 
_pdbx_database_status.status_code_sf                  REL 
_pdbx_database_status.status_code_mr                  ? 
_pdbx_database_status.SG_entry                        ? 
_pdbx_database_status.status_code_cs                  ? 
_pdbx_database_status.methods_development_category    ? 
_pdbx_database_status.pdb_format_compatible           Y 
_pdbx_database_status.status_code_nmr_data            ? 
# 
loop_
_audit_author.name 
_audit_author.pdbx_ordinal 
'Li, Y.C.'    1 
'Hsiao, C.D.' 2 
# 
_citation.id                        primary 
_citation.title                     
'Interactions that influence the binding of synthetic heparan sulfate based disaccharides to fibroblast growth factor-2.' 
_citation.journal_abbrev            'Acs Chem.Biol.' 
_citation.journal_volume            9 
_citation.page_first                1712 
_citation.page_last                 1717 
_citation.year                      2014 
_citation.journal_id_ASTM           ? 
_citation.country                   US 
_citation.journal_id_ISSN           1554-8929 
_citation.journal_id_CSD            ? 
_citation.book_publisher            ? 
_citation.pdbx_database_id_PubMed   24959968 
_citation.pdbx_database_id_DOI      10.1021/cb500298q 
# 
loop_
_citation_author.citation_id 
_citation_author.name 
_citation_author.ordinal 
_citation_author.identifier_ORCID 
primary 'Li, Y.C.'      1  ? 
primary 'Ho, I.H.'      2  ? 
primary 'Ku, C.C.'      3  ? 
primary 'Zhong, Y.Q.'   4  ? 
primary 'Hu, Y.P.'      5  ? 
primary 'Chen, Z.G.'    6  ? 
primary 'Chen, C.Y.'    7  ? 
primary 'Lin, W.C.'     8  ? 
primary 'Zulueta, M.M.' 9  ? 
primary 'Hung, S.C.'    10 ? 
primary 'Lin, M.G.'     11 ? 
primary 'Wang, C.C.'    12 ? 
primary 'Hsiao, C.D.'   13 ? 
# 
_cell.entry_id           4OEE 
_cell.length_a           84.441 
_cell.length_b           58.136 
_cell.length_c           32.395 
_cell.angle_alpha        90.00 
_cell.angle_beta         109.10 
_cell.angle_gamma        90.00 
_cell.Z_PDB              4 
_cell.pdbx_unique_axis   ? 
_cell.length_a_esd       ? 
_cell.length_b_esd       ? 
_cell.length_c_esd       ? 
_cell.angle_alpha_esd    ? 
_cell.angle_beta_esd     ? 
_cell.angle_gamma_esd    ? 
# 
_symmetry.entry_id                         4OEE 
_symmetry.space_group_name_H-M             'C 1 2 1' 
_symmetry.pdbx_full_space_group_name_H-M   ? 
_symmetry.cell_setting                     ? 
_symmetry.Int_Tables_number                5 
_symmetry.space_group_name_Hall            ? 
# 
loop_
_entity.id 
_entity.type 
_entity.src_method 
_entity.pdbx_description 
_entity.formula_weight 
_entity.pdbx_number_of_molecules 
_entity.pdbx_ec 
_entity.pdbx_mutation 
_entity.pdbx_fragment 
_entity.details 
1 polymer  man 'Fibroblast growth factor 2'                                                                                    
17249.732 1   ? 'C69S, C87S' 'unp residues 134-288' ? 
2 branched man '2-deoxy-3-O-sulfo-2-(sulfoamino)-alpha-D-glucopyranose-(1-4)-1-O-methyl-2-O-sulfo-alpha-L-idopyranuronic acid' 
609.512   1   ? ?            ?                      ? 
3 water    nat water                                                                                                           
18.015    107 ? ?            ?                      ? 
# 
_entity_name_com.entity_id   1 
_entity_name_com.name        'FGF-2, Basic fibroblast growth factor, bFGF, Heparin-binding growth factor 2, HBGF-2' 
# 
_entity_poly.entity_id                      1 
_entity_poly.type                           'polypeptide(L)' 
_entity_poly.nstd_linkage                   no 
_entity_poly.nstd_monomer                   no 
_entity_poly.pdbx_seq_one_letter_code       
;MAAGSITTLPALPEDGGSGAFPPGHFKDPKRLYCKNGGFFLRIHPDGRVDGVREKSDPHIKLQLQAEERGVVSIKGVSAN
RYLAMKEDGRLLASKSVTDECFFFERLESNNYNTYRSRKYTSWYVALKRTGQYKLGSKTGPGQKAILFLPMSAKS
;
_entity_poly.pdbx_seq_one_letter_code_can   
;MAAGSITTLPALPEDGGSGAFPPGHFKDPKRLYCKNGGFFLRIHPDGRVDGVREKSDPHIKLQLQAEERGVVSIKGVSAN
RYLAMKEDGRLLASKSVTDECFFFERLESNNYNTYRSRKYTSWYVALKRTGQYKLGSKTGPGQKAILFLPMSAKS
;
_entity_poly.pdbx_strand_id                 A 
_entity_poly.pdbx_target_identifier         ? 
# 
loop_
_entity_poly_seq.entity_id 
_entity_poly_seq.num 
_entity_poly_seq.mon_id 
_entity_poly_seq.hetero 
1 1   MET n 
1 2   ALA n 
1 3   ALA n 
1 4   GLY n 
1 5   SER n 
1 6   ILE n 
1 7   THR n 
1 8   THR n 
1 9   LEU n 
1 10  PRO n 
1 11  ALA n 
1 12  LEU n 
1 13  PRO n 
1 14  GLU n 
1 15  ASP n 
1 16  GLY n 
1 17  GLY n 
1 18  SER n 
1 19  GLY n 
1 20  ALA n 
1 21  PHE n 
1 22  PRO n 
1 23  PRO n 
1 24  GLY n 
1 25  HIS n 
1 26  PHE n 
1 27  LYS n 
1 28  ASP n 
1 29  PRO n 
1 30  LYS n 
1 31  ARG n 
1 32  LEU n 
1 33  TYR n 
1 34  CYS n 
1 35  LYS n 
1 36  ASN n 
1 37  GLY n 
1 38  GLY n 
1 39  PHE n 
1 40  PHE n 
1 41  LEU n 
1 42  ARG n 
1 43  ILE n 
1 44  HIS n 
1 45  PRO n 
1 46  ASP n 
1 47  GLY n 
1 48  ARG n 
1 49  VAL n 
1 50  ASP n 
1 51  GLY n 
1 52  VAL n 
1 53  ARG n 
1 54  GLU n 
1 55  LYS n 
1 56  SER n 
1 57  ASP n 
1 58  PRO n 
1 59  HIS n 
1 60  ILE n 
1 61  LYS n 
1 62  LEU n 
1 63  GLN n 
1 64  LEU n 
1 65  GLN n 
1 66  ALA n 
1 67  GLU n 
1 68  GLU n 
1 69  ARG n 
1 70  GLY n 
1 71  VAL n 
1 72  VAL n 
1 73  SER n 
1 74  ILE n 
1 75  LYS n 
1 76  GLY n 
1 77  VAL n 
1 78  SER n 
1 79  ALA n 
1 80  ASN n 
1 81  ARG n 
1 82  TYR n 
1 83  LEU n 
1 84  ALA n 
1 85  MET n 
1 86  LYS n 
1 87  GLU n 
1 88  ASP n 
1 89  GLY n 
1 90  ARG n 
1 91  LEU n 
1 92  LEU n 
1 93  ALA n 
1 94  SER n 
1 95  LYS n 
1 96  SER n 
1 97  VAL n 
1 98  THR n 
1 99  ASP n 
1 100 GLU n 
1 101 CYS n 
1 102 PHE n 
1 103 PHE n 
1 104 PHE n 
1 105 GLU n 
1 106 ARG n 
1 107 LEU n 
1 108 GLU n 
1 109 SER n 
1 110 ASN n 
1 111 ASN n 
1 112 TYR n 
1 113 ASN n 
1 114 THR n 
1 115 TYR n 
1 116 ARG n 
1 117 SER n 
1 118 ARG n 
1 119 LYS n 
1 120 TYR n 
1 121 THR n 
1 122 SER n 
1 123 TRP n 
1 124 TYR n 
1 125 VAL n 
1 126 ALA n 
1 127 LEU n 
1 128 LYS n 
1 129 ARG n 
1 130 THR n 
1 131 GLY n 
1 132 GLN n 
1 133 TYR n 
1 134 LYS n 
1 135 LEU n 
1 136 GLY n 
1 137 SER n 
1 138 LYS n 
1 139 THR n 
1 140 GLY n 
1 141 PRO n 
1 142 GLY n 
1 143 GLN n 
1 144 LYS n 
1 145 ALA n 
1 146 ILE n 
1 147 LEU n 
1 148 PHE n 
1 149 LEU n 
1 150 PRO n 
1 151 MET n 
1 152 SER n 
1 153 ALA n 
1 154 LYS n 
1 155 SER n 
# 
_entity_src_gen.entity_id                          1 
_entity_src_gen.pdbx_src_id                        1 
_entity_src_gen.pdbx_alt_source_flag               sample 
_entity_src_gen.pdbx_seq_type                      ? 
_entity_src_gen.pdbx_beg_seq_num                   ? 
_entity_src_gen.pdbx_end_seq_num                   ? 
_entity_src_gen.gene_src_common_name               human 
_entity_src_gen.gene_src_genus                     ? 
_entity_src_gen.pdbx_gene_src_gene                 'FGF2, FGFB' 
_entity_src_gen.gene_src_species                   ? 
_entity_src_gen.gene_src_strain                    ? 
_entity_src_gen.gene_src_tissue                    ? 
_entity_src_gen.gene_src_tissue_fraction           ? 
_entity_src_gen.gene_src_details                   ? 
_entity_src_gen.pdbx_gene_src_fragment             ? 
_entity_src_gen.pdbx_gene_src_scientific_name      'Homo sapiens' 
_entity_src_gen.pdbx_gene_src_ncbi_taxonomy_id     9606 
_entity_src_gen.pdbx_gene_src_variant              ? 
_entity_src_gen.pdbx_gene_src_cell_line            ? 
_entity_src_gen.pdbx_gene_src_atcc                 ? 
_entity_src_gen.pdbx_gene_src_organ                ? 
_entity_src_gen.pdbx_gene_src_organelle            ? 
_entity_src_gen.pdbx_gene_src_cell                 ? 
_entity_src_gen.pdbx_gene_src_cellular_location    ? 
_entity_src_gen.host_org_common_name               ? 
_entity_src_gen.pdbx_host_org_scientific_name      'Escherichia coli' 
_entity_src_gen.pdbx_host_org_ncbi_taxonomy_id     511693 
_entity_src_gen.host_org_genus                     ? 
_entity_src_gen.pdbx_host_org_gene                 ? 
_entity_src_gen.pdbx_host_org_organ                ? 
_entity_src_gen.host_org_species                   ? 
_entity_src_gen.pdbx_host_org_tissue               ? 
_entity_src_gen.pdbx_host_org_tissue_fraction      ? 
_entity_src_gen.pdbx_host_org_strain               'BL21(RIPL)' 
_entity_src_gen.pdbx_host_org_variant              ? 
_entity_src_gen.pdbx_host_org_cell_line            ? 
_entity_src_gen.pdbx_host_org_atcc                 ? 
_entity_src_gen.pdbx_host_org_culture_collection   ? 
_entity_src_gen.pdbx_host_org_cell                 ? 
_entity_src_gen.pdbx_host_org_organelle            ? 
_entity_src_gen.pdbx_host_org_cellular_location    ? 
_entity_src_gen.pdbx_host_org_vector_type          plasmid 
_entity_src_gen.pdbx_host_org_vector               ? 
_entity_src_gen.host_org_details                   ? 
_entity_src_gen.expression_system_id               ? 
_entity_src_gen.plasmid_name                       pET32a 
_entity_src_gen.plasmid_details                    ? 
_entity_src_gen.pdbx_description                   ? 
# 
_struct_ref.id                         1 
_struct_ref.db_name                    UNP 
_struct_ref.db_code                    FGF2_HUMAN 
_struct_ref.pdbx_db_accession          P09038 
_struct_ref.entity_id                  1 
_struct_ref.pdbx_seq_one_letter_code   
;MAAGSITTLPALPEDGGSGAFPPGHFKDPKRLYCKNGGFFLRIHPDGRVDGVREKSDPHIKLQLQAEERGVVSIKGVCAN
RYLAMKEDGRLLASKCVTDECFFFERLESNNYNTYRSRKYTSWYVALKRTGQYKLGSKTGPGQKAILFLPMSAKS
;
_struct_ref.pdbx_align_begin           134 
_struct_ref.pdbx_db_isoform            ? 
# 
_struct_ref_seq.align_id                      1 
_struct_ref_seq.ref_id                        1 
_struct_ref_seq.pdbx_PDB_id_code              4OEE 
_struct_ref_seq.pdbx_strand_id                A 
_struct_ref_seq.seq_align_beg                 1 
_struct_ref_seq.pdbx_seq_align_beg_ins_code   ? 
_struct_ref_seq.seq_align_end                 155 
_struct_ref_seq.pdbx_seq_align_end_ins_code   ? 
_struct_ref_seq.pdbx_db_accession             P09038 
_struct_ref_seq.db_align_beg                  134 
_struct_ref_seq.pdbx_db_align_beg_ins_code    ? 
_struct_ref_seq.db_align_end                  288 
_struct_ref_seq.pdbx_db_align_end_ins_code    ? 
_struct_ref_seq.pdbx_auth_seq_align_beg       -8 
_struct_ref_seq.pdbx_auth_seq_align_end       146 
# 
loop_
_struct_ref_seq_dif.align_id 
_struct_ref_seq_dif.pdbx_pdb_id_code 
_struct_ref_seq_dif.mon_id 
_struct_ref_seq_dif.pdbx_pdb_strand_id 
_struct_ref_seq_dif.seq_num 
_struct_ref_seq_dif.pdbx_pdb_ins_code 
_struct_ref_seq_dif.pdbx_seq_db_name 
_struct_ref_seq_dif.pdbx_seq_db_accession_code 
_struct_ref_seq_dif.db_mon_id 
_struct_ref_seq_dif.pdbx_seq_db_seq_num 
_struct_ref_seq_dif.details 
_struct_ref_seq_dif.pdbx_auth_seq_num 
_struct_ref_seq_dif.pdbx_ordinal 
1 4OEE SER A 78 ? UNP P09038 CYS 211 'engineered mutation' 69 1 
1 4OEE SER A 96 ? UNP P09038 CYS 229 'engineered mutation' 87 2 
# 
loop_
_chem_comp.id 
_chem_comp.type 
_chem_comp.mon_nstd_flag 
_chem_comp.name 
_chem_comp.pdbx_synonyms 
_chem_comp.formula 
_chem_comp.formula_weight 
ALA 'L-peptide linking'           y ALANINE                                                  ? 'C3 H7 N O2'      89.093  
ARG 'L-peptide linking'           y ARGININE                                                 ? 'C6 H15 N4 O2 1'  175.209 
ASN 'L-peptide linking'           y ASPARAGINE                                               ? 'C4 H8 N2 O3'     132.118 
ASP 'L-peptide linking'           y 'ASPARTIC ACID'                                          ? 'C4 H7 N O4'      133.103 
CYS 'L-peptide linking'           y CYSTEINE                                                 ? 'C3 H7 N O2 S'    121.158 
GLN 'L-peptide linking'           y GLUTAMINE                                                ? 'C5 H10 N2 O3'    146.144 
GLU 'L-peptide linking'           y 'GLUTAMIC ACID'                                          ? 'C5 H9 N O4'      147.129 
GLY 'peptide linking'             y GLYCINE                                                  ? 'C2 H5 N O2'      75.067  
GNX 'D-saccharide, alpha linking' n '2-deoxy-3-O-sulfo-2-(sulfoamino)-alpha-D-glucopyranose' 
;2-deoxy-3-O-sulfo-2-(sulfoamino)-alpha-D-glucose; 2-deoxy-3-O-sulfo-2-(sulfoamino)-D-glucose; 2-deoxy-3-O-sulfo-2-(sulfoamino)-glucose
;
'C6 H13 N O11 S2' 339.298 
HIS 'L-peptide linking'           y HISTIDINE                                                ? 'C6 H10 N3 O2 1'  156.162 
HOH non-polymer                   . WATER                                                    ? 'H2 O'            18.015  
IDY 'L-saccharide, alpha linking' n '1-O-methyl-2-O-sulfo-alpha-L-idopyranuronic acid'       
;methyl 2-O-sulfo-alpha-L-idopyranosiduronic acid; 1-O-methyl-2-O-sulfo-alpha-L-iduronic acid; 1-O-methyl-2-O-sulfo-L-iduronic acid; 1-O-methyl-2-O-sulfo-iduronic acid
;
'C7 H12 O10 S'    288.229 
ILE 'L-peptide linking'           y ISOLEUCINE                                               ? 'C6 H13 N O2'     131.173 
LEU 'L-peptide linking'           y LEUCINE                                                  ? 'C6 H13 N O2'     131.173 
LYS 'L-peptide linking'           y LYSINE                                                   ? 'C6 H15 N2 O2 1'  147.195 
MET 'L-peptide linking'           y METHIONINE                                               ? 'C5 H11 N O2 S'   149.211 
PHE 'L-peptide linking'           y PHENYLALANINE                                            ? 'C9 H11 N O2'     165.189 
PRO 'L-peptide linking'           y PROLINE                                                  ? 'C5 H9 N O2'      115.130 
SER 'L-peptide linking'           y SERINE                                                   ? 'C3 H7 N O3'      105.093 
THR 'L-peptide linking'           y THREONINE                                                ? 'C4 H9 N O3'      119.119 
TRP 'L-peptide linking'           y TRYPTOPHAN                                               ? 'C11 H12 N2 O2'   204.225 
TYR 'L-peptide linking'           y TYROSINE                                                 ? 'C9 H11 N O3'     181.189 
VAL 'L-peptide linking'           y VALINE                                                   ? 'C5 H11 N O2'     117.146 
# 
_exptl.entry_id          4OEE 
_exptl.method            'X-RAY DIFFRACTION' 
_exptl.crystals_number   1 
# 
_exptl_crystal.id                    1 
_exptl_crystal.density_meas          ? 
_exptl_crystal.density_Matthews      2.18 
_exptl_crystal.density_percent_sol   43.52 
_exptl_crystal.description           ? 
_exptl_crystal.F_000                 ? 
_exptl_crystal.preparation           ? 
# 
_exptl_crystal_grow.crystal_id      1 
_exptl_crystal_grow.method          'VAPOR DIFFUSION, HANGING DROP' 
_exptl_crystal_grow.temp            299 
_exptl_crystal_grow.temp_details    ? 
_exptl_crystal_grow.pH              4.2 
_exptl_crystal_grow.pdbx_details    
'40% polyethylene glycol 600 and 100 mM Na2HPO4/citric acid, pH 4.2, VAPOR DIFFUSION, HANGING DROP, temperature 299K' 
_exptl_crystal_grow.pdbx_pH_range   ? 
# 
_diffrn.id                     1 
_diffrn.ambient_temp           100 
_diffrn.ambient_temp_details   ? 
_diffrn.crystal_id             1 
# 
_diffrn_detector.diffrn_id              1 
_diffrn_detector.detector               CCD 
_diffrn_detector.type                   'RAYONIX MX300HE' 
_diffrn_detector.pdbx_collection_date   2013-03-01 
_diffrn_detector.details                ? 
# 
_diffrn_radiation.diffrn_id                        1 
_diffrn_radiation.wavelength_id                    1 
_diffrn_radiation.pdbx_monochromatic_or_laue_m_l   M 
_diffrn_radiation.monochromator                    'Si 111 CHANNEL' 
_diffrn_radiation.pdbx_diffrn_protocol             'SINGLE WAVELENGTH' 
_diffrn_radiation.pdbx_scattering_type             x-ray 
# 
_diffrn_radiation_wavelength.id           1 
_diffrn_radiation_wavelength.wavelength   1.0 
_diffrn_radiation_wavelength.wt           1.0 
# 
_diffrn_source.diffrn_id                   1 
_diffrn_source.source                      SYNCHROTRON 
_diffrn_source.type                        'NSRRC BEAMLINE BL15A1' 
_diffrn_source.pdbx_synchrotron_site       NSRRC 
_diffrn_source.pdbx_synchrotron_beamline   BL15A1 
_diffrn_source.pdbx_wavelength             ? 
_diffrn_source.pdbx_wavelength_list        1.0 
# 
_reflns.entry_id                     4OEE 
_reflns.observed_criterion_sigma_I   5 
_reflns.observed_criterion_sigma_F   0 
_reflns.d_resolution_low             30 
_reflns.d_resolution_high            1.5 
_reflns.number_obs                   23559 
_reflns.number_all                   23559 
_reflns.percent_possible_obs         99.8 
_reflns.pdbx_Rmerge_I_obs            0.062 
_reflns.pdbx_Rsym_value              0.062 
_reflns.pdbx_netI_over_sigmaI        45.4 
_reflns.B_iso_Wilson_estimate        ? 
_reflns.pdbx_redundancy              7.3 
_reflns.R_free_details               ? 
_reflns.limit_h_max                  ? 
_reflns.limit_h_min                  ? 
_reflns.limit_k_max                  ? 
_reflns.limit_k_min                  ? 
_reflns.limit_l_max                  ? 
_reflns.limit_l_min                  ? 
_reflns.observed_criterion_F_max     ? 
_reflns.observed_criterion_F_min     ? 
_reflns.pdbx_chi_squared             ? 
_reflns.pdbx_scaling_rejects         ? 
_reflns.pdbx_ordinal                 1 
_reflns.pdbx_diffrn_id               1 
# 
_reflns_shell.d_res_high             1.5 
_reflns_shell.d_res_low              1.55 
_reflns_shell.percent_possible_all   99.3 
_reflns_shell.Rmerge_I_obs           0.293 
_reflns_shell.pdbx_Rsym_value        0.293 
_reflns_shell.meanI_over_sigI_obs    9.8 
_reflns_shell.pdbx_redundancy        7.3 
_reflns_shell.percent_possible_obs   ? 
_reflns_shell.number_unique_all      ? 
_reflns_shell.number_measured_all    ? 
_reflns_shell.number_measured_obs    ? 
_reflns_shell.number_unique_obs      ? 
_reflns_shell.pdbx_chi_squared       ? 
_reflns_shell.pdbx_ordinal           1 
_reflns_shell.pdbx_diffrn_id         1 
# 
_refine.entry_id                                 4OEE 
_refine.ls_number_reflns_obs                     23557 
_refine.ls_number_reflns_all                     23559 
_refine.pdbx_ls_sigma_I                          ? 
_refine.pdbx_ls_sigma_F                          1.35 
_refine.pdbx_data_cutoff_high_absF               ? 
_refine.pdbx_data_cutoff_low_absF                ? 
_refine.pdbx_data_cutoff_high_rms_absF           ? 
_refine.ls_d_res_low                             21.170 
_refine.ls_d_res_high                            1.500 
_refine.ls_percent_reflns_obs                    99.03 
_refine.ls_R_factor_obs                          0.1652 
_refine.ls_R_factor_all                          ? 
_refine.ls_R_factor_R_work                       0.1633 
_refine.ls_R_factor_R_free                       0.1854 
_refine.ls_R_factor_R_free_error                 ? 
_refine.ls_R_factor_R_free_error_details         ? 
_refine.ls_percent_reflns_R_free                 8.53 
_refine.ls_number_reflns_R_free                  2010 
_refine.ls_number_parameters                     ? 
_refine.ls_number_restraints                     ? 
_refine.occupancy_min                            ? 
_refine.occupancy_max                            ? 
_refine.correlation_coeff_Fo_to_Fc               ? 
_refine.correlation_coeff_Fo_to_Fc_free          ? 
_refine.B_iso_mean                               ? 
_refine.aniso_B[1][1]                            ? 
_refine.aniso_B[2][2]                            ? 
_refine.aniso_B[3][3]                            ? 
_refine.aniso_B[1][2]                            ? 
_refine.aniso_B[1][3]                            ? 
_refine.aniso_B[2][3]                            ? 
_refine.solvent_model_details                    'FLAT BULK SOLVENT MODEL' 
_refine.solvent_model_param_ksol                 ? 
_refine.solvent_model_param_bsol                 ? 
_refine.pdbx_solvent_vdw_probe_radii             1.11 
_refine.pdbx_solvent_ion_probe_radii             ? 
_refine.pdbx_solvent_shrinkage_radii             0.90 
_refine.pdbx_ls_cross_valid_method               ? 
_refine.details                                  ? 
_refine.pdbx_starting_model                      'PDB ENTRY 1BFC' 
_refine.pdbx_method_to_determine_struct          'MOLECULAR REPLACEMENT' 
_refine.pdbx_isotropic_thermal_model             ? 
_refine.pdbx_stereochemistry_target_values       ML 
_refine.pdbx_stereochem_target_val_spec_case     ? 
_refine.pdbx_R_Free_selection_details            RANDOM 
_refine.pdbx_overall_ESU_R                       ? 
_refine.pdbx_overall_ESU_R_Free                  ? 
_refine.overall_SU_ML                            0.11 
_refine.pdbx_overall_phase_error                 16.81 
_refine.overall_SU_B                             ? 
_refine.overall_SU_R_Cruickshank_DPI             ? 
_refine.ls_redundancy_reflns_obs                 ? 
_refine.B_iso_min                                ? 
_refine.B_iso_max                                ? 
_refine.overall_SU_R_free                        ? 
_refine.ls_wR_factor_R_free                      ? 
_refine.ls_wR_factor_R_work                      ? 
_refine.overall_FOM_free_R_set                   ? 
_refine.overall_FOM_work_R_set                   ? 
_refine.pdbx_diffrn_id                           1 
_refine.pdbx_refine_id                           'X-RAY DIFFRACTION' 
_refine.pdbx_TLS_residual_ADP_flag               ? 
_refine.pdbx_overall_SU_R_free_Cruickshank_DPI   ? 
_refine.pdbx_overall_SU_R_Blow_DPI               ? 
_refine.pdbx_overall_SU_R_free_Blow_DPI          ? 
# 
_refine_hist.pdbx_refine_id                   'X-RAY DIFFRACTION' 
_refine_hist.cycle_id                         LAST 
_refine_hist.pdbx_number_atoms_protein        1068 
_refine_hist.pdbx_number_atoms_nucleic_acid   0 
_refine_hist.pdbx_number_atoms_ligand         37 
_refine_hist.number_atoms_solvent             107 
_refine_hist.number_atoms_total               1212 
_refine_hist.d_res_high                       1.500 
_refine_hist.d_res_low                        21.170 
# 
loop_
_refine_ls_restr.type 
_refine_ls_restr.dev_ideal 
_refine_ls_restr.dev_ideal_target 
_refine_ls_restr.weight 
_refine_ls_restr.number 
_refine_ls_restr.pdbx_restraint_function 
_refine_ls_restr.pdbx_refine_id 
f_bond_d           0.005  ? ? 1132 ? 'X-RAY DIFFRACTION' 
f_angle_d          1.104  ? ? 1523 ? 'X-RAY DIFFRACTION' 
f_dihedral_angle_d 13.356 ? ? 442  ? 'X-RAY DIFFRACTION' 
f_chiral_restr     0.074  ? ? 160  ? 'X-RAY DIFFRACTION' 
f_plane_restr      0.005  ? ? 191  ? 'X-RAY DIFFRACTION' 
# 
loop_
_refine_ls_shell.pdbx_total_number_of_bins_used 
_refine_ls_shell.d_res_high 
_refine_ls_shell.d_res_low 
_refine_ls_shell.number_reflns_R_work 
_refine_ls_shell.R_factor_R_work 
_refine_ls_shell.percent_reflns_obs 
_refine_ls_shell.R_factor_R_free 
_refine_ls_shell.R_factor_R_free_error 
_refine_ls_shell.percent_reflns_R_free 
_refine_ls_shell.number_reflns_R_free 
_refine_ls_shell.number_reflns_all 
_refine_ls_shell.R_factor_all 
_refine_ls_shell.number_reflns_obs 
_refine_ls_shell.redundancy_reflns_obs 
_refine_ls_shell.pdbx_refine_id 
. 1.4996 1.5371  1371 0.1724 89.00  0.1872 . . 123 . . . . 'X-RAY DIFFRACTION' 
. 1.5371 1.5786  1523 0.1717 99.00  0.1831 . . 152 . . . . 'X-RAY DIFFRACTION' 
. 1.5786 1.6250  1548 0.1550 100.00 0.1863 . . 150 . . . . 'X-RAY DIFFRACTION' 
. 1.6250 1.6775  1515 0.1627 100.00 0.1771 . . 135 . . . . 'X-RAY DIFFRACTION' 
. 1.6775 1.7374  1547 0.1601 100.00 0.1976 . . 150 . . . . 'X-RAY DIFFRACTION' 
. 1.7374 1.8069  1554 0.1550 100.00 0.1883 . . 147 . . . . 'X-RAY DIFFRACTION' 
. 1.8069 1.8891  1562 0.1582 100.00 0.2040 . . 139 . . . . 'X-RAY DIFFRACTION' 
. 1.8891 1.9886  1536 0.1591 100.00 0.1794 . . 139 . . . . 'X-RAY DIFFRACTION' 
. 1.9886 2.1131  1567 0.1609 100.00 0.1920 . . 143 . . . . 'X-RAY DIFFRACTION' 
. 2.1131 2.2761  1540 0.1691 100.00 0.1808 . . 144 . . . . 'X-RAY DIFFRACTION' 
. 2.2761 2.5048  1571 0.1739 100.00 0.1843 . . 148 . . . . 'X-RAY DIFFRACTION' 
. 2.5048 2.8665  1545 0.1755 100.00 0.2146 . . 149 . . . . 'X-RAY DIFFRACTION' 
. 2.8665 3.6086  1576 0.1669 100.00 0.1884 . . 145 . . . . 'X-RAY DIFFRACTION' 
. 3.6086 21.1725 1592 0.1523 100.00 0.1605 . . 146 . . . . 'X-RAY DIFFRACTION' 
# 
_struct.entry_id                  4OEE 
_struct.title                     'Crystal Structure Analysis of FGF2-Disaccharide (S3I2) complex' 
_struct.pdbx_model_details        ? 
_struct.pdbx_CASP_flag            ? 
_struct.pdbx_model_type_details   ? 
# 
_struct_keywords.entry_id        4OEE 
_struct_keywords.pdbx_keywords   'PROTEIN BINDING' 
_struct_keywords.text            'Heparin/Heparin Sulfate Binding, PROTEIN BINDING' 
# 
loop_
_struct_asym.id 
_struct_asym.pdbx_blank_PDB_chainid_flag 
_struct_asym.pdbx_modified 
_struct_asym.entity_id 
_struct_asym.details 
A N N 1 ? 
B N N 2 ? 
C N N 3 ? 
# 
loop_
_struct_conf.conf_type_id 
_struct_conf.id 
_struct_conf.pdbx_PDB_helix_id 
_struct_conf.beg_label_comp_id 
_struct_conf.beg_label_asym_id 
_struct_conf.beg_label_seq_id 
_struct_conf.pdbx_beg_PDB_ins_code 
_struct_conf.end_label_comp_id 
_struct_conf.end_label_asym_id 
_struct_conf.end_label_seq_id 
_struct_conf.pdbx_end_PDB_ins_code 
_struct_conf.beg_auth_comp_id 
_struct_conf.beg_auth_asym_id 
_struct_conf.beg_auth_seq_id 
_struct_conf.end_auth_comp_id 
_struct_conf.end_auth_asym_id 
_struct_conf.end_auth_seq_id 
_struct_conf.pdbx_PDB_helix_class 
_struct_conf.details 
_struct_conf.pdbx_PDB_helix_length 
HELX_P HELX_P1 1 PRO A 22  ? ASP A 28  ? PRO A 13  ASP A 19  1 ? 7 
HELX_P HELX_P2 2 THR A 98  ? CYS A 101 ? THR A 89  CYS A 92  5 ? 4 
HELX_P HELX_P3 3 LEU A 135 ? THR A 139 ? LEU A 126 THR A 130 5 ? 5 
HELX_P HELX_P4 4 GLN A 143 ? ILE A 146 ? GLN A 134 ILE A 137 5 ? 4 
# 
_struct_conf_type.id          HELX_P 
_struct_conf_type.criteria    ? 
_struct_conf_type.reference   ? 
# 
_struct_conn.id                            covale1 
_struct_conn.conn_type_id                  covale 
_struct_conn.pdbx_leaving_atom_flag        both 
_struct_conn.pdbx_PDB_id                   ? 
_struct_conn.ptnr1_label_asym_id           B 
_struct_conn.ptnr1_label_comp_id           IDY 
_struct_conn.ptnr1_label_seq_id            . 
_struct_conn.ptnr1_label_atom_id           O4 
_struct_conn.pdbx_ptnr1_label_alt_id       ? 
_struct_conn.pdbx_ptnr1_PDB_ins_code       ? 
_struct_conn.pdbx_ptnr1_standard_comp_id   ? 
_struct_conn.ptnr1_symmetry                1_555 
_struct_conn.ptnr2_label_asym_id           B 
_struct_conn.ptnr2_label_comp_id           GNX 
_struct_conn.ptnr2_label_seq_id            . 
_struct_conn.ptnr2_label_atom_id           C1 
_struct_conn.pdbx_ptnr2_label_alt_id       ? 
_struct_conn.pdbx_ptnr2_PDB_ins_code       ? 
_struct_conn.ptnr1_auth_asym_id            B 
_struct_conn.ptnr1_auth_comp_id            IDY 
_struct_conn.ptnr1_auth_seq_id             1 
_struct_conn.ptnr2_auth_asym_id            B 
_struct_conn.ptnr2_auth_comp_id            GNX 
_struct_conn.ptnr2_auth_seq_id             2 
_struct_conn.ptnr2_symmetry                1_555 
_struct_conn.pdbx_ptnr3_label_atom_id      ? 
_struct_conn.pdbx_ptnr3_label_seq_id       ? 
_struct_conn.pdbx_ptnr3_label_comp_id      ? 
_struct_conn.pdbx_ptnr3_label_asym_id      ? 
_struct_conn.pdbx_ptnr3_label_alt_id       ? 
_struct_conn.pdbx_ptnr3_PDB_ins_code       ? 
_struct_conn.details                       ? 
_struct_conn.pdbx_dist_value               1.429 
_struct_conn.pdbx_value_order              ? 
_struct_conn.pdbx_role                     ? 
# 
_struct_conn_type.id          covale 
_struct_conn_type.criteria    ? 
_struct_conn_type.reference   ? 
# 
loop_
_struct_sheet.id 
_struct_sheet.type 
_struct_sheet.number_strands 
_struct_sheet.details 
A ? 2 ? 
B ? 2 ? 
C ? 4 ? 
D ? 4 ? 
# 
loop_
_struct_sheet_order.sheet_id 
_struct_sheet_order.range_id_1 
_struct_sheet_order.range_id_2 
_struct_sheet_order.offset 
_struct_sheet_order.sense 
A 1 2 ? anti-parallel 
B 1 2 ? anti-parallel 
C 1 2 ? anti-parallel 
C 2 3 ? anti-parallel 
C 3 4 ? anti-parallel 
D 1 2 ? anti-parallel 
D 2 3 ? anti-parallel 
D 3 4 ? anti-parallel 
# 
loop_
_struct_sheet_range.sheet_id 
_struct_sheet_range.id 
_struct_sheet_range.beg_label_comp_id 
_struct_sheet_range.beg_label_asym_id 
_struct_sheet_range.beg_label_seq_id 
_struct_sheet_range.pdbx_beg_PDB_ins_code 
_struct_sheet_range.end_label_comp_id 
_struct_sheet_range.end_label_asym_id 
_struct_sheet_range.end_label_seq_id 
_struct_sheet_range.pdbx_end_PDB_ins_code 
_struct_sheet_range.beg_auth_comp_id 
_struct_sheet_range.beg_auth_asym_id 
_struct_sheet_range.beg_auth_seq_id 
_struct_sheet_range.end_auth_comp_id 
_struct_sheet_range.end_auth_asym_id 
_struct_sheet_range.end_auth_seq_id 
A 1 ARG A 31  ? CYS A 34  ? ARG A 22  CYS A 25  
A 2 PHE A 148 ? MET A 151 ? PHE A 139 MET A 142 
B 1 PHE A 40  ? ILE A 43  ? PHE A 31  ILE A 34  
B 2 VAL A 49  ? VAL A 52  ? VAL A 40  VAL A 43  
C 1 LEU A 62  ? GLU A 68  ? LEU A 53  GLU A 59  
C 2 VAL A 71  ? GLY A 76  ? VAL A 62  GLY A 67  
C 3 ARG A 81  ? MET A 85  ? ARG A 72  MET A 76  
C 4 LEU A 91  ? SER A 94  ? LEU A 82  SER A 85  
D 1 LEU A 62  ? GLU A 68  ? LEU A 53  GLU A 59  
D 2 VAL A 71  ? GLY A 76  ? VAL A 62  GLY A 67  
D 3 PHE A 103 ? LEU A 107 ? PHE A 94  LEU A 98  
D 4 ASN A 113 ? SER A 117 ? ASN A 104 SER A 108 
# 
loop_
_pdbx_struct_sheet_hbond.sheet_id 
_pdbx_struct_sheet_hbond.range_id_1 
_pdbx_struct_sheet_hbond.range_id_2 
_pdbx_struct_sheet_hbond.range_1_label_atom_id 
_pdbx_struct_sheet_hbond.range_1_label_comp_id 
_pdbx_struct_sheet_hbond.range_1_label_asym_id 
_pdbx_struct_sheet_hbond.range_1_label_seq_id 
_pdbx_struct_sheet_hbond.range_1_PDB_ins_code 
_pdbx_struct_sheet_hbond.range_1_auth_atom_id 
_pdbx_struct_sheet_hbond.range_1_auth_comp_id 
_pdbx_struct_sheet_hbond.range_1_auth_asym_id 
_pdbx_struct_sheet_hbond.range_1_auth_seq_id 
_pdbx_struct_sheet_hbond.range_2_label_atom_id 
_pdbx_struct_sheet_hbond.range_2_label_comp_id 
_pdbx_struct_sheet_hbond.range_2_label_asym_id 
_pdbx_struct_sheet_hbond.range_2_label_seq_id 
_pdbx_struct_sheet_hbond.range_2_PDB_ins_code 
_pdbx_struct_sheet_hbond.range_2_auth_atom_id 
_pdbx_struct_sheet_hbond.range_2_auth_comp_id 
_pdbx_struct_sheet_hbond.range_2_auth_asym_id 
_pdbx_struct_sheet_hbond.range_2_auth_seq_id 
A 1 2 N ARG A 31  ? N ARG A 22 O MET A 151 ? O MET A 142 
B 1 2 N PHE A 40  ? N PHE A 31 O VAL A 52  ? O VAL A 43  
C 1 2 N GLN A 63  ? N GLN A 54 O LYS A 75  ? O LYS A 66  
C 2 3 N ILE A 74  ? N ILE A 65 O LEU A 83  ? O LEU A 74  
C 3 4 N TYR A 82  ? N TYR A 73 O SER A 94  ? O SER A 85  
D 1 2 N GLN A 63  ? N GLN A 54 O LYS A 75  ? O LYS A 66  
D 2 3 N VAL A 72  ? N VAL A 63 O PHE A 103 ? O PHE A 94  
D 3 4 N PHE A 104 ? N PHE A 95 O ARG A 116 ? O ARG A 107 
# 
_atom_sites.entry_id                    4OEE 
_atom_sites.fract_transf_matrix[1][1]   -0.01075560 
_atom_sites.fract_transf_matrix[1][2]   0.00097455 
_atom_sites.fract_transf_matrix[1][3]   0.00635941 
_atom_sites.fract_transf_matrix[2][1]   -0.00286644 
_atom_sites.fract_transf_matrix[2][2]   0.01535581 
_atom_sites.fract_transf_matrix[2][3]   -0.00720118 
_atom_sites.fract_transf_matrix[3][1]   -0.02416122 
_atom_sites.fract_transf_matrix[3][2]   -0.01286944 
_atom_sites.fract_transf_matrix[3][3]   -0.01782543 
_atom_sites.fract_transf_vector[1]      -0.189134 
_atom_sites.fract_transf_vector[2]      -0.268601 
_atom_sites.fract_transf_vector[3]      0.347203 
# 
loop_
_atom_type.symbol 
C 
N 
O 
S 
# 
loop_
_atom_site.group_PDB 
_atom_site.id 
_atom_site.type_symbol 
_atom_site.label_atom_id 
_atom_site.label_alt_id 
_atom_site.label_comp_id 
_atom_site.label_asym_id 
_atom_site.label_entity_id 
_atom_site.label_seq_id 
_atom_site.pdbx_PDB_ins_code 
_atom_site.Cartn_x 
_atom_site.Cartn_y 
_atom_site.Cartn_z 
_atom_site.occupancy 
_atom_site.B_iso_or_equiv 
_atom_site.pdbx_formal_charge 
_atom_site.auth_seq_id 
_atom_site.auth_comp_id 
_atom_site.auth_asym_id 
_atom_site.auth_atom_id 
_atom_site.pdbx_PDB_model_num 
ATOM   1    N N   . PHE A 1 21  ? -10.926 -9.758  7.900   1.00 19.01 ? 12  PHE A N   1 
ATOM   2    C CA  . PHE A 1 21  ? -11.483 -9.090  6.727   1.00 13.56 ? 12  PHE A CA  1 
ATOM   3    C C   . PHE A 1 21  ? -12.368 -10.037 5.915   1.00 17.04 ? 12  PHE A C   1 
ATOM   4    O O   . PHE A 1 21  ? -11.983 -11.177 5.642   1.00 17.54 ? 12  PHE A O   1 
ATOM   5    C CB  . PHE A 1 21  ? -10.360 -8.506  5.853   1.00 14.41 ? 12  PHE A CB  1 
ATOM   6    C CG  . PHE A 1 21  ? -9.593  -7.381  6.512   1.00 11.89 ? 12  PHE A CG  1 
ATOM   7    C CD1 . PHE A 1 21  ? -10.105 -6.086  6.524   1.00 12.69 ? 12  PHE A CD1 1 
ATOM   8    C CD2 . PHE A 1 21  ? -8.368  -7.613  7.114   1.00 13.43 ? 12  PHE A CD2 1 
ATOM   9    C CE1 . PHE A 1 21  ? -9.411  -5.048  7.133   1.00 12.92 ? 12  PHE A CE1 1 
ATOM   10   C CE2 . PHE A 1 21  ? -7.668  -6.578  7.730   1.00 11.44 ? 12  PHE A CE2 1 
ATOM   11   C CZ  . PHE A 1 21  ? -8.186  -5.293  7.738   1.00 10.67 ? 12  PHE A CZ  1 
ATOM   12   N N   . PRO A 1 22  ? -13.554 -9.560  5.519   1.00 15.92 ? 13  PRO A N   1 
ATOM   13   C CA  . PRO A 1 22  ? -14.514 -10.355 4.744   1.00 18.57 ? 13  PRO A CA  1 
ATOM   14   C C   . PRO A 1 22  ? -14.027 -10.588 3.308   1.00 16.27 ? 13  PRO A C   1 
ATOM   15   O O   . PRO A 1 22  ? -13.185 -9.831  2.826   1.00 13.74 ? 13  PRO A O   1 
ATOM   16   C CB  . PRO A 1 22  ? -15.767 -9.481  4.756   1.00 19.13 ? 13  PRO A CB  1 
ATOM   17   C CG  . PRO A 1 22  ? -15.246 -8.084  4.871   1.00 20.53 ? 13  PRO A CG  1 
ATOM   18   C CD  . PRO A 1 22  ? -14.026 -8.179  5.740   1.00 16.42 ? 13  PRO A CD  1 
ATOM   19   N N   . PRO A 1 23  ? -14.540 -11.635 2.637   1.00 16.30 ? 14  PRO A N   1 
ATOM   20   C CA  . PRO A 1 23  ? -14.102 -11.993 1.281   1.00 15.20 ? 14  PRO A CA  1 
ATOM   21   C C   . PRO A 1 23  ? -14.140 -10.826 0.291   1.00 14.54 ? 14  PRO A C   1 
ATOM   22   O O   . PRO A 1 23  ? -13.226 -10.702 -0.537  1.00 13.22 ? 14  PRO A O   1 
ATOM   23   C CB  . PRO A 1 23  ? -15.111 -13.068 0.869   1.00 18.40 ? 14  PRO A CB  1 
ATOM   24   C CG  . PRO A 1 23  ? -15.502 -13.704 2.157   1.00 22.81 ? 14  PRO A CG  1 
ATOM   25   C CD  . PRO A 1 23  ? -15.552 -12.575 3.151   1.00 21.55 ? 14  PRO A CD  1 
ATOM   26   N N   . GLY A 1 24  ? -15.163 -9.981  0.389   1.00 13.36 ? 15  GLY A N   1 
ATOM   27   C CA  . GLY A 1 24  ? -15.332 -8.865  -0.529  1.00 13.85 ? 15  GLY A CA  1 
ATOM   28   C C   . GLY A 1 24  ? -14.193 -7.861  -0.484  1.00 13.80 ? 15  GLY A C   1 
ATOM   29   O O   . GLY A 1 24  ? -13.916 -7.157  -1.459  1.00 13.52 ? 15  GLY A O   1 
ATOM   30   N N   . HIS A 1 25  ? -13.532 -7.790  0.666   1.00 11.94 ? 16  HIS A N   1 
ATOM   31   C CA  . HIS A 1 25  ? -12.389 -6.907  0.848   1.00 9.95  ? 16  HIS A CA  1 
ATOM   32   C C   . HIS A 1 25  ? -11.273 -7.256  -0.142  1.00 10.63 ? 16  HIS A C   1 
ATOM   33   O O   . HIS A 1 25  ? -10.573 -6.371  -0.648  1.00 12.03 ? 16  HIS A O   1 
ATOM   34   C CB  . HIS A 1 25  ? -11.915 -7.012  2.302   1.00 11.39 ? 16  HIS A CB  1 
ATOM   35   C CG  . HIS A 1 25  ? -10.571 -6.410  2.563   1.00 8.92  ? 16  HIS A CG  1 
ATOM   36   N ND1 . HIS A 1 25  ? -10.369 -5.051  2.669   1.00 11.43 ? 16  HIS A ND1 1 
ATOM   37   C CD2 . HIS A 1 25  ? -9.364  -6.989  2.773   1.00 13.33 ? 16  HIS A CD2 1 
ATOM   38   C CE1 . HIS A 1 25  ? -9.092  -4.818  2.920   1.00 11.49 ? 16  HIS A CE1 1 
ATOM   39   N NE2 . HIS A 1 25  ? -8.462  -5.978  2.984   1.00 11.39 ? 16  HIS A NE2 1 
ATOM   40   N N   . PHE A 1 26  ? -11.136 -8.543  -0.450  1.00 10.50 ? 17  PHE A N   1 
ATOM   41   C CA  . PHE A 1 26  ? -10.122 -8.996  -1.384  1.00 11.73 ? 17  PHE A CA  1 
ATOM   42   C C   . PHE A 1 26  ? -10.641 -9.068  -2.822  1.00 14.52 ? 17  PHE A C   1 
ATOM   43   O O   . PHE A 1 26  ? -9.910  -8.763  -3.767  1.00 15.87 ? 17  PHE A O   1 
ATOM   44   C CB  . PHE A 1 26  ? -9.570  -10.351 -0.943  1.00 10.29 ? 17  PHE A CB  1 
ATOM   45   C CG  . PHE A 1 26  ? -9.018  -10.348 0.455   1.00 11.79 ? 17  PHE A CG  1 
ATOM   46   C CD1 . PHE A 1 26  ? -9.765  -10.854 1.506   1.00 12.63 ? 17  PHE A CD1 1 
ATOM   47   C CD2 . PHE A 1 26  ? -7.761  -9.831  0.722   1.00 11.92 ? 17  PHE A CD2 1 
ATOM   48   C CE1 . PHE A 1 26  ? -9.268  -10.859 2.795   1.00 13.67 ? 17  PHE A CE1 1 
ATOM   49   C CE2 . PHE A 1 26  ? -7.258  -9.828  2.021   1.00 10.43 ? 17  PHE A CE2 1 
ATOM   50   C CZ  . PHE A 1 26  ? -8.011  -10.342 3.052   1.00 11.00 ? 17  PHE A CZ  1 
ATOM   51   N N   . LYS A 1 27  ? -11.903 -9.452  -2.988  1.00 10.63 ? 18  LYS A N   1 
ATOM   52   C CA  . LYS A 1 27  ? -12.465 -9.655  -4.320  1.00 12.82 ? 18  LYS A CA  1 
ATOM   53   C C   . LYS A 1 27  ? -12.573 -8.362  -5.130  1.00 12.02 ? 18  LYS A C   1 
ATOM   54   O O   . LYS A 1 27  ? -12.229 -8.325  -6.315  1.00 16.46 ? 18  LYS A O   1 
ATOM   55   C CB  . LYS A 1 27  ? -13.837 -10.330 -4.214  1.00 11.58 ? 18  LYS A CB  1 
ATOM   56   C CG  . LYS A 1 27  ? -14.447 -10.685 -5.561  1.00 11.38 ? 18  LYS A CG  1 
ATOM   57   C CD  . LYS A 1 27  ? -15.819 -11.312 -5.409  1.00 12.98 ? 18  LYS A CD  1 
ATOM   58   C CE  . LYS A 1 27  ? -16.413 -11.625 -6.769  1.00 13.38 ? 18  LYS A CE  1 
ATOM   59   N NZ  . LYS A 1 27  ? -17.728 -12.299 -6.635  1.00 19.25 ? 18  LYS A NZ  1 
ATOM   60   N N   . ASP A 1 28  ? -13.069 -7.314  -4.489  1.00 11.52 ? 19  ASP A N   1 
ATOM   61   C CA  . ASP A 1 28  ? -13.328 -6.036  -5.144  1.00 12.94 ? 19  ASP A CA  1 
ATOM   62   C C   . ASP A 1 28  ? -12.043 -5.204  -5.212  1.00 11.97 ? 19  ASP A C   1 
ATOM   63   O O   . ASP A 1 28  ? -11.363 -5.034  -4.200  1.00 11.91 ? 19  ASP A O   1 
ATOM   64   C CB  . ASP A 1 28  ? -14.408 -5.293  -4.341  1.00 13.89 ? 19  ASP A CB  1 
ATOM   65   C CG  . ASP A 1 28  ? -14.640 -3.859  -4.814  1.00 20.52 ? 19  ASP A CG  1 
ATOM   66   O OD1 . ASP A 1 28  ? -14.835 -3.652  -6.034  1.00 22.44 ? 19  ASP A OD1 1 
ATOM   67   O OD2 . ASP A 1 28  ? -14.645 -2.936  -3.962  1.00 23.79 ? 19  ASP A OD2 1 
ATOM   68   N N   . PRO A 1 29  ? -11.688 -4.690  -6.407  1.00 8.89  ? 20  PRO A N   1 
ATOM   69   C CA  . PRO A 1 29  ? -10.541 -3.774  -6.472  1.00 7.64  ? 20  PRO A CA  1 
ATOM   70   C C   . PRO A 1 29  ? -10.754 -2.554  -5.579  1.00 8.81  ? 20  PRO A C   1 
ATOM   71   O O   . PRO A 1 29  ? -11.890 -2.101  -5.408  1.00 12.37 ? 20  PRO A O   1 
ATOM   72   C CB  . PRO A 1 29  ? -10.501 -3.364  -7.952  1.00 10.48 ? 20  PRO A CB  1 
ATOM   73   C CG  . PRO A 1 29  ? -11.112 -4.555  -8.659  1.00 11.11 ? 20  PRO A CG  1 
ATOM   74   C CD  . PRO A 1 29  ? -12.225 -4.989  -7.746  1.00 10.30 ? 20  PRO A CD  1 
ATOM   75   N N   . LYS A 1 30  ? -9.671  -2.041  -5.008  1.00 7.49  ? 21  LYS A N   1 
ATOM   76   C CA  . LYS A 1 30  ? -9.758  -0.955  -4.039  1.00 8.90  ? 21  LYS A CA  1 
ATOM   77   C C   . LYS A 1 30  ? -8.858  0.203   -4.427  1.00 8.20  ? 21  LYS A C   1 
ATOM   78   O O   . LYS A 1 30  ? -7.815  0.003   -5.062  1.00 11.46 ? 21  LYS A O   1 
ATOM   79   C CB  . LYS A 1 30  ? -9.304  -1.440  -2.659  1.00 8.63  ? 21  LYS A CB  1 
ATOM   80   C CG  . LYS A 1 30  ? -10.088 -2.595  -2.069  1.00 8.34  ? 21  LYS A CG  1 
ATOM   81   C CD  . LYS A 1 30  ? -11.517 -2.177  -1.747  1.00 10.26 ? 21  LYS A CD  1 
ATOM   82   C CE  . LYS A 1 30  ? -12.253 -3.274  -0.989  1.00 12.50 ? 21  LYS A CE  1 
ATOM   83   N NZ  . LYS A 1 30  ? -12.605 -4.391  -1.882  1.00 16.25 ? 21  LYS A NZ  1 
ATOM   84   N N   . ARG A 1 31  ? -9.256  1.406   -4.019  1.00 9.67  ? 22  ARG A N   1 
ATOM   85   C CA  . ARG A 1 31  ? -8.340  2.539   -3.965  1.00 8.95  ? 22  ARG A CA  1 
ATOM   86   C C   . ARG A 1 31  ? -7.913  2.658   -2.507  1.00 8.91  ? 22  ARG A C   1 
ATOM   87   O O   . ARG A 1 31  ? -8.749  2.541   -1.615  1.00 11.18 ? 22  ARG A O   1 
ATOM   88   C CB  . ARG A 1 31  ? -9.046  3.838   -4.381  1.00 11.01 ? 22  ARG A CB  1 
ATOM   89   C CG  . ARG A 1 31  ? -9.750  3.799   -5.732  1.00 15.72 ? 22  ARG A CG  1 
ATOM   90   C CD  . ARG A 1 31  ? -10.397 5.146   -6.064  1.00 20.05 ? 22  ARG A CD  1 
ATOM   91   N NE  . ARG A 1 31  ? -11.266 5.651   -5.000  1.00 25.86 ? 22  ARG A NE  1 
ATOM   92   C CZ  . ARG A 1 31  ? -12.515 6.069   -5.191  1.00 25.66 ? 22  ARG A CZ  1 
ATOM   93   N NH1 . ARG A 1 31  ? -13.043 6.033   -6.405  1.00 19.61 ? 22  ARG A NH1 1 
ATOM   94   N NH2 . ARG A 1 31  ? -13.235 6.518   -4.170  1.00 29.27 ? 22  ARG A NH2 1 
ATOM   95   N N   . LEU A 1 32  ? -6.629  2.869   -2.249  1.00 5.68  ? 23  LEU A N   1 
ATOM   96   C CA  . LEU A 1 32  ? -6.163  3.008   -0.863  1.00 6.03  ? 23  LEU A CA  1 
ATOM   97   C C   . LEU A 1 32  ? -5.974  4.481   -0.538  1.00 6.98  ? 23  LEU A C   1 
ATOM   98   O O   . LEU A 1 32  ? -5.000  5.100   -0.961  1.00 7.21  ? 23  LEU A O   1 
ATOM   99   C CB  . LEU A 1 32  ? -4.871  2.212   -0.614  1.00 7.09  ? 23  LEU A CB  1 
ATOM   100  C CG  . LEU A 1 32  ? -5.011  0.683   -0.530  1.00 9.18  ? 23  LEU A CG  1 
ATOM   101  C CD1 . LEU A 1 32  ? -3.666  -0.003  -0.328  1.00 8.44  ? 23  LEU A CD1 1 
ATOM   102  C CD2 . LEU A 1 32  ? -5.962  0.286   0.571   1.00 12.95 ? 23  LEU A CD2 1 
ATOM   103  N N   . TYR A 1 33  ? -6.922  5.034   0.214   1.00 5.67  ? 24  TYR A N   1 
ATOM   104  C CA  . TYR A 1 33  ? -6.950  6.456   0.534   1.00 6.16  ? 24  TYR A CA  1 
ATOM   105  C C   . TYR A 1 33  ? -6.135  6.730   1.799   1.00 5.83  ? 24  TYR A C   1 
ATOM   106  O O   . TYR A 1 33  ? -6.498  6.290   2.888   1.00 6.80  ? 24  TYR A O   1 
ATOM   107  C CB  . TYR A 1 33  ? -8.406  6.891   0.726   1.00 6.62  ? 24  TYR A CB  1 
ATOM   108  C CG  . TYR A 1 33  ? -8.594  8.313   1.201   1.00 7.59  ? 24  TYR A CG  1 
ATOM   109  C CD1 . TYR A 1 33  ? -8.640  9.370   0.296   1.00 8.76  ? 24  TYR A CD1 1 
ATOM   110  C CD2 . TYR A 1 33  ? -8.758  8.591   2.554   1.00 8.63  ? 24  TYR A CD2 1 
ATOM   111  C CE1 . TYR A 1 33  ? -8.833  10.670  0.733   1.00 7.84  ? 24  TYR A CE1 1 
ATOM   112  C CE2 . TYR A 1 33  ? -8.947  9.879   3.002   1.00 9.30  ? 24  TYR A CE2 1 
ATOM   113  C CZ  . TYR A 1 33  ? -8.977  10.912  2.093   1.00 10.54 ? 24  TYR A CZ  1 
ATOM   114  O OH  . TYR A 1 33  ? -9.167  12.199  2.546   1.00 13.76 ? 24  TYR A OH  1 
ATOM   115  N N   . CYS A 1 34  ? -5.030  7.458   1.664   1.00 6.13  ? 25  CYS A N   1 
ATOM   116  C CA  . CYS A 1 34  ? -4.167  7.704   2.811   1.00 6.14  ? 25  CYS A CA  1 
ATOM   117  C C   . CYS A 1 34  ? -4.681  8.853   3.650   1.00 6.88  ? 25  CYS A C   1 
ATOM   118  O O   . CYS A 1 34  ? -4.941  9.940   3.124   1.00 7.60  ? 25  CYS A O   1 
ATOM   119  C CB  . CYS A 1 34  ? -2.731  7.995   2.351   1.00 6.81  ? 25  CYS A CB  1 
ATOM   120  S SG  . CYS A 1 34  ? -1.514  8.130   3.703   1.00 7.57  ? 25  CYS A SG  1 
ATOM   121  N N   . LYS A 1 35  ? -4.807  8.623   4.958   1.00 8.19  ? 26  LYS A N   1 
ATOM   122  C CA  . LYS A 1 35  ? -5.294  9.658   5.863   1.00 9.57  ? 26  LYS A CA  1 
ATOM   123  C C   . LYS A 1 35  ? -4.390  10.887  5.871   1.00 9.73  ? 26  LYS A C   1 
ATOM   124  O O   . LYS A 1 35  ? -4.846  12.002  6.155   1.00 9.59  ? 26  LYS A O   1 
ATOM   125  C CB  . LYS A 1 35  ? -5.468  9.114   7.288   1.00 10.11 ? 26  LYS A CB  1 
ATOM   126  C CG  . LYS A 1 35  ? -6.511  9.905   8.099   1.00 14.81 ? 26  LYS A CG  1 
ATOM   127  C CD  . LYS A 1 35  ? -6.967  9.185   9.364   1.00 21.49 ? 26  LYS A CD  1 
ATOM   128  C CE  . LYS A 1 35  ? -8.116  9.937   10.035  1.00 27.04 ? 26  LYS A CE  1 
ATOM   129  N NZ  . LYS A 1 35  ? -8.821  9.128   11.087  1.00 30.07 ? 26  LYS A NZ  1 
ATOM   130  N N   . ASN A 1 36  ? -3.117  10.678  5.544   1.00 7.50  ? 27  ASN A N   1 
ATOM   131  C CA  . ASN A 1 36  ? -2.130  11.751  5.584   1.00 6.67  ? 27  ASN A CA  1 
ATOM   132  C C   . ASN A 1 36  ? -2.162  12.613  4.323   1.00 13.02 ? 27  ASN A C   1 
ATOM   133  O O   . ASN A 1 36  ? -1.283  12.505  3.476   1.00 19.96 ? 27  ASN A O   1 
ATOM   134  C CB  . ASN A 1 36  ? -0.743  11.130  5.742   1.00 7.22  ? 27  ASN A CB  1 
ATOM   135  C CG  . ASN A 1 36  ? 0.257   12.074  6.358   1.00 9.12  ? 27  ASN A CG  1 
ATOM   136  O OD1 . ASN A 1 36  ? -0.102  12.930  7.175   1.00 10.58 ? 27  ASN A OD1 1 
ATOM   137  N ND2 . ASN A 1 36  ? 1.527   11.899  6.007   1.00 7.97  ? 27  ASN A ND2 1 
ATOM   138  N N   . GLY A 1 37  ? -3.182  13.456  4.190   1.00 9.41  ? 28  GLY A N   1 
ATOM   139  C CA  . GLY A 1 37  ? -3.260  14.361  3.059   1.00 10.64 ? 28  GLY A CA  1 
ATOM   140  C C   . GLY A 1 37  ? -4.317  13.986  2.042   1.00 11.16 ? 28  GLY A C   1 
ATOM   141  O O   . GLY A 1 37  ? -4.622  14.764  1.135   1.00 12.81 ? 28  GLY A O   1 
ATOM   142  N N   . GLY A 1 38  ? -4.871  12.789  2.169   1.00 8.64  ? 29  GLY A N   1 
ATOM   143  C CA  . GLY A 1 38  ? -5.923  12.359  1.269   1.00 8.76  ? 29  GLY A CA  1 
ATOM   144  C C   . GLY A 1 38  ? -5.425  11.902  -0.087  1.00 10.36 ? 29  GLY A C   1 
ATOM   145  O O   . GLY A 1 38  ? -6.127  12.028  -1.090  1.00 13.54 ? 29  GLY A O   1 
ATOM   146  N N   . PHE A 1 39  ? -4.212  11.367  -0.125  1.00 7.75  ? 30  PHE A N   1 
ATOM   147  C CA  . PHE A 1 39  ? -3.649  10.849  -1.367  1.00 6.46  ? 30  PHE A CA  1 
ATOM   148  C C   . PHE A 1 39  ? -3.975  9.375   -1.537  1.00 7.34  ? 30  PHE A C   1 
ATOM   149  O O   . PHE A 1 39  ? -3.835  8.598   -0.590  1.00 8.24  ? 30  PHE A O   1 
ATOM   150  C CB  . PHE A 1 39  ? -2.128  10.976  -1.355  1.00 8.22  ? 30  PHE A CB  1 
ATOM   151  C CG  . PHE A 1 39  ? -1.634  12.383  -1.339  1.00 9.19  ? 30  PHE A CG  1 
ATOM   152  C CD1 . PHE A 1 39  ? -1.266  12.984  -0.149  1.00 10.64 ? 30  PHE A CD1 1 
ATOM   153  C CD2 . PHE A 1 39  ? -1.506  13.098  -2.517  1.00 9.67  ? 30  PHE A CD2 1 
ATOM   154  C CE1 . PHE A 1 39  ? -0.795  14.284  -0.139  1.00 12.34 ? 30  PHE A CE1 1 
ATOM   155  C CE2 . PHE A 1 39  ? -1.043  14.397  -2.514  1.00 11.06 ? 30  PHE A CE2 1 
ATOM   156  C CZ  . PHE A 1 39  ? -0.685  14.990  -1.319  1.00 12.22 ? 30  PHE A CZ  1 
ATOM   157  N N   . PHE A 1 40  ? -4.373  8.986   -2.748  1.00 6.99  ? 31  PHE A N   1 
ATOM   158  C CA  . PHE A 1 40  ? -4.538  7.570   -3.075  1.00 7.16  ? 31  PHE A CA  1 
ATOM   159  C C   . PHE A 1 40  ? -3.193  6.995   -3.474  1.00 6.26  ? 31  PHE A C   1 
ATOM   160  O O   . PHE A 1 40  ? -2.418  7.650   -4.180  1.00 8.32  ? 31  PHE A O   1 
ATOM   161  C CB  . PHE A 1 40  ? -5.510  7.389   -4.242  1.00 6.92  ? 31  PHE A CB  1 
ATOM   162  C CG  . PHE A 1 40  ? -6.905  7.858   -3.957  1.00 6.94  ? 31  PHE A CG  1 
ATOM   163  C CD1 . PHE A 1 40  ? -7.746  7.103   -3.159  1.00 8.26  ? 31  PHE A CD1 1 
ATOM   164  C CD2 . PHE A 1 40  ? -7.379  9.047   -4.504  1.00 8.12  ? 31  PHE A CD2 1 
ATOM   165  C CE1 . PHE A 1 40  ? -9.035  7.525   -2.899  1.00 10.65 ? 31  PHE A CE1 1 
ATOM   166  C CE2 . PHE A 1 40  ? -8.667  9.478   -4.250  1.00 9.81  ? 31  PHE A CE2 1 
ATOM   167  C CZ  . PHE A 1 40  ? -9.497  8.718   -3.441  1.00 10.71 ? 31  PHE A CZ  1 
ATOM   168  N N   . LEU A 1 41  ? -2.900  5.780   -3.012  1.00 5.89  ? 32  LEU A N   1 
ATOM   169  C CA  . LEU A 1 41  ? -1.663  5.101   -3.394  1.00 5.75  ? 32  LEU A CA  1 
ATOM   170  C C   . LEU A 1 41  ? -1.669  4.779   -4.879  1.00 5.60  ? 32  LEU A C   1 
ATOM   171  O O   . LEU A 1 41  ? -2.638  4.218   -5.395  1.00 7.16  ? 32  LEU A O   1 
ATOM   172  C CB  . LEU A 1 41  ? -1.462  3.823   -2.566  1.00 6.30  ? 32  LEU A CB  1 
ATOM   173  C CG  . LEU A 1 41  ? -0.152  3.053   -2.750  1.00 6.60  ? 32  LEU A CG  1 
ATOM   174  C CD1 . LEU A 1 41  ? 1.022   3.894   -2.295  1.00 9.00  ? 32  LEU A CD1 1 
ATOM   175  C CD2 . LEU A 1 41  ? -0.212  1.743   -1.987  1.00 8.39  ? 32  LEU A CD2 1 
ATOM   176  N N   . ARG A 1 42  ? -0.587  5.153   -5.561  1.00 6.68  ? 33  ARG A N   1 
ATOM   177  C CA  . ARG A 1 42  ? -0.509  5.051   -7.017  1.00 6.29  ? 33  ARG A CA  1 
ATOM   178  C C   . ARG A 1 42  ? 0.701   4.224   -7.443  1.00 5.99  ? 33  ARG A C   1 
ATOM   179  O O   . ARG A 1 42  ? 1.841   4.522   -7.073  1.00 7.34  ? 33  ARG A O   1 
ATOM   180  C CB  . ARG A 1 42  ? -0.460  6.454   -7.634  1.00 5.91  ? 33  ARG A CB  1 
ATOM   181  C CG  . ARG A 1 42  ? -0.456  6.441   -9.160  1.00 7.78  ? 33  ARG A CG  1 
ATOM   182  C CD  . ARG A 1 42  ? -0.768  7.815   -9.763  1.00 6.92  ? 33  ARG A CD  1 
ATOM   183  N NE  . ARG A 1 42  ? 0.269   8.808   -9.464  1.00 7.54  ? 33  ARG A NE  1 
ATOM   184  C CZ  . ARG A 1 42  ? 0.325   10.008  -10.032 1.00 8.69  ? 33  ARG A CZ  1 
ATOM   185  N NH1 . ARG A 1 42  ? -0.592  10.360  -10.920 1.00 9.89  ? 33  ARG A NH1 1 
ATOM   186  N NH2 . ARG A 1 42  ? 1.299   10.852  -9.719  1.00 12.48 ? 33  ARG A NH2 1 
ATOM   187  N N   . ILE A 1 43  ? 0.436   3.170   -8.212  1.00 5.80  ? 34  ILE A N   1 
ATOM   188  C CA  . ILE A 1 43  ? 1.473   2.251   -8.672  1.00 6.42  ? 34  ILE A CA  1 
ATOM   189  C C   . ILE A 1 43  ? 1.583   2.320   -10.192 1.00 6.35  ? 34  ILE A C   1 
ATOM   190  O O   . ILE A 1 43  ? 0.587   2.154   -10.899 1.00 6.98  ? 34  ILE A O   1 
ATOM   191  C CB  . ILE A 1 43  ? 1.166   0.812   -8.226  1.00 5.83  ? 34  ILE A CB  1 
ATOM   192  C CG1 . ILE A 1 43  ? 1.081   0.752   -6.698  1.00 8.52  ? 34  ILE A CG1 1 
ATOM   193  C CG2 . ILE A 1 43  ? 2.198   -0.159  -8.785  1.00 7.07  ? 34  ILE A CG2 1 
ATOM   194  C CD1 . ILE A 1 43  ? 0.739   -0.613  -6.133  1.00 7.79  ? 34  ILE A CD1 1 
ATOM   195  N N   . HIS A 1 44  ? 2.800   2.559   -10.674 1.00 7.66  ? 35  HIS A N   1 
ATOM   196  C CA  . HIS A 1 44  ? 3.057   2.855   -12.082 1.00 8.21  ? 35  HIS A CA  1 
ATOM   197  C C   . HIS A 1 44  ? 3.674   1.676   -12.824 1.00 8.18  ? 35  HIS A C   1 
ATOM   198  O O   . HIS A 1 44  ? 4.385   0.870   -12.236 1.00 8.65  ? 35  HIS A O   1 
ATOM   199  C CB  . HIS A 1 44  ? 4.000   4.057   -12.198 1.00 9.23  ? 35  HIS A CB  1 
ATOM   200  C CG  . HIS A 1 44  ? 3.452   5.319   -11.607 1.00 9.53  ? 35  HIS A CG  1 
ATOM   201  N ND1 . HIS A 1 44  ? 2.660   6.194   -12.320 1.00 10.47 ? 35  HIS A ND1 1 
ATOM   202  C CD2 . HIS A 1 44  ? 3.580   5.850   -10.368 1.00 10.16 ? 35  HIS A CD2 1 
ATOM   203  C CE1 . HIS A 1 44  ? 2.331   7.215   -11.546 1.00 11.71 ? 35  HIS A CE1 1 
ATOM   204  N NE2 . HIS A 1 44  ? 2.881   7.032   -10.357 1.00 11.41 ? 35  HIS A NE2 1 
ATOM   205  N N   . PRO A 1 45  ? 3.415   1.579   -14.141 1.00 9.12  ? 36  PRO A N   1 
ATOM   206  C CA  . PRO A 1 45  ? 3.945   0.463   -14.934 1.00 10.46 ? 36  PRO A CA  1 
ATOM   207  C C   . PRO A 1 45  ? 5.471   0.432   -15.045 1.00 10.81 ? 36  PRO A C   1 
ATOM   208  O O   . PRO A 1 45  ? 6.007   -0.611  -15.422 1.00 14.61 ? 36  PRO A O   1 
ATOM   209  C CB  . PRO A 1 45  ? 3.312   0.684   -16.317 1.00 10.74 ? 36  PRO A CB  1 
ATOM   210  C CG  . PRO A 1 45  ? 2.919   2.104   -16.346 1.00 10.44 ? 36  PRO A CG  1 
ATOM   211  C CD  . PRO A 1 45  ? 2.524   2.442   -14.935 1.00 9.96  ? 36  PRO A CD  1 
ATOM   212  N N   . ASP A 1 46  ? 6.157   1.527   -14.735 1.00 9.57  ? 37  ASP A N   1 
ATOM   213  C CA  . ASP A 1 46  ? 7.615   1.507   -14.714 1.00 11.21 ? 37  ASP A CA  1 
ATOM   214  C C   . ASP A 1 46  ? 8.182   1.098   -13.356 1.00 12.93 ? 37  ASP A C   1 
ATOM   215  O O   . ASP A 1 46  ? 9.402   1.009   -13.192 1.00 15.50 ? 37  ASP A O   1 
ATOM   216  C CB  . ASP A 1 46  ? 8.202   2.849   -15.167 1.00 11.56 ? 37  ASP A CB  1 
ATOM   217  C CG  . ASP A 1 46  ? 7.785   4.016   -14.284 1.00 16.04 ? 37  ASP A CG  1 
ATOM   218  O OD1 . ASP A 1 46  ? 7.098   3.821   -13.267 1.00 12.97 ? 37  ASP A OD1 1 
ATOM   219  O OD2 . ASP A 1 46  ? 8.170   5.160   -14.613 1.00 23.01 ? 37  ASP A OD2 1 
ATOM   220  N N   . GLY A 1 47  ? 7.305   0.857   -12.383 1.00 9.56  ? 38  GLY A N   1 
ATOM   221  C CA  . GLY A 1 47  ? 7.764   0.459   -11.062 1.00 13.66 ? 38  GLY A CA  1 
ATOM   222  C C   . GLY A 1 47  ? 7.748   1.548   -10.005 1.00 10.92 ? 38  GLY A C   1 
ATOM   223  O O   . GLY A 1 47  ? 7.971   1.258   -8.826  1.00 12.33 ? 38  GLY A O   1 
ATOM   224  N N   . ARG A 1 48  ? 7.506   2.796   -10.415 1.00 8.93  ? 39  ARG A N   1 
ATOM   225  C CA  . ARG A 1 48  ? 7.433   3.909   -9.466  1.00 9.47  ? 39  ARG A CA  1 
ATOM   226  C C   . ARG A 1 48  ? 6.165   3.848   -8.629  1.00 8.33  ? 39  ARG A C   1 
ATOM   227  O O   . ARG A 1 48  ? 5.126   3.367   -9.085  1.00 8.11  ? 39  ARG A O   1 
ATOM   228  C CB  . ARG A 1 48  ? 7.448   5.253   -10.192 1.00 14.79 ? 39  ARG A CB  1 
ATOM   229  C CG  . ARG A 1 48  ? 8.769   5.649   -10.800 1.00 22.44 ? 39  ARG A CG  1 
ATOM   230  C CD  . ARG A 1 48  ? 8.611   6.943   -11.605 1.00 21.14 ? 39  ARG A CD  1 
ATOM   231  N NE  . ARG A 1 48  ? 7.687   6.775   -12.724 1.00 25.57 ? 39  ARG A NE  1 
ATOM   232  C CZ  . ARG A 1 48  ? 6.514   7.391   -12.832 1.00 23.50 ? 39  ARG A CZ  1 
ATOM   233  N NH1 . ARG A 1 48  ? 6.115   8.241   -11.893 1.00 24.05 ? 39  ARG A NH1 1 
ATOM   234  N NH2 . ARG A 1 48  ? 5.745   7.162   -13.885 1.00 18.97 ? 39  ARG A NH2 1 
ATOM   235  N N   . VAL A 1 49  ? 6.256   4.360   -7.406  1.00 7.52  ? 40  VAL A N   1 
ATOM   236  C CA  . VAL A 1 49  ? 5.123   4.448   -6.486  1.00 6.88  ? 40  VAL A CA  1 
ATOM   237  C C   . VAL A 1 49  ? 5.048   5.854   -5.894  1.00 7.57  ? 40  VAL A C   1 
ATOM   238  O O   . VAL A 1 49  ? 6.060   6.410   -5.456  1.00 9.02  ? 40  VAL A O   1 
ATOM   239  C CB  . VAL A 1 49  ? 5.254   3.423   -5.335  1.00 6.99  ? 40  VAL A CB  1 
ATOM   240  C CG1 . VAL A 1 49  ? 4.121   3.574   -4.324  1.00 10.22 ? 40  VAL A CG1 1 
ATOM   241  C CG2 . VAL A 1 49  ? 5.301   2.011   -5.880  1.00 9.29  ? 40  VAL A CG2 1 
ATOM   242  N N   . ASP A 1 50  ? 3.856   6.438   -5.901  1.00 7.25  ? 41  ASP A N   1 
ATOM   243  C CA  . ASP A 1 50  ? 3.631   7.727   -5.252  1.00 8.36  ? 41  ASP A CA  1 
ATOM   244  C C   . ASP A 1 50  ? 2.167   7.837   -4.845  1.00 6.53  ? 41  ASP A C   1 
ATOM   245  O O   . ASP A 1 50  ? 1.488   6.811   -4.696  1.00 7.50  ? 41  ASP A O   1 
ATOM   246  C CB  . ASP A 1 50  ? 4.100   8.904   -6.136  1.00 8.32  ? 41  ASP A CB  1 
ATOM   247  C CG  . ASP A 1 50  ? 3.294   9.056   -7.419  1.00 9.56  ? 41  ASP A CG  1 
ATOM   248  O OD1 . ASP A 1 50  ? 2.450   8.194   -7.736  1.00 8.62  ? 41  ASP A OD1 1 
ATOM   249  O OD2 . ASP A 1 50  ? 3.517   10.071  -8.121  1.00 15.02 ? 41  ASP A OD2 1 
ATOM   250  N N   . GLY A 1 51  ? 1.678   9.061   -4.672  1.00 8.48  ? 42  GLY A N   1 
ATOM   251  C CA  . GLY A 1 51  ? 0.289   9.292   -4.314  1.00 7.06  ? 42  GLY A CA  1 
ATOM   252  C C   . GLY A 1 51  ? -0.309  10.408  -5.146  1.00 7.88  ? 42  GLY A C   1 
ATOM   253  O O   . GLY A 1 51  ? 0.406   11.282  -5.637  1.00 11.14 ? 42  GLY A O   1 
ATOM   254  N N   . VAL A 1 52  ? -1.629  10.378  -5.302  1.00 6.60  ? 43  VAL A N   1 
ATOM   255  C CA  . VAL A 1 52  ? -2.332  11.411  -6.044  1.00 7.91  ? 43  VAL A CA  1 
ATOM   256  C C   . VAL A 1 52  ? -3.731  11.581  -5.458  1.00 8.56  ? 43  VAL A C   1 
ATOM   257  O O   . VAL A 1 52  ? -4.340  10.609  -4.988  1.00 8.18  ? 43  VAL A O   1 
ATOM   258  C CB  . VAL A 1 52  ? -2.389  11.060  -7.552  1.00 8.15  ? 43  VAL A CB  1 
ATOM   259  C CG1 . VAL A 1 52  ? -3.395  9.947   -7.816  1.00 9.29  ? 43  VAL A CG1 1 
ATOM   260  C CG2 . VAL A 1 52  ? -2.701  12.294  -8.390  1.00 12.16 ? 43  VAL A CG2 1 
ATOM   261  N N   . ARG A 1 53  ? -4.247  12.808  -5.480  1.00 8.40  ? 44  ARG A N   1 
ATOM   262  C CA  . ARG A 1 53  ? -5.552  13.068  -4.885  1.00 7.44  ? 44  ARG A CA  1 
ATOM   263  C C   . ARG A 1 53  ? -6.727  12.791  -5.826  1.00 9.44  ? 44  ARG A C   1 
ATOM   264  O O   . ARG A 1 53  ? -7.858  12.605  -5.382  1.00 11.87 ? 44  ARG A O   1 
ATOM   265  C CB  . ARG A 1 53  ? -5.633  14.502  -4.359  1.00 10.29 ? 44  ARG A CB  1 
ATOM   266  C CG  . ARG A 1 53  ? -4.733  14.758  -3.161  1.00 11.97 ? 44  ARG A CG  1 
ATOM   267  C CD  . ARG A 1 53  ? -5.015  16.135  -2.569  1.00 14.90 ? 44  ARG A CD  1 
ATOM   268  N NE  . ARG A 1 53  ? -4.451  16.282  -1.228  1.00 16.74 ? 44  ARG A NE  1 
ATOM   269  C CZ  . ARG A 1 53  ? -3.505  17.158  -0.895  1.00 19.65 ? 44  ARG A CZ  1 
ATOM   270  N NH1 . ARG A 1 53  ? -3.012  17.985  -1.809  1.00 20.59 ? 44  ARG A NH1 1 
ATOM   271  N NH2 . ARG A 1 53  ? -3.064  17.214  0.359   1.00 15.75 ? 44  ARG A NH2 1 
ATOM   272  N N   . GLU A 1 54  ? -6.448  12.746  -7.123  1.00 9.02  ? 45  GLU A N   1 
ATOM   273  C CA  . GLU A 1 54  ? -7.482  12.564  -8.147  1.00 8.24  ? 45  GLU A CA  1 
ATOM   274  C C   . GLU A 1 54  ? -8.023  11.131  -8.200  1.00 8.81  ? 45  GLU A C   1 
ATOM   275  O O   . GLU A 1 54  ? -7.293  10.190  -8.514  1.00 8.21  ? 45  GLU A O   1 
ATOM   276  C CB  . GLU A 1 54  ? -6.918  12.973  -9.511  1.00 9.57  ? 45  GLU A CB  1 
ATOM   277  C CG  . GLU A 1 54  ? -7.849  12.683  -10.679 1.00 8.74  ? 45  GLU A CG  1 
ATOM   278  C CD  . GLU A 1 54  ? -9.230  13.271  -10.493 1.00 11.99 ? 45  GLU A CD  1 
ATOM   279  O OE1 . GLU A 1 54  ? -10.216 12.587  -10.837 1.00 10.66 ? 45  GLU A OE1 1 
ATOM   280  O OE2 . GLU A 1 54  ? -9.337  14.420  -10.012 1.00 15.51 ? 45  GLU A OE2 1 
ATOM   281  N N   . LYS A 1 55  ? -9.317  10.974  -7.920  1.00 8.90  ? 46  LYS A N   1 
ATOM   282  C CA  . LYS A 1 55  ? -9.911  9.647   -7.768  1.00 9.41  ? 46  LYS A CA  1 
ATOM   283  C C   . LYS A 1 55  ? -10.052 8.852   -9.072  1.00 10.15 ? 46  LYS A C   1 
ATOM   284  O O   . LYS A 1 55  ? -10.215 7.634   -9.039  1.00 9.79  ? 46  LYS A O   1 
ATOM   285  C CB  . LYS A 1 55  ? -11.267 9.739   -7.052  1.00 14.46 ? 46  LYS A CB  1 
ATOM   286  C CG  . LYS A 1 55  ? -12.353 10.409  -7.855  1.00 15.78 ? 46  LYS A CG  1 
ATOM   287  C CD  . LYS A 1 55  ? -13.559 10.747  -6.983  1.00 23.59 ? 46  LYS A CD  1 
ATOM   288  C CE  . LYS A 1 55  ? -14.749 11.146  -7.843  1.00 27.91 ? 46  LYS A CE  1 
ATOM   289  N NZ  . LYS A 1 55  ? -14.340 12.016  -8.980  1.00 33.08 ? 46  LYS A NZ  1 
ATOM   290  N N   . SER A 1 56  ? -9.984  9.532   -10.214 1.00 8.30  ? 47  SER A N   1 
ATOM   291  C CA  . SER A 1 56  ? -10.107 8.858   -11.508 1.00 8.13  ? 47  SER A CA  1 
ATOM   292  C C   . SER A 1 56  ? -8.754  8.487   -12.125 1.00 8.16  ? 47  SER A C   1 
ATOM   293  O O   . SER A 1 56  ? -8.702  7.962   -13.242 1.00 10.65 ? 47  SER A O   1 
ATOM   294  C CB  . SER A 1 56  ? -10.921 9.711   -12.488 1.00 8.85  ? 47  SER A CB  1 
ATOM   295  O OG  . SER A 1 56  ? -10.169 10.832  -12.929 1.00 9.35  ? 47  SER A OG  1 
ATOM   296  N N   . ASP A 1 57  ? -7.659  8.767   -11.417 1.00 7.32  ? 48  ASP A N   1 
ATOM   297  C CA  . ASP A 1 57  ? -6.337  8.422   -11.940 1.00 6.25  ? 48  ASP A CA  1 
ATOM   298  C C   . ASP A 1 57  ? -6.290  6.929   -12.280 1.00 7.77  ? 48  ASP A C   1 
ATOM   299  O O   . ASP A 1 57  ? -6.716  6.094   -11.477 1.00 8.17  ? 48  ASP A O   1 
ATOM   300  C CB  . ASP A 1 57  ? -5.250  8.777   -10.924 1.00 7.14  ? 48  ASP A CB  1 
ATOM   301  C CG  . ASP A 1 57  ? -3.855  8.526   -11.458 1.00 8.99  ? 48  ASP A CG  1 
ATOM   302  O OD1 . ASP A 1 57  ? -3.463  7.343   -11.556 1.00 8.13  ? 48  ASP A OD1 1 
ATOM   303  O OD2 . ASP A 1 57  ? -3.142  9.510   -11.763 1.00 9.23  ? 48  ASP A OD2 1 
ATOM   304  N N   . PRO A 1 58  ? -5.782  6.578   -13.473 1.00 7.19  ? 49  PRO A N   1 
ATOM   305  C CA  . PRO A 1 58  ? -5.886  5.174   -13.892 1.00 8.80  ? 49  PRO A CA  1 
ATOM   306  C C   . PRO A 1 58  ? -4.977  4.206   -13.131 1.00 8.26  ? 49  PRO A C   1 
ATOM   307  O O   . PRO A 1 58  ? -5.160  2.992   -13.237 1.00 10.65 ? 49  PRO A O   1 
ATOM   308  C CB  . PRO A 1 58  ? -5.515  5.208   -15.385 1.00 10.73 ? 49  PRO A CB  1 
ATOM   309  C CG  . PRO A 1 58  ? -4.759  6.482   -15.572 1.00 11.24 ? 49  PRO A CG  1 
ATOM   310  C CD  . PRO A 1 58  ? -5.299  7.456   -14.556 1.00 8.14  ? 49  PRO A CD  1 
ATOM   311  N N   . HIS A 1 59  ? -4.031  4.717   -12.353 1.00 6.59  ? 50  HIS A N   1 
ATOM   312  C CA  . HIS A 1 59  ? -3.069  3.842   -11.696 1.00 6.28  ? 50  HIS A CA  1 
ATOM   313  C C   . HIS A 1 59  ? -3.255  3.701   -10.193 1.00 6.48  ? 50  HIS A C   1 
ATOM   314  O O   . HIS A 1 59  ? -2.350  3.223   -9.499  1.00 7.03  ? 50  HIS A O   1 
ATOM   315  C CB  . HIS A 1 59  ? -1.645  4.290   -12.035 1.00 7.11  ? 50  HIS A CB  1 
ATOM   316  C CG  . HIS A 1 59  ? -1.324  4.153   -13.488 1.00 9.08  ? 50  HIS A CG  1 
ATOM   317  N ND1 . HIS A 1 59  ? -1.265  5.230   -14.346 1.00 11.60 ? 50  HIS A ND1 1 
ATOM   318  C CD2 . HIS A 1 59  ? -1.103  3.051   -14.245 1.00 11.20 ? 50  HIS A CD2 1 
ATOM   319  C CE1 . HIS A 1 59  ? -0.997  4.797   -15.568 1.00 11.29 ? 50  HIS A CE1 1 
ATOM   320  N NE2 . HIS A 1 59  ? -0.898  3.482   -15.533 1.00 12.05 ? 50  HIS A NE2 1 
ATOM   321  N N   . ILE A 1 60  ? -4.429  4.093   -9.702  1.00 6.84  ? 51  ILE A N   1 
ATOM   322  C CA  . ILE A 1 60  ? -4.770  3.936   -8.282  1.00 6.22  ? 51  ILE A CA  1 
ATOM   323  C C   . ILE A 1 60  ? -5.750  2.788   -7.994  1.00 6.03  ? 51  ILE A C   1 
ATOM   324  O O   . ILE A 1 60  ? -6.098  2.540   -6.839  1.00 7.63  ? 51  ILE A O   1 
ATOM   325  C CB  . ILE A 1 60  ? -5.311  5.254   -7.644  1.00 5.63  ? 51  ILE A CB  1 
ATOM   326  C CG1 . ILE A 1 60  ? -6.665  5.630   -8.236  1.00 5.51  ? 51  ILE A CG1 1 
ATOM   327  C CG2 . ILE A 1 60  ? -4.294  6.383   -7.788  1.00 6.61  ? 51  ILE A CG2 1 
ATOM   328  C CD1 . ILE A 1 60  ? -7.397  6.709   -7.447  1.00 7.61  ? 51  ILE A CD1 1 
ATOM   329  N N   . LYS A 1 61  ? -6.194  2.084   -9.030  1.00 6.53  ? 52  LYS A N   1 
ATOM   330  C CA  . LYS A 1 61  ? -7.012  0.900   -8.809  1.00 5.94  ? 52  LYS A CA  1 
ATOM   331  C C   . LYS A 1 61  ? -6.107  -0.261  -8.441  1.00 6.51  ? 52  LYS A C   1 
ATOM   332  O O   . LYS A 1 61  ? -5.278  -0.693  -9.249  1.00 6.00  ? 52  LYS A O   1 
ATOM   333  C CB  . LYS A 1 61  ? -7.851  0.541   -10.039 1.00 6.16  ? 52  LYS A CB  1 
ATOM   334  C CG  . LYS A 1 61  ? -8.719  -0.685  -9.810  1.00 6.58  ? 52  LYS A CG  1 
ATOM   335  C CD  . LYS A 1 61  ? -9.415  -1.139  -11.090 1.00 9.51  ? 52  LYS A CD  1 
ATOM   336  C CE  . LYS A 1 61  ? -10.374 -0.083  -11.632 1.00 11.88 ? 52  LYS A CE  1 
ATOM   337  N NZ  . LYS A 1 61  ? -11.471 0.250   -10.673 1.00 13.31 ? 52  LYS A NZ  1 
ATOM   338  N N   . LEU A 1 62  ? -6.255  -0.760  -7.216  1.00 6.84  ? 53  LEU A N   1 
ATOM   339  C CA  . LEU A 1 62  ? -5.391  -1.812  -6.712  1.00 7.29  ? 53  LEU A CA  1 
ATOM   340  C C   . LEU A 1 62  ? -6.164  -3.088  -6.424  1.00 8.18  ? 53  LEU A C   1 
ATOM   341  O O   . LEU A 1 62  ? -7.377  -3.072  -6.214  1.00 9.46  ? 53  LEU A O   1 
ATOM   342  C CB  . LEU A 1 62  ? -4.689  -1.343  -5.436  1.00 8.22  ? 53  LEU A CB  1 
ATOM   343  C CG  . LEU A 1 62  ? -4.108  0.068   -5.458  1.00 7.57  ? 53  LEU A CG  1 
ATOM   344  C CD1 . LEU A 1 62  ? -3.481  0.406   -4.109  1.00 9.37  ? 53  LEU A CD1 1 
ATOM   345  C CD2 . LEU A 1 62  ? -3.080  0.220   -6.563  1.00 7.78  ? 53  LEU A CD2 1 
ATOM   346  N N   . GLN A 1 63  ? -5.450  -4.200  -6.410  1.00 8.01  ? 54  GLN A N   1 
ATOM   347  C CA  . GLN A 1 63  ? -6.042  -5.471  -6.030  1.00 8.75  ? 54  GLN A CA  1 
ATOM   348  C C   . GLN A 1 63  ? -5.322  -5.984  -4.798  1.00 9.35  ? 54  GLN A C   1 
ATOM   349  O O   . GLN A 1 63  ? -4.103  -6.189  -4.826  1.00 9.44  ? 54  GLN A O   1 
ATOM   350  C CB  . GLN A 1 63  ? -5.911  -6.480  -7.167  1.00 10.61 ? 54  GLN A CB  1 
ATOM   351  C CG  . GLN A 1 63  ? -6.520  -7.834  -6.850  1.00 13.28 ? 54  GLN A CG  1 
ATOM   352  C CD  . GLN A 1 63  ? -8.019  -7.751  -6.602  1.00 20.79 ? 54  GLN A CD  1 
ATOM   353  O OE1 . GLN A 1 63  ? -8.742  -7.026  -7.293  1.00 23.53 ? 54  GLN A OE1 1 
ATOM   354  N NE2 . GLN A 1 63  ? -8.490  -8.485  -5.606  1.00 21.80 ? 54  GLN A NE2 1 
ATOM   355  N N   . LEU A 1 64  ? -6.066  -6.157  -3.712  1.00 8.42  ? 55  LEU A N   1 
ATOM   356  C CA  . LEU A 1 64  ? -5.544  -6.818  -2.520  1.00 8.46  ? 55  LEU A CA  1 
ATOM   357  C C   . LEU A 1 64  ? -5.699  -8.326  -2.679  1.00 10.64 ? 55  LEU A C   1 
ATOM   358  O O   . LEU A 1 64  ? -6.770  -8.809  -3.057  1.00 13.30 ? 55  LEU A O   1 
ATOM   359  C CB  . LEU A 1 64  ? -6.294  -6.353  -1.269  1.00 10.23 ? 55  LEU A CB  1 
ATOM   360  C CG  . LEU A 1 64  ? -5.950  -5.024  -0.584  1.00 20.93 ? 55  LEU A CG  1 
ATOM   361  C CD1 . LEU A 1 64  ? -5.179  -4.056  -1.472  1.00 18.11 ? 55  LEU A CD1 1 
ATOM   362  C CD2 . LEU A 1 64  ? -7.194  -4.363  -0.010  1.00 13.99 ? 55  LEU A CD2 1 
ATOM   363  N N   . GLN A 1 65  ? -4.633  -9.071  -2.412  1.00 7.60  ? 56  GLN A N   1 
ATOM   364  C CA  . GLN A 1 65  ? -4.686  -10.519 -2.521  1.00 9.93  ? 56  GLN A CA  1 
ATOM   365  C C   . GLN A 1 65  ? -4.309  -11.134 -1.193  1.00 9.30  ? 56  GLN A C   1 
ATOM   366  O O   . GLN A 1 65  ? -3.282  -10.800 -0.620  1.00 8.71  ? 56  GLN A O   1 
ATOM   367  C CB  . GLN A 1 65  ? -3.729  -10.996 -3.611  1.00 12.34 ? 56  GLN A CB  1 
ATOM   368  C CG  . GLN A 1 65  ? -3.677  -12.508 -3.792  1.00 18.57 ? 56  GLN A CG  1 
ATOM   369  C CD  . GLN A 1 65  ? -3.062  -12.903 -5.124  1.00 21.77 ? 56  GLN A CD  1 
ATOM   370  O OE1 . GLN A 1 65  ? -3.768  -13.043 -6.125  1.00 26.30 ? 56  GLN A OE1 1 
ATOM   371  N NE2 . GLN A 1 65  ? -1.740  -13.076 -5.148  1.00 25.18 ? 56  GLN A NE2 1 
ATOM   372  N N   . ALA A 1 66  ? -5.155  -12.022 -0.695  1.00 8.09  ? 57  ALA A N   1 
ATOM   373  C CA  . ALA A 1 66  ? -4.865  -12.713 0.552   1.00 9.97  ? 57  ALA A CA  1 
ATOM   374  C C   . ALA A 1 66  ? -3.789  -13.762 0.292   1.00 9.85  ? 57  ALA A C   1 
ATOM   375  O O   . ALA A 1 66  ? -4.061  -14.786 -0.330  1.00 16.11 ? 57  ALA A O   1 
ATOM   376  C CB  . ALA A 1 66  ? -6.126  -13.369 1.093   1.00 11.35 ? 57  ALA A CB  1 
ATOM   377  N N   . GLU A 1 67  ? -2.570  -13.496 0.737   1.00 9.53  ? 58  GLU A N   1 
ATOM   378  C CA  . GLU A 1 67  ? -1.469  -14.430 0.533   1.00 10.67 ? 58  GLU A CA  1 
ATOM   379  C C   . GLU A 1 67  ? -1.469  -15.472 1.639   1.00 10.21 ? 58  GLU A C   1 
ATOM   380  O O   . GLU A 1 67  ? -1.261  -16.657 1.385   1.00 11.14 ? 58  GLU A O   1 
ATOM   381  C CB  . GLU A 1 67  ? -0.124  -13.695 0.486   1.00 9.82  ? 58  GLU A CB  1 
ATOM   382  C CG  . GLU A 1 67  ? 0.007   -12.715 -0.687  1.00 11.74 ? 58  GLU A CG  1 
ATOM   383  C CD  . GLU A 1 67  ? 0.183   -13.411 -2.029  1.00 15.21 ? 58  GLU A CD  1 
ATOM   384  O OE1 . GLU A 1 67  ? 0.506   -14.620 -2.053  1.00 15.18 ? 58  GLU A OE1 1 
ATOM   385  O OE2 . GLU A 1 67  ? -0.002  -12.745 -3.068  1.00 14.16 ? 58  GLU A OE2 1 
ATOM   386  N N   . GLU A 1 68  ? -1.693  -15.022 2.868   1.00 9.29  ? 59  GLU A N   1 
ATOM   387  C CA  . GLU A 1 68  ? -1.897  -15.908 4.005   1.00 9.56  ? 59  GLU A CA  1 
ATOM   388  C C   . GLU A 1 68  ? -2.844  -15.203 4.948   1.00 10.64 ? 59  GLU A C   1 
ATOM   389  O O   . GLU A 1 68  ? -3.208  -14.054 4.714   1.00 9.97  ? 59  GLU A O   1 
ATOM   390  C CB  . GLU A 1 68  ? -0.587  -16.179 4.739   1.00 10.42 ? 59  GLU A CB  1 
ATOM   391  C CG  . GLU A 1 68  ? 0.564   -16.718 3.901   1.00 10.55 ? 59  GLU A CG  1 
ATOM   392  C CD  . GLU A 1 68  ? 0.328   -18.109 3.335   1.00 11.31 ? 59  GLU A CD  1 
ATOM   393  O OE1 . GLU A 1 68  ? -0.613  -18.806 3.771   1.00 12.90 ? 59  GLU A OE1 1 
ATOM   394  O OE2 . GLU A 1 68  ? 1.099   -18.493 2.431   1.00 11.92 ? 59  GLU A OE2 1 
ATOM   395  N N   . ARG A 1 69  ? -3.226  -15.870 6.031   1.00 12.16 ? 60  ARG A N   1 
ATOM   396  C CA  . ARG A 1 69  ? -4.057  -15.222 7.031   1.00 13.91 ? 60  ARG A CA  1 
ATOM   397  C C   . ARG A 1 69  ? -3.331  -13.987 7.566   1.00 11.03 ? 60  ARG A C   1 
ATOM   398  O O   . ARG A 1 69  ? -2.226  -14.089 8.102   1.00 14.07 ? 60  ARG A O   1 
ATOM   399  C CB  . ARG A 1 69  ? -4.384  -16.191 8.167   1.00 18.72 ? 60  ARG A CB  1 
ATOM   400  C CG  . ARG A 1 69  ? -5.752  -15.960 8.786   1.00 30.32 ? 60  ARG A CG  1 
ATOM   401  C CD  . ARG A 1 69  ? -5.638  -15.710 10.277  1.00 37.58 ? 60  ARG A CD  1 
ATOM   402  N NE  . ARG A 1 69  ? -5.304  -16.926 11.011  1.00 43.38 ? 60  ARG A NE  1 
ATOM   403  C CZ  . ARG A 1 69  ? -6.178  -17.638 11.714  1.00 45.35 ? 60  ARG A CZ  1 
ATOM   404  N NH1 . ARG A 1 69  ? -7.446  -17.253 11.789  1.00 45.32 ? 60  ARG A NH1 1 
ATOM   405  N NH2 . ARG A 1 69  ? -5.783  -18.731 12.350  1.00 45.39 ? 60  ARG A NH2 1 
ATOM   406  N N   . GLY A 1 70  ? -3.940  -12.816 7.372   1.00 10.24 ? 61  GLY A N   1 
ATOM   407  C CA  . GLY A 1 70  ? -3.355  -11.569 7.836   1.00 10.41 ? 61  GLY A CA  1 
ATOM   408  C C   . GLY A 1 70  ? -2.241  -10.986 6.977   1.00 8.88  ? 61  GLY A C   1 
ATOM   409  O O   . GLY A 1 70  ? -1.637  -9.976  7.357   1.00 7.93  ? 61  GLY A O   1 
ATOM   410  N N   . VAL A 1 71  ? -1.963  -11.617 5.839   1.00 7.77  ? 62  VAL A N   1 
ATOM   411  C CA  . VAL A 1 71  ? -0.882  -11.192 4.952   1.00 7.43  ? 62  VAL A CA  1 
ATOM   412  C C   . VAL A 1 71  ? -1.401  -10.977 3.537   1.00 7.32  ? 62  VAL A C   1 
ATOM   413  O O   . VAL A 1 71  ? -2.101  -11.829 2.983   1.00 8.11  ? 62  VAL A O   1 
ATOM   414  C CB  . VAL A 1 71  ? 0.258   -12.239 4.910   1.00 7.13  ? 62  VAL A CB  1 
ATOM   415  C CG1 . VAL A 1 71  ? 1.411   -11.723 4.048   1.00 8.69  ? 62  VAL A CG1 1 
ATOM   416  C CG2 . VAL A 1 71  ? 0.749   -12.569 6.320   1.00 9.81  ? 62  VAL A CG2 1 
ATOM   417  N N   . VAL A 1 72  ? -1.068  -9.832  2.953   1.00 6.27  ? 63  VAL A N   1 
ATOM   418  C CA  . VAL A 1 72  ? -1.514  -9.507  1.600   1.00 8.08  ? 63  VAL A CA  1 
ATOM   419  C C   . VAL A 1 72  ? -0.378  -9.112  0.660   1.00 7.51  ? 63  VAL A C   1 
ATOM   420  O O   . VAL A 1 72  ? 0.725   -8.770  1.088   1.00 7.44  ? 63  VAL A O   1 
ATOM   421  C CB  . VAL A 1 72  ? -2.529  -8.343  1.579   1.00 8.79  ? 63  VAL A CB  1 
ATOM   422  C CG1 . VAL A 1 72  ? -3.740  -8.653  2.447   1.00 9.87  ? 63  VAL A CG1 1 
ATOM   423  C CG2 . VAL A 1 72  ? -1.862  -7.022  2.001   1.00 8.32  ? 63  VAL A CG2 1 
ATOM   424  N N   . SER A 1 73  ? -0.676  -9.172  -0.635  1.00 7.45  ? 64  SER A N   1 
ATOM   425  C CA  . SER A 1 73  ? 0.088   -8.440  -1.636  1.00 6.49  ? 64  SER A CA  1 
ATOM   426  C C   . SER A 1 73  ? -0.843  -7.373  -2.195  1.00 6.64  ? 64  SER A C   1 
ATOM   427  O O   . SER A 1 73  ? -2.076  -7.493  -2.106  1.00 6.61  ? 64  SER A O   1 
ATOM   428  C CB  . SER A 1 73  ? 0.614   -9.362  -2.744  1.00 8.89  ? 64  SER A CB  1 
ATOM   429  O OG  . SER A 1 73  ? -0.431  -10.058 -3.401  1.00 9.05  ? 64  SER A OG  1 
ATOM   430  N N   . ILE A 1 74  ? -0.249  -6.328  -2.752  1.00 6.22  ? 65  ILE A N   1 
ATOM   431  C CA  . ILE A 1 74  ? -0.986  -5.169  -3.242  1.00 6.74  ? 65  ILE A CA  1 
ATOM   432  C C   . ILE A 1 74  ? -0.582  -4.925  -4.684  1.00 6.78  ? 65  ILE A C   1 
ATOM   433  O O   . ILE A 1 74  ? 0.549   -4.528  -4.961  1.00 7.02  ? 65  ILE A O   1 
ATOM   434  C CB  . ILE A 1 74  ? -0.678  -3.926  -2.392  1.00 6.42  ? 65  ILE A CB  1 
ATOM   435  C CG1 . ILE A 1 74  ? -1.033  -4.185  -0.917  1.00 8.25  ? 65  ILE A CG1 1 
ATOM   436  C CG2 . ILE A 1 74  ? -1.415  -2.716  -2.941  1.00 8.45  ? 65  ILE A CG2 1 
ATOM   437  C CD1 . ILE A 1 74  ? -0.565  -3.101  0.038   1.00 12.48 ? 65  ILE A CD1 1 
ATOM   438  N N   . LYS A 1 75  ? -1.495  -5.189  -5.610  1.00 7.52  ? 66  LYS A N   1 
ATOM   439  C CA  . LYS A 1 75  ? -1.171  -5.088  -7.030  1.00 5.97  ? 66  LYS A CA  1 
ATOM   440  C C   . LYS A 1 75  ? -1.778  -3.843  -7.663  1.00 7.25  ? 66  LYS A C   1 
ATOM   441  O O   . LYS A 1 75  ? -2.970  -3.584  -7.517  1.00 8.68  ? 66  LYS A O   1 
ATOM   442  C CB  . LYS A 1 75  ? -1.687  -6.323  -7.766  1.00 8.49  ? 66  LYS A CB  1 
ATOM   443  C CG  . LYS A 1 75  ? -1.220  -6.437  -9.207  1.00 9.05  ? 66  LYS A CG  1 
ATOM   444  C CD  . LYS A 1 75  ? -1.908  -7.601  -9.884  1.00 11.95 ? 66  LYS A CD  1 
ATOM   445  C CE  . LYS A 1 75  ? -1.246  -7.951  -11.191 1.00 17.82 ? 66  LYS A CE  1 
ATOM   446  N NZ  . LYS A 1 75  ? -2.192  -8.739  -12.039 1.00 22.11 ? 66  LYS A NZ  1 
ATOM   447  N N   . GLY A 1 76  ? -0.962  -3.080  -8.377  1.00 6.30  ? 67  GLY A N   1 
ATOM   448  C CA  . GLY A 1 76  ? -1.491  -2.028  -9.232  1.00 6.21  ? 67  GLY A CA  1 
ATOM   449  C C   . GLY A 1 76  ? -2.060  -2.668  -10.484 1.00 7.12  ? 67  GLY A C   1 
ATOM   450  O O   . GLY A 1 76  ? -1.316  -3.270  -11.251 1.00 8.26  ? 67  GLY A O   1 
ATOM   451  N N   . VAL A 1 77  ? -3.370  -2.570  -10.683 1.00 6.50  ? 68  VAL A N   1 
ATOM   452  C CA  . VAL A 1 77  ? -4.017  -3.321  -11.759 1.00 6.93  ? 68  VAL A CA  1 
ATOM   453  C C   . VAL A 1 77  ? -3.535  -2.885  -13.139 1.00 8.46  ? 68  VAL A C   1 
ATOM   454  O O   . VAL A 1 77  ? -3.138  -3.714  -13.959 1.00 8.12  ? 68  VAL A O   1 
ATOM   455  C CB  . VAL A 1 77  ? -5.552  -3.244  -11.677 1.00 5.77  ? 68  VAL A CB  1 
ATOM   456  C CG1 . VAL A 1 77  ? -6.187  -3.937  -12.876 1.00 7.69  ? 68  VAL A CG1 1 
ATOM   457  C CG2 . VAL A 1 77  ? -6.047  -3.868  -10.369 1.00 8.80  ? 68  VAL A CG2 1 
ATOM   458  N N   . SER A 1 78  ? -3.550  -1.581  -13.394 1.00 7.92  ? 69  SER A N   1 
ATOM   459  C CA  . SER A 1 78  ? -3.089  -1.072  -14.680 1.00 8.95  ? 69  SER A CA  1 
ATOM   460  C C   . SER A 1 78  ? -1.593  -1.315  -14.872 1.00 8.87  ? 69  SER A C   1 
ATOM   461  O O   . SER A 1 78  ? -1.145  -1.698  -15.956 1.00 9.89  ? 69  SER A O   1 
ATOM   462  C CB  . SER A 1 78  ? -3.405  0.415   -14.806 1.00 10.25 ? 69  SER A CB  1 
ATOM   463  O OG  . SER A 1 78  ? -2.983  0.891   -16.067 1.00 12.35 ? 69  SER A OG  1 
ATOM   464  N N   . ALA A 1 79  ? -0.818  -1.094  -13.815 1.00 7.11  ? 70  ALA A N   1 
ATOM   465  C CA  . ALA A 1 79  ? 0.625   -1.249  -13.883 1.00 7.64  ? 70  ALA A CA  1 
ATOM   466  C C   . ALA A 1 79  ? 1.052   -2.696  -14.080 1.00 7.63  ? 70  ALA A C   1 
ATOM   467  O O   . ALA A 1 79  ? 2.135   -2.957  -14.613 1.00 8.64  ? 70  ALA A O   1 
ATOM   468  C CB  . ALA A 1 79  ? 1.268   -0.700  -12.616 1.00 7.54  ? 70  ALA A CB  1 
ATOM   469  N N   . ASN A 1 80  ? 0.222   -3.622  -13.603 1.00 7.92  ? 71  ASN A N   1 
ATOM   470  C CA  . ASN A 1 80  ? 0.542   -5.048  -13.608 1.00 8.02  ? 71  ASN A CA  1 
ATOM   471  C C   . ASN A 1 80  ? 1.799   -5.314  -12.792 1.00 8.48  ? 71  ASN A C   1 
ATOM   472  O O   . ASN A 1 80  ? 2.655   -6.115  -13.185 1.00 10.04 ? 71  ASN A O   1 
ATOM   473  C CB  . ASN A 1 80  ? 0.708   -5.567  -15.046 1.00 8.86  ? 71  ASN A CB  1 
ATOM   474  C CG  . ASN A 1 80  ? 0.118   -6.943  -15.243 1.00 11.11 ? 71  ASN A CG  1 
ATOM   475  O OD1 . ASN A 1 80  ? -0.465  -7.531  -14.325 1.00 11.54 ? 71  ASN A OD1 1 
ATOM   476  N ND2 . ASN A 1 80  ? 0.264   -7.469  -16.446 1.00 15.34 ? 71  ASN A ND2 1 
ATOM   477  N N   . ARG A 1 81  ? 1.900   -4.636  -11.651 1.00 7.43  ? 72  ARG A N   1 
ATOM   478  C CA  . ARG A 1 81  ? 3.050   -4.767  -10.757 1.00 7.10  ? 72  ARG A CA  1 
ATOM   479  C C   . ARG A 1 81  ? 2.590   -4.759  -9.309  1.00 7.37  ? 72  ARG A C   1 
ATOM   480  O O   . ARG A 1 81  ? 1.553   -4.166  -8.989  1.00 9.48  ? 72  ARG A O   1 
ATOM   481  C CB  . ARG A 1 81  ? 4.043   -3.626  -10.978 1.00 7.60  ? 72  ARG A CB  1 
ATOM   482  C CG  . ARG A 1 81  ? 4.816   -3.704  -12.283 1.00 9.16  ? 72  ARG A CG  1 
ATOM   483  C CD  . ARG A 1 81  ? 5.750   -2.506  -12.407 1.00 12.30 ? 72  ARG A CD  1 
ATOM   484  N NE  . ARG A 1 81  ? 6.632   -2.627  -13.561 1.00 15.96 ? 72  ARG A NE  1 
ATOM   485  C CZ  . ARG A 1 81  ? 7.842   -3.173  -13.520 1.00 17.10 ? 72  ARG A CZ  1 
ATOM   486  N NH1 . ARG A 1 81  ? 8.328   -3.639  -12.377 1.00 17.93 ? 72  ARG A NH1 1 
ATOM   487  N NH2 . ARG A 1 81  ? 8.575   -3.255  -14.623 1.00 19.06 ? 72  ARG A NH2 1 
ATOM   488  N N   . TYR A 1 82  ? 3.376   -5.396  -8.442  1.00 6.77  ? 73  TYR A N   1 
ATOM   489  C CA  . TYR A 1 82  ? 3.046   -5.540  -7.029  1.00 7.23  ? 73  TYR A CA  1 
ATOM   490  C C   . TYR A 1 82  ? 3.922   -4.655  -6.173  1.00 6.65  ? 73  TYR A C   1 
ATOM   491  O O   . TYR A 1 82  ? 5.136   -4.587  -6.378  1.00 8.28  ? 73  TYR A O   1 
ATOM   492  C CB  . TYR A 1 82  ? 3.258   -6.988  -6.595  1.00 7.93  ? 73  TYR A CB  1 
ATOM   493  C CG  . TYR A 1 82  ? 2.436   -7.996  -7.363  1.00 7.19  ? 73  TYR A CG  1 
ATOM   494  C CD1 . TYR A 1 82  ? 2.915   -8.557  -8.533  1.00 9.07  ? 73  TYR A CD1 1 
ATOM   495  C CD2 . TYR A 1 82  ? 1.183   -8.389  -6.907  1.00 7.68  ? 73  TYR A CD2 1 
ATOM   496  C CE1 . TYR A 1 82  ? 2.162   -9.485  -9.232  1.00 11.38 ? 73  TYR A CE1 1 
ATOM   497  C CE2 . TYR A 1 82  ? 0.420   -9.310  -7.597  1.00 7.01  ? 73  TYR A CE2 1 
ATOM   498  C CZ  . TYR A 1 82  ? 0.921   -9.857  -8.756  1.00 9.66  ? 73  TYR A CZ  1 
ATOM   499  O OH  . TYR A 1 82  ? 0.181   -10.781 -9.452  1.00 13.31 ? 73  TYR A OH  1 
ATOM   500  N N   . LEU A 1 83  ? 3.307   -4.012  -5.186  1.00 5.66  ? 74  LEU A N   1 
ATOM   501  C CA  . LEU A 1 83  ? 4.026   -3.134  -4.274  1.00 7.39  ? 74  LEU A CA  1 
ATOM   502  C C   . LEU A 1 83  ? 5.131   -3.885  -3.544  1.00 6.20  ? 74  LEU A C   1 
ATOM   503  O O   . LEU A 1 83  ? 4.903   -4.967  -3.004  1.00 6.15  ? 74  LEU A O   1 
ATOM   504  C CB  . LEU A 1 83  ? 3.057   -2.555  -3.250  1.00 6.99  ? 74  LEU A CB  1 
ATOM   505  C CG  . LEU A 1 83  ? 3.639   -1.464  -2.366  1.00 7.92  ? 74  LEU A CG  1 
ATOM   506  C CD1 . LEU A 1 83  ? 3.902   -0.218  -3.186  1.00 9.95  ? 74  LEU A CD1 1 
ATOM   507  C CD2 . LEU A 1 83  ? 2.688   -1.172  -1.243  1.00 8.94  ? 74  LEU A CD2 1 
ATOM   508  N N   . ALA A 1 84  ? 6.324   -3.300  -3.522  1.00 6.79  ? 75  ALA A N   1 
ATOM   509  C CA  . ALA A 1 84  ? 7.453   -3.896  -2.815  1.00 7.09  ? 75  ALA A CA  1 
ATOM   510  C C   . ALA A 1 84  ? 8.132   -2.863  -1.934  1.00 7.34  ? 75  ALA A C   1 
ATOM   511  O O   . ALA A 1 84  ? 8.286   -1.704  -2.329  1.00 7.42  ? 75  ALA A O   1 
ATOM   512  C CB  . ALA A 1 84  ? 8.456   -4.479  -3.816  1.00 10.98 ? 75  ALA A CB  1 
ATOM   513  N N   . MET A 1 85  ? 8.546   -3.269  -0.741  1.00 6.97  ? 76  MET A N   1 
ATOM   514  C CA  . MET A 1 85  ? 9.442   -2.423  0.035   1.00 6.79  ? 76  MET A CA  1 
ATOM   515  C C   . MET A 1 85  ? 10.845  -2.989  -0.046  1.00 9.50  ? 76  MET A C   1 
ATOM   516  O O   . MET A 1 85  ? 11.062  -4.184  0.172   1.00 8.95  ? 76  MET A O   1 
ATOM   517  C CB  . MET A 1 85  ? 8.995   -2.272  1.487   1.00 12.27 ? 76  MET A CB  1 
ATOM   518  C CG  . MET A 1 85  ? 9.790   -1.195  2.241   1.00 14.25 ? 76  MET A CG  1 
ATOM   519  S SD  . MET A 1 85  ? 9.334   -1.101  3.965   1.00 18.30 ? 76  MET A SD  1 
ATOM   520  C CE  . MET A 1 85  ? 7.743   -0.302  3.781   1.00 10.98 ? 76  MET A CE  1 
ATOM   521  N N   . LYS A 1 86  ? 11.788  -2.117  -0.374  1.00 9.44  ? 77  LYS A N   1 
ATOM   522  C CA  . LYS A 1 86  ? 13.187  -2.491  -0.541  1.00 11.13 ? 77  LYS A CA  1 
ATOM   523  C C   . LYS A 1 86  ? 13.969  -2.359  0.759   1.00 12.14 ? 77  LYS A C   1 
ATOM   524  O O   . LYS A 1 86  ? 13.489  -1.768  1.726   1.00 10.22 ? 77  LYS A O   1 
ATOM   525  C CB  . LYS A 1 86  ? 13.829  -1.603  -1.605  1.00 12.62 ? 77  LYS A CB  1 
ATOM   526  C CG  . LYS A 1 86  ? 13.079  -1.595  -2.919  1.00 17.05 ? 77  LYS A CG  1 
ATOM   527  C CD  . LYS A 1 86  ? 12.983  -3.000  -3.500  1.00 20.85 ? 77  LYS A CD  1 
ATOM   528  C CE  . LYS A 1 86  ? 14.347  -3.521  -3.930  1.00 20.93 ? 77  LYS A CE  1 
ATOM   529  N NZ  . LYS A 1 86  ? 14.251  -4.866  -4.577  1.00 25.73 ? 77  LYS A NZ  1 
ATOM   530  N N   . GLU A 1 87  ? 15.186  -2.903  0.779   1.00 14.94 ? 78  GLU A N   1 
ATOM   531  C CA  . GLU A 1 87  ? 15.944  -2.993  2.026   1.00 15.45 ? 78  GLU A CA  1 
ATOM   532  C C   . GLU A 1 87  ? 16.411  -1.642  2.552   1.00 14.89 ? 78  GLU A C   1 
ATOM   533  O O   . GLU A 1 87  ? 16.823  -1.536  3.709   1.00 18.90 ? 78  GLU A O   1 
ATOM   534  C CB  . GLU A 1 87  ? 17.134  -3.951  1.890   1.00 20.88 ? 78  GLU A CB  1 
ATOM   535  C CG  . GLU A 1 87  ? 18.244  -3.459  0.987   1.00 24.20 ? 78  GLU A CG  1 
ATOM   536  C CD  . GLU A 1 87  ? 19.423  -4.415  0.954   1.00 38.75 ? 78  GLU A CD  1 
ATOM   537  O OE1 . GLU A 1 87  ? 19.370  -5.456  1.646   1.00 41.24 ? 78  GLU A OE1 1 
ATOM   538  O OE2 . GLU A 1 87  ? 20.400  -4.124  0.234   1.00 43.49 ? 78  GLU A OE2 1 
ATOM   539  N N   . ASP A 1 88  ? 16.338  -0.613  1.711   1.00 13.11 ? 79  ASP A N   1 
ATOM   540  C CA  . ASP A 1 88  ? 16.682  0.733   2.153   1.00 15.91 ? 79  ASP A CA  1 
ATOM   541  C C   . ASP A 1 88  ? 15.440  1.569   2.458   1.00 18.01 ? 79  ASP A C   1 
ATOM   542  O O   . ASP A 1 88  ? 15.539  2.764   2.731   1.00 19.25 ? 79  ASP A O   1 
ATOM   543  C CB  . ASP A 1 88  ? 17.591  1.434   1.140   1.00 19.71 ? 79  ASP A CB  1 
ATOM   544  C CG  . ASP A 1 88  ? 16.914  1.694   -0.191  1.00 21.52 ? 79  ASP A CG  1 
ATOM   545  O OD1 . ASP A 1 88  ? 15.774  1.227   -0.421  1.00 18.22 ? 79  ASP A OD1 1 
ATOM   546  O OD2 . ASP A 1 88  ? 17.538  2.369   -1.034  1.00 26.93 ? 79  ASP A OD2 1 
ATOM   547  N N   . GLY A 1 89  ? 14.274  0.936   2.405   1.00 12.39 ? 80  GLY A N   1 
ATOM   548  C CA  . GLY A 1 89  ? 13.037  1.596   2.785   1.00 11.10 ? 80  GLY A CA  1 
ATOM   549  C C   . GLY A 1 89  ? 12.256  2.207   1.636   1.00 11.42 ? 80  GLY A C   1 
ATOM   550  O O   . GLY A 1 89  ? 11.175  2.745   1.840   1.00 10.90 ? 80  GLY A O   1 
ATOM   551  N N   . ARG A 1 90  ? 12.790  2.127   0.423   1.00 10.92 ? 81  ARG A N   1 
ATOM   552  C CA  . ARG A 1 90  ? 12.085  2.682   -0.726  1.00 10.15 ? 81  ARG A CA  1 
ATOM   553  C C   . ARG A 1 90  ? 10.907  1.799   -1.115  1.00 9.64  ? 81  ARG A C   1 
ATOM   554  O O   . ARG A 1 90  ? 10.918  0.586   -0.885  1.00 8.47  ? 81  ARG A O   1 
ATOM   555  C CB  . ARG A 1 90  ? 13.024  2.827   -1.922  1.00 15.21 ? 81  ARG A CB  1 
ATOM   556  C CG  . ARG A 1 90  ? 14.130  3.867   -1.736  1.00 20.65 ? 81  ARG A CG  1 
ATOM   557  C CD  . ARG A 1 90  ? 14.801  4.155   -3.069  1.00 26.76 ? 81  ARG A CD  1 
ATOM   558  N NE  . ARG A 1 90  ? 14.771  2.974   -3.925  1.00 34.42 ? 81  ARG A NE  1 
ATOM   559  C CZ  . ARG A 1 90  ? 15.704  2.028   -3.924  1.00 32.95 ? 81  ARG A CZ  1 
ATOM   560  N NH1 . ARG A 1 90  ? 16.750  2.134   -3.122  1.00 38.34 ? 81  ARG A NH1 1 
ATOM   561  N NH2 . ARG A 1 90  ? 15.601  0.982   -4.731  1.00 31.33 ? 81  ARG A NH2 1 
ATOM   562  N N   . LEU A 1 91  ? 9.894   2.420   -1.709  1.00 9.50  ? 82  LEU A N   1 
ATOM   563  C CA  . LEU A 1 91  ? 8.765   1.691   -2.275  1.00 7.83  ? 82  LEU A CA  1 
ATOM   564  C C   . LEU A 1 91  ? 8.938   1.622   -3.784  1.00 11.32 ? 82  LEU A C   1 
ATOM   565  O O   . LEU A 1 91  ? 9.219   2.620   -4.437  1.00 13.49 ? 82  LEU A O   1 
ATOM   566  C CB  . LEU A 1 91  ? 7.451   2.396   -1.942  1.00 11.97 ? 82  LEU A CB  1 
ATOM   567  C CG  . LEU A 1 91  ? 6.425   1.808   -0.971  1.00 21.65 ? 82  LEU A CG  1 
ATOM   568  C CD1 . LEU A 1 91  ? 7.082   1.057   0.191   1.00 12.28 ? 82  LEU A CD1 1 
ATOM   569  C CD2 . LEU A 1 91  ? 5.472   2.889   -0.473  1.00 12.05 ? 82  LEU A CD2 1 
ATOM   570  N N   . LEU A 1 92  ? 8.787   0.435   -4.347  1.00 9.43  ? 83  LEU A N   1 
ATOM   571  C CA  . LEU A 1 92  ? 8.712   0.313   -5.793  1.00 10.88 ? 83  LEU A CA  1 
ATOM   572  C C   . LEU A 1 92  ? 7.674   -0.743  -6.105  1.00 10.46 ? 83  LEU A C   1 
ATOM   573  O O   . LEU A 1 92  ? 6.936   -1.166  -5.219  1.00 11.21 ? 83  LEU A O   1 
ATOM   574  C CB  . LEU A 1 92  ? 10.073  -0.005  -6.423  1.00 15.77 ? 83  LEU A CB  1 
ATOM   575  C CG  . LEU A 1 92  ? 11.012  -1.072  -5.866  1.00 20.78 ? 83  LEU A CG  1 
ATOM   576  C CD1 . LEU A 1 92  ? 10.538  -2.481  -6.207  1.00 23.73 ? 83  LEU A CD1 1 
ATOM   577  C CD2 . LEU A 1 92  ? 12.435  -0.829  -6.386  1.00 25.40 ? 83  LEU A CD2 1 
ATOM   578  N N   . ALA A 1 93  ? 7.580   -1.152  -7.357  1.00 9.76  ? 84  ALA A N   1 
ATOM   579  C CA  . ALA A 1 93  ? 6.631   -2.205  -7.676  1.00 10.47 ? 84  ALA A CA  1 
ATOM   580  C C   . ALA A 1 93  ? 7.263   -3.199  -8.638  1.00 9.86  ? 84  ALA A C   1 
ATOM   581  O O   . ALA A 1 93  ? 7.896   -2.806  -9.615  1.00 11.36 ? 84  ALA A O   1 
ATOM   582  C CB  . ALA A 1 93  ? 5.365   -1.621  -8.241  1.00 10.36 ? 84  ALA A CB  1 
ATOM   583  N N   . SER A 1 94  ? 7.097   -4.485  -8.334  1.00 8.49  ? 85  SER A N   1 
ATOM   584  C CA  . SER A 1 94  ? 7.748   -5.566  -9.079  1.00 9.01  ? 85  SER A CA  1 
ATOM   585  C C   . SER A 1 94  ? 6.795   -6.366  -9.956  1.00 10.02 ? 85  SER A C   1 
ATOM   586  O O   . SER A 1 94  ? 5.598   -6.425  -9.698  1.00 9.54  ? 85  SER A O   1 
ATOM   587  C CB  . SER A 1 94  ? 8.437   -6.517  -8.106  1.00 15.55 ? 85  SER A CB  1 
ATOM   588  O OG  . SER A 1 94  ? 7.546   -6.923  -7.101  1.00 23.45 ? 85  SER A OG  1 
ATOM   589  N N   . LYS A 1 95  ? 7.327   -7.009  -10.990 1.00 12.15 ? 86  LYS A N   1 
ATOM   590  C CA  . LYS A 1 95  ? 6.487   -7.832  -11.853 1.00 12.86 ? 86  LYS A CA  1 
ATOM   591  C C   . LYS A 1 95  ? 5.973   -9.091  -11.162 1.00 10.43 ? 86  LYS A C   1 
ATOM   592  O O   . LYS A 1 95  ? 4.921   -9.613  -11.521 1.00 13.52 ? 86  LYS A O   1 
ATOM   593  C CB  . LYS A 1 95  ? 7.234   -8.208  -13.129 1.00 15.74 ? 86  LYS A CB  1 
ATOM   594  C CG  . LYS A 1 95  ? 7.488   -7.030  -14.039 1.00 18.01 ? 86  LYS A CG  1 
ATOM   595  C CD  . LYS A 1 95  ? 8.185   -7.467  -15.313 1.00 23.26 ? 86  LYS A CD  1 
ATOM   596  C CE  . LYS A 1 95  ? 8.294   -6.316  -16.303 1.00 29.38 ? 86  LYS A CE  1 
ATOM   597  N NZ  . LYS A 1 95  ? 9.040   -6.709  -17.534 1.00 37.17 ? 86  LYS A NZ  1 
ATOM   598  N N   . SER A 1 96  ? 6.717   -9.574  -10.170 1.00 12.13 ? 87  SER A N   1 
ATOM   599  C CA  . SER A 1 96  ? 6.354   -10.801 -9.468  1.00 12.19 ? 87  SER A CA  1 
ATOM   600  C C   . SER A 1 96  ? 6.154   -10.540 -7.981  1.00 10.03 ? 87  SER A C   1 
ATOM   601  O O   . SER A 1 96  ? 6.638   -9.533  -7.455  1.00 9.59  ? 87  SER A O   1 
ATOM   602  C CB  . SER A 1 96  ? 7.438   -11.861 -9.668  1.00 16.85 ? 87  SER A CB  1 
ATOM   603  O OG  . SER A 1 96  ? 7.513   -12.249 -11.028 1.00 27.72 ? 87  SER A OG  1 
ATOM   604  N N   . VAL A 1 97  ? 5.462   -11.454 -7.302  1.00 10.23 ? 88  VAL A N   1 
ATOM   605  C CA  . VAL A 1 97  ? 5.236   -11.324 -5.865  1.00 7.59  ? 88  VAL A CA  1 
ATOM   606  C C   . VAL A 1 97  ? 6.438   -11.878 -5.099  1.00 7.66  ? 88  VAL A C   1 
ATOM   607  O O   . VAL A 1 97  ? 6.433   -13.012 -4.605  1.00 8.57  ? 88  VAL A O   1 
ATOM   608  C CB  . VAL A 1 97  ? 3.927   -12.013 -5.412  1.00 8.75  ? 88  VAL A CB  1 
ATOM   609  C CG1 . VAL A 1 97  ? 3.632   -11.716 -3.942  1.00 10.68 ? 88  VAL A CG1 1 
ATOM   610  C CG2 . VAL A 1 97  ? 2.773   -11.566 -6.304  1.00 12.01 ? 88  VAL A CG2 1 
ATOM   611  N N   . THR A 1 98  ? 7.483   -11.065 -5.018  1.00 7.09  ? 89  THR A N   1 
ATOM   612  C CA  . THR A 1 98  ? 8.693   -11.469 -4.307  1.00 6.27  ? 89  THR A CA  1 
ATOM   613  C C   . THR A 1 98  ? 8.483   -11.375 -2.805  1.00 7.86  ? 89  THR A C   1 
ATOM   614  O O   . THR A 1 98  ? 7.453   -10.873 -2.348  1.00 7.26  ? 89  THR A O   1 
ATOM   615  C CB  . THR A 1 98  ? 9.878   -10.571 -4.666  1.00 6.86  ? 89  THR A CB  1 
ATOM   616  O OG1 . THR A 1 98  ? 9.671   -9.272  -4.092  1.00 9.00  ? 89  THR A OG1 1 
ATOM   617  C CG2 . THR A 1 98  ? 10.031  -10.466 -6.177  1.00 7.74  ? 89  THR A CG2 1 
ATOM   618  N N   . ASP A 1 99  ? 9.469   -11.831 -2.031  1.00 8.69  ? 90  ASP A N   1 
ATOM   619  C CA  . ASP A 1 99  ? 9.350   -11.750 -0.578  1.00 8.50  ? 90  ASP A CA  1 
ATOM   620  C C   . ASP A 1 99  ? 9.246   -10.305 -0.068  1.00 8.29  ? 90  ASP A C   1 
ATOM   621  O O   . ASP A 1 99  ? 8.801   -10.076 1.051   1.00 11.05 ? 90  ASP A O   1 
ATOM   622  C CB  . ASP A 1 99  ? 10.444  -12.559 0.147   1.00 12.01 ? 90  ASP A CB  1 
ATOM   623  C CG  . ASP A 1 99  ? 11.847  -12.084 -0.156  1.00 11.59 ? 90  ASP A CG  1 
ATOM   624  O OD1 . ASP A 1 99  ? 12.033  -11.194 -1.004  1.00 13.12 ? 90  ASP A OD1 1 
ATOM   625  O OD2 . ASP A 1 99  ? 12.792  -12.628 0.466   1.00 16.00 ? 90  ASP A OD2 1 
ATOM   626  N N   . GLU A 1 100 ? 9.604   -9.336  -0.909  1.00 6.43  ? 91  GLU A N   1 
ATOM   627  C CA  . GLU A 1 100 ? 9.452   -7.924  -0.554  1.00 7.55  ? 91  GLU A CA  1 
ATOM   628  C C   . GLU A 1 100 ? 8.040   -7.396  -0.776  1.00 5.70  ? 91  GLU A C   1 
ATOM   629  O O   . GLU A 1 100 ? 7.764   -6.238  -0.455  1.00 6.58  ? 91  GLU A O   1 
ATOM   630  C CB  . GLU A 1 100 ? 10.452  -7.069  -1.336  1.00 7.85  ? 91  GLU A CB  1 
ATOM   631  C CG  . GLU A 1 100 ? 11.875  -7.423  -0.925  1.00 9.56  ? 91  GLU A CG  1 
ATOM   632  C CD  . GLU A 1 100 ? 12.927  -6.554  -1.563  1.00 16.37 ? 91  GLU A CD  1 
ATOM   633  O OE1 . GLU A 1 100 ? 12.809  -6.274  -2.769  1.00 17.33 ? 91  GLU A OE1 1 
ATOM   634  O OE2 . GLU A 1 100 ? 13.878  -6.164  -0.850  1.00 18.17 ? 91  GLU A OE2 1 
ATOM   635  N N   . CYS A 1 101 ? 7.149   -8.239  -1.292  1.00 6.08  ? 92  CYS A N   1 
ATOM   636  C CA  . CYS A 1 101 ? 5.803   -7.813  -1.673  1.00 5.38  ? 92  CYS A CA  1 
ATOM   637  C C   . CYS A 1 101 ? 4.726   -8.335  -0.732  1.00 6.12  ? 92  CYS A C   1 
ATOM   638  O O   . CYS A 1 101 ? 3.536   -8.237  -1.036  1.00 7.06  ? 92  CYS A O   1 
ATOM   639  C CB  . CYS A 1 101 ? 5.494   -8.257  -3.106  1.00 7.39  ? 92  CYS A CB  1 
ATOM   640  S SG  . CYS A 1 101 ? 6.612   -7.593  -4.356  1.00 8.83  ? 92  CYS A SG  1 
ATOM   641  N N   . PHE A 1 102 ? 5.142   -8.894  0.402   1.00 6.29  ? 93  PHE A N   1 
ATOM   642  C CA  . PHE A 1 102 ? 4.209   -9.403  1.405   1.00 6.17  ? 93  PHE A CA  1 
ATOM   643  C C   . PHE A 1 102 ? 4.095   -8.424  2.563   1.00 5.85  ? 93  PHE A C   1 
ATOM   644  O O   . PHE A 1 102 ? 5.119   -7.978  3.108   1.00 6.82  ? 93  PHE A O   1 
ATOM   645  C CB  . PHE A 1 102 ? 4.671   -10.766 1.941   1.00 6.99  ? 93  PHE A CB  1 
ATOM   646  C CG  . PHE A 1 102 ? 4.584   -11.889 0.936   1.00 7.66  ? 93  PHE A CG  1 
ATOM   647  C CD1 . PHE A 1 102 ? 5.518   -12.013 -0.085  1.00 9.74  ? 93  PHE A CD1 1 
ATOM   648  C CD2 . PHE A 1 102 ? 3.598   -12.849 1.054   1.00 11.23 ? 93  PHE A CD2 1 
ATOM   649  C CE1 . PHE A 1 102 ? 5.442   -13.060 -0.994  1.00 9.39  ? 93  PHE A CE1 1 
ATOM   650  C CE2 . PHE A 1 102 ? 3.522   -13.901 0.156   1.00 13.14 ? 93  PHE A CE2 1 
ATOM   651  C CZ  . PHE A 1 102 ? 4.433   -13.998 -0.872  1.00 9.28  ? 93  PHE A CZ  1 
ATOM   652  N N   . PHE A 1 103 ? 2.858   -8.103  2.942   1.00 5.43  ? 94  PHE A N   1 
ATOM   653  C CA  . PHE A 1 103 ? 2.600   -7.156  4.031   1.00 6.52  ? 94  PHE A CA  1 
ATOM   654  C C   . PHE A 1 103 ? 1.568   -7.669  5.030   1.00 6.14  ? 94  PHE A C   1 
ATOM   655  O O   . PHE A 1 103 ? 0.537   -8.207  4.647   1.00 7.40  ? 94  PHE A O   1 
ATOM   656  C CB  . PHE A 1 103 ? 2.109   -5.812  3.467   1.00 7.22  ? 94  PHE A CB  1 
ATOM   657  C CG  . PHE A 1 103 ? 3.087   -5.163  2.533   1.00 6.34  ? 94  PHE A CG  1 
ATOM   658  C CD1 . PHE A 1 103 ? 3.040   -5.415  1.167   1.00 7.09  ? 94  PHE A CD1 1 
ATOM   659  C CD2 . PHE A 1 103 ? 4.083   -4.330  3.023   1.00 6.70  ? 94  PHE A CD2 1 
ATOM   660  C CE1 . PHE A 1 103 ? 3.972   -4.831  0.306   1.00 6.60  ? 94  PHE A CE1 1 
ATOM   661  C CE2 . PHE A 1 103 ? 5.004   -3.747  2.168   1.00 6.22  ? 94  PHE A CE2 1 
ATOM   662  C CZ  . PHE A 1 103 ? 4.940   -4.002  0.811   1.00 6.85  ? 94  PHE A CZ  1 
ATOM   663  N N   . PHE A 1 104 ? 1.832   -7.466  6.315   1.00 7.08  ? 95  PHE A N   1 
ATOM   664  C CA  . PHE A 1 104 ? 0.813   -7.697  7.328   1.00 6.60  ? 95  PHE A CA  1 
ATOM   665  C C   . PHE A 1 104 ? -0.234  -6.604  7.237   1.00 6.82  ? 95  PHE A C   1 
ATOM   666  O O   . PHE A 1 104 ? 0.101   -5.415  7.321   1.00 7.26  ? 95  PHE A O   1 
ATOM   667  C CB  . PHE A 1 104 ? 1.436   -7.668  8.722   1.00 8.07  ? 95  PHE A CB  1 
ATOM   668  C CG  . PHE A 1 104 ? 2.476   -8.723  8.944   1.00 8.83  ? 95  PHE A CG  1 
ATOM   669  C CD1 . PHE A 1 104 ? 2.124   -10.063 8.965   1.00 11.52 ? 95  PHE A CD1 1 
ATOM   670  C CD2 . PHE A 1 104 ? 3.800   -8.377  9.158   1.00 8.33  ? 95  PHE A CD2 1 
ATOM   671  C CE1 . PHE A 1 104 ? 3.081   -11.044 9.169   1.00 9.89  ? 95  PHE A CE1 1 
ATOM   672  C CE2 . PHE A 1 104 ? 4.752   -9.351  9.375   1.00 10.97 ? 95  PHE A CE2 1 
ATOM   673  C CZ  . PHE A 1 104 ? 4.395   -10.679 9.377   1.00 10.50 ? 95  PHE A CZ  1 
ATOM   674  N N   . GLU A 1 105 ? -1.490  -6.997  7.039   1.00 5.39  ? 96  GLU A N   1 
ATOM   675  C CA  . GLU A 1 105 ? -2.591  -6.047  6.952   1.00 6.74  ? 96  GLU A CA  1 
ATOM   676  C C   . GLU A 1 105 ? -3.318  -6.028  8.288   1.00 7.27  ? 96  GLU A C   1 
ATOM   677  O O   . GLU A 1 105 ? -3.750  -7.072  8.784   1.00 9.21  ? 96  GLU A O   1 
ATOM   678  C CB  . GLU A 1 105 ? -3.555  -6.419  5.814   1.00 8.29  ? 96  GLU A CB  1 
ATOM   679  C CG  . GLU A 1 105 ? -4.758  -5.473  5.688   1.00 9.91  ? 96  GLU A CG  1 
ATOM   680  C CD  . GLU A 1 105 ? -5.685  -5.830  4.534   1.00 9.27  ? 96  GLU A CD  1 
ATOM   681  O OE1 . GLU A 1 105 ? -6.100  -4.914  3.801   1.00 11.14 ? 96  GLU A OE1 1 
ATOM   682  O OE2 . GLU A 1 105 ? -6.024  -7.018  4.373   1.00 11.32 ? 96  GLU A OE2 1 
ATOM   683  N N   . ARG A 1 106 ? -3.446  -4.845  8.876   1.00 7.13  ? 97  ARG A N   1 
ATOM   684  C CA  . ARG A 1 106 ? -4.066  -4.718  10.191  1.00 8.06  ? 97  ARG A CA  1 
ATOM   685  C C   . ARG A 1 106 ? -5.069  -3.578  10.223  1.00 9.35  ? 97  ARG A C   1 
ATOM   686  O O   . ARG A 1 106 ? -4.875  -2.545  9.576   1.00 10.12 ? 97  ARG A O   1 
ATOM   687  C CB  . ARG A 1 106 ? -2.992  -4.488  11.250  1.00 11.39 ? 97  ARG A CB  1 
ATOM   688  C CG  . ARG A 1 106 ? -3.485  -4.563  12.680  1.00 20.40 ? 97  ARG A CG  1 
ATOM   689  C CD  . ARG A 1 106 ? -2.305  -4.490  13.650  1.00 20.43 ? 97  ARG A CD  1 
ATOM   690  N NE  . ARG A 1 106 ? -2.709  -4.059  14.985  1.00 27.46 ? 97  ARG A NE  1 
ATOM   691  C CZ  . ARG A 1 106 ? -2.962  -2.796  15.305  1.00 29.20 ? 97  ARG A CZ  1 
ATOM   692  N NH1 . ARG A 1 106 ? -2.870  -1.850  14.380  1.00 28.82 ? 97  ARG A NH1 1 
ATOM   693  N NH2 . ARG A 1 106 ? -3.324  -2.475  16.540  1.00 34.72 ? 97  ARG A NH2 1 
ATOM   694  N N   . LEU A 1 107 ? -6.143  -3.768  10.978  1.00 9.89  ? 98  LEU A N   1 
ATOM   695  C CA  . LEU A 1 107 ? -7.154  -2.738  11.154  1.00 9.18  ? 98  LEU A CA  1 
ATOM   696  C C   . LEU A 1 107 ? -6.750  -1.841  12.319  1.00 10.47 ? 98  LEU A C   1 
ATOM   697  O O   . LEU A 1 107 ? -6.459  -2.337  13.409  1.00 13.29 ? 98  LEU A O   1 
ATOM   698  C CB  . LEU A 1 107 ? -8.500  -3.405  11.446  1.00 7.62  ? 98  LEU A CB  1 
ATOM   699  C CG  . LEU A 1 107 ? -9.742  -2.510  11.504  1.00 9.53  ? 98  LEU A CG  1 
ATOM   700  C CD1 . LEU A 1 107 ? -10.118 -1.998  10.132  1.00 12.27 ? 98  LEU A CD1 1 
ATOM   701  C CD2 . LEU A 1 107 ? -10.898 -3.295  12.115  1.00 12.89 ? 98  LEU A CD2 1 
ATOM   702  N N   . GLU A 1 108 ? -6.702  -0.530  12.095  1.00 8.91  ? 99  GLU A N   1 
ATOM   703  C CA  . GLU A 1 108 ? -6.414  0.402   13.186  1.00 10.43 ? 99  GLU A CA  1 
ATOM   704  C C   . GLU A 1 108 ? -7.670  1.064   13.764  1.00 14.32 ? 99  GLU A C   1 
ATOM   705  O O   . GLU A 1 108 ? -8.789  0.730   13.373  1.00 10.96 ? 99  GLU A O   1 
ATOM   706  C CB  . GLU A 1 108 ? -5.388  1.462   12.761  1.00 15.61 ? 99  GLU A CB  1 
ATOM   707  C CG  . GLU A 1 108 ? -3.980  1.253   13.341  1.00 16.55 ? 99  GLU A CG  1 
ATOM   708  C CD  . GLU A 1 108 ? -3.866  1.599   14.825  1.00 21.46 ? 99  GLU A CD  1 
ATOM   709  O OE1 . GLU A 1 108 ? -4.875  1.993   15.451  1.00 20.17 ? 99  GLU A OE1 1 
ATOM   710  O OE2 . GLU A 1 108 ? -2.747  1.476   15.370  1.00 17.97 ? 99  GLU A OE2 1 
ATOM   711  N N   . SER A 1 109 ? -7.453  2.003   14.686  1.00 15.12 ? 100 SER A N   1 
ATOM   712  C CA  . SER A 1 109 ? -8.492  2.607   15.529  1.00 20.41 ? 100 SER A CA  1 
ATOM   713  C C   . SER A 1 109 ? -9.692  3.273   14.850  1.00 17.74 ? 100 SER A C   1 
ATOM   714  O O   . SER A 1 109 ? -10.796 3.228   15.398  1.00 19.52 ? 100 SER A O   1 
ATOM   715  C CB  . SER A 1 109 ? -7.857  3.605   16.509  1.00 23.34 ? 100 SER A CB  1 
ATOM   716  O OG  . SER A 1 109 ? -7.168  2.932   17.541  1.00 30.70 ? 100 SER A OG  1 
ATOM   717  N N   . ASN A 1 110 ? -9.487  3.923   13.704  1.00 14.52 ? 101 ASN A N   1 
ATOM   718  C CA  . ASN A 1 110 ? -10.615 4.500   12.965  1.00 14.93 ? 101 ASN A CA  1 
ATOM   719  C C   . ASN A 1 110 ? -10.919 3.786   11.664  1.00 11.23 ? 101 ASN A C   1 
ATOM   720  O O   . ASN A 1 110 ? -11.337 4.393   10.681  1.00 13.04 ? 101 ASN A O   1 
ATOM   721  C CB  . ASN A 1 110 ? -10.422 5.991   12.699  1.00 21.97 ? 101 ASN A CB  1 
ATOM   722  C CG  . ASN A 1 110 ? -10.630 6.817   13.926  1.00 19.49 ? 101 ASN A CG  1 
ATOM   723  O OD1 . ASN A 1 110 ? -9.712  7.489   14.398  1.00 31.15 ? 101 ASN A OD1 1 
ATOM   724  N ND2 . ASN A 1 110 ? -11.843 6.771   14.467  1.00 18.64 ? 101 ASN A ND2 1 
ATOM   725  N N   . ASN A 1 111 ? -10.692 2.478   11.674  1.00 9.69  ? 102 ASN A N   1 
ATOM   726  C CA  . ASN A 1 111 ? -11.056 1.612   10.566  1.00 9.32  ? 102 ASN A CA  1 
ATOM   727  C C   . ASN A 1 111 ? -10.250 1.844   9.298   1.00 7.70  ? 102 ASN A C   1 
ATOM   728  O O   . ASN A 1 111 ? -10.627 1.364   8.234   1.00 9.14  ? 102 ASN A O   1 
ATOM   729  C CB  . ASN A 1 111 ? -12.563 1.657   10.274  1.00 10.68 ? 102 ASN A CB  1 
ATOM   730  C CG  . ASN A 1 111 ? -13.352 0.714   11.155  1.00 11.28 ? 102 ASN A CG  1 
ATOM   731  O OD1 . ASN A 1 111 ? -13.052 0.550   12.343  1.00 14.27 ? 102 ASN A OD1 1 
ATOM   732  N ND2 . ASN A 1 111 ? -14.363 0.078   10.576  1.00 8.54  ? 102 ASN A ND2 1 
ATOM   733  N N   . TYR A 1 112 ? -9.130  2.557   9.423   1.00 6.90  ? 103 TYR A N   1 
ATOM   734  C CA  . TYR A 1 112 ? -8.138  2.577   8.353   1.00 7.26  ? 103 TYR A CA  1 
ATOM   735  C C   . TYR A 1 112 ? -7.233  1.372   8.558   1.00 8.07  ? 103 TYR A C   1 
ATOM   736  O O   . TYR A 1 112 ? -7.133  0.846   9.667   1.00 8.90  ? 103 TYR A O   1 
ATOM   737  C CB  . TYR A 1 112 ? -7.311  3.863   8.392   1.00 7.62  ? 103 TYR A CB  1 
ATOM   738  C CG  . TYR A 1 112 ? -7.977  5.084   7.778   1.00 7.24  ? 103 TYR A CG  1 
ATOM   739  C CD1 . TYR A 1 112 ? -9.199  5.558   8.250   1.00 10.56 ? 103 TYR A CD1 1 
ATOM   740  C CD2 . TYR A 1 112 ? -7.370  5.776   6.741   1.00 6.24  ? 103 TYR A CD2 1 
ATOM   741  C CE1 . TYR A 1 112 ? -9.790  6.694   7.696   1.00 9.15  ? 103 TYR A CE1 1 
ATOM   742  C CE2 . TYR A 1 112 ? -7.954  6.898   6.183   1.00 8.14  ? 103 TYR A CE2 1 
ATOM   743  C CZ  . TYR A 1 112 ? -9.161  7.349   6.660   1.00 9.62  ? 103 TYR A CZ  1 
ATOM   744  O OH  . TYR A 1 112 ? -9.730  8.477   6.097   1.00 10.35 ? 103 TYR A OH  1 
ATOM   745  N N   . ASN A 1 113 ? -6.592  0.920   7.487   1.00 6.47  ? 104 ASN A N   1 
ATOM   746  C CA  . ASN A 1 113 ? -5.666  -0.204  7.570   1.00 6.75  ? 104 ASN A CA  1 
ATOM   747  C C   . ASN A 1 113 ? -4.209  0.221   7.543   1.00 7.21  ? 104 ASN A C   1 
ATOM   748  O O   . ASN A 1 113 ? -3.869  1.266   7.002   1.00 6.70  ? 104 ASN A O   1 
ATOM   749  C CB  . ASN A 1 113 ? -5.887  -1.176  6.407   1.00 6.24  ? 104 ASN A CB  1 
ATOM   750  C CG  . ASN A 1 113 ? -7.193  -1.926  6.493   1.00 11.54 ? 104 ASN A CG  1 
ATOM   751  O OD1 . ASN A 1 113 ? -7.902  -1.877  7.500   1.00 11.81 ? 104 ASN A OD1 1 
ATOM   752  N ND2 . ASN A 1 113 ? -7.514  -2.649  5.426   1.00 12.53 ? 104 ASN A ND2 1 
ATOM   753  N N   . THR A 1 114 ? -3.353  -0.615  8.119   1.00 5.41  ? 105 THR A N   1 
ATOM   754  C CA  . THR A 1 114 ? -1.908  -0.482  7.964   1.00 5.84  ? 105 THR A CA  1 
ATOM   755  C C   . THR A 1 114 ? -1.320  -1.696  7.259   1.00 6.88  ? 105 THR A C   1 
ATOM   756  O O   . THR A 1 114 ? -1.891  -2.798  7.298   1.00 6.28  ? 105 THR A O   1 
ATOM   757  C CB  . THR A 1 114 ? -1.202  -0.277  9.303   1.00 5.64  ? 105 THR A CB  1 
ATOM   758  O OG1 . THR A 1 114 ? -1.370  -1.448  10.109  1.00 7.99  ? 105 THR A OG1 1 
ATOM   759  C CG2 . THR A 1 114 ? -1.795  0.914   10.030  1.00 8.49  ? 105 THR A CG2 1 
ATOM   760  N N   . TYR A 1 115 ? -0.172  -1.481  6.620   1.00 6.08  ? 106 TYR A N   1 
ATOM   761  C CA  . TYR A 1 115 ? 0.536   -2.506  5.845   1.00 5.61  ? 106 TYR A CA  1 
ATOM   762  C C   . TYR A 1 115 ? 2.000   -2.510  6.244   1.00 5.57  ? 106 TYR A C   1 
ATOM   763  O O   . TYR A 1 115 ? 2.750   -1.593  5.903   1.00 7.52  ? 106 TYR A O   1 
ATOM   764  C CB  . TYR A 1 115 ? 0.370   -2.261  4.342   1.00 6.75  ? 106 TYR A CB  1 
ATOM   765  C CG  . TYR A 1 115 ? -1.081  -2.304  3.957   1.00 6.55  ? 106 TYR A CG  1 
ATOM   766  C CD1 . TYR A 1 115 ? -1.697  -3.512  3.681   1.00 5.87  ? 106 TYR A CD1 1 
ATOM   767  C CD2 . TYR A 1 115 ? -1.860  -1.152  3.961   1.00 7.46  ? 106 TYR A CD2 1 
ATOM   768  C CE1 . TYR A 1 115 ? -3.043  -3.580  3.382   1.00 7.56  ? 106 TYR A CE1 1 
ATOM   769  C CE2 . TYR A 1 115 ? -3.209  -1.207  3.656   1.00 8.32  ? 106 TYR A CE2 1 
ATOM   770  C CZ  . TYR A 1 115 ? -3.788  -2.427  3.374   1.00 7.70  ? 106 TYR A CZ  1 
ATOM   771  O OH  . TYR A 1 115 ? -5.127  -2.496  3.076   1.00 9.04  ? 106 TYR A OH  1 
ATOM   772  N N   . ARG A 1 116 ? 2.380   -3.526  7.011   1.00 5.95  ? 107 ARG A N   1 
ATOM   773  C CA  . ARG A 1 116 ? 3.719   -3.633  7.581   1.00 5.10  ? 107 ARG A CA  1 
ATOM   774  C C   . ARG A 1 116 ? 4.509   -4.698  6.822   1.00 5.54  ? 107 ARG A C   1 
ATOM   775  O O   . ARG A 1 116 ? 4.016   -5.805  6.590   1.00 7.55  ? 107 ARG A O   1 
ATOM   776  C CB  . ARG A 1 116 ? 3.611   -3.981  9.068   1.00 7.48  ? 107 ARG A CB  1 
ATOM   777  C CG  . ARG A 1 116 ? 4.944   -3.987  9.828   1.00 8.75  ? 107 ARG A CG  1 
ATOM   778  C CD  . ARG A 1 116 ? 4.721   -4.073  11.344  1.00 9.86  ? 107 ARG A CD  1 
ATOM   779  N NE  . ARG A 1 116 ? 3.942   -5.243  11.752  1.00 10.74 ? 107 ARG A NE  1 
ATOM   780  C CZ  . ARG A 1 116 ? 4.459   -6.430  12.059  1.00 11.27 ? 107 ARG A CZ  1 
ATOM   781  N NH1 . ARG A 1 116 ? 5.769   -6.633  11.998  1.00 14.45 ? 107 ARG A NH1 1 
ATOM   782  N NH2 . ARG A 1 116 ? 3.658   -7.424  12.430  1.00 12.99 ? 107 ARG A NH2 1 
ATOM   783  N N   . SER A 1 117 ? 5.724   -4.359  6.406   1.00 7.28  ? 108 SER A N   1 
ATOM   784  C CA  . SER A 1 117 ? 6.543   -5.303  5.647   1.00 6.91  ? 108 SER A CA  1 
ATOM   785  C C   . SER A 1 117 ? 6.794   -6.606  6.399   1.00 6.73  ? 108 SER A C   1 
ATOM   786  O O   . SER A 1 117 ? 7.185   -6.593  7.563   1.00 7.64  ? 108 SER A O   1 
ATOM   787  C CB  . SER A 1 117 ? 7.880   -4.658  5.266   1.00 8.04  ? 108 SER A CB  1 
ATOM   788  O OG  . SER A 1 117 ? 8.698   -5.585  4.568   1.00 8.65  ? 108 SER A OG  1 
ATOM   789  N N   . ARG A 1 118 ? 6.573   -7.731  5.723   1.00 7.85  ? 109 ARG A N   1 
ATOM   790  C CA  . ARG A 1 118 ? 6.855   -9.042  6.297   1.00 8.02  ? 109 ARG A CA  1 
ATOM   791  C C   . ARG A 1 118 ? 8.367   -9.273  6.344   1.00 9.94  ? 109 ARG A C   1 
ATOM   792  O O   . ARG A 1 118 ? 8.865   -10.090 7.132   1.00 10.53 ? 109 ARG A O   1 
ATOM   793  C CB  . ARG A 1 118 ? 6.165   -10.129 5.461   1.00 8.24  ? 109 ARG A CB  1 
ATOM   794  C CG  . ARG A 1 118 ? 6.231   -11.527 6.057   1.00 9.00  ? 109 ARG A CG  1 
ATOM   795  C CD  . ARG A 1 118 ? 5.575   -12.535 5.115   1.00 11.85 ? 109 ARG A CD  1 
ATOM   796  N NE  . ARG A 1 118 ? 5.653   -13.895 5.643   1.00 10.44 ? 109 ARG A NE  1 
ATOM   797  C CZ  . ARG A 1 118 ? 6.751   -14.642 5.609   1.00 10.78 ? 109 ARG A CZ  1 
ATOM   798  N NH1 . ARG A 1 118 ? 7.864   -14.166 5.072   1.00 10.92 ? 109 ARG A NH1 1 
ATOM   799  N NH2 . ARG A 1 118 ? 6.736   -15.864 6.117   1.00 13.06 ? 109 ARG A NH2 1 
ATOM   800  N N   . LYS A 1 119 ? 9.092   -8.549  5.499   1.00 8.38  ? 110 LYS A N   1 
ATOM   801  C CA  . LYS A 1 119 ? 10.538  -8.722  5.385   1.00 8.34  ? 110 LYS A CA  1 
ATOM   802  C C   . LYS A 1 119 ? 11.313  -7.744  6.265   1.00 11.07 ? 110 LYS A C   1 
ATOM   803  O O   . LYS A 1 119 ? 12.310  -8.106  6.900   1.00 11.33 ? 110 LYS A O   1 
ATOM   804  C CB  . LYS A 1 119 ? 10.976  -8.575  3.921   1.00 11.19 ? 110 LYS A CB  1 
ATOM   805  C CG  . LYS A 1 119 ? 12.409  -9.027  3.673   1.00 13.98 ? 110 LYS A CG  1 
ATOM   806  C CD  . LYS A 1 119 ? 12.763  -9.112  2.198   1.00 13.56 ? 110 LYS A CD  1 
ATOM   807  C CE  . LYS A 1 119 ? 14.181  -9.650  2.018   1.00 15.69 ? 110 LYS A CE  1 
ATOM   808  N NZ  . LYS A 1 119 ? 14.568  -9.784  0.582   1.00 26.88 ? 110 LYS A NZ  1 
ATOM   809  N N   . TYR A 1 120 ? 10.858  -6.497  6.294   1.00 9.41  ? 111 TYR A N   1 
ATOM   810  C CA  . TYR A 1 120 ? 11.489  -5.466  7.100   1.00 9.27  ? 111 TYR A CA  1 
ATOM   811  C C   . TYR A 1 120 ? 10.442  -5.056  8.118   1.00 9.59  ? 111 TYR A C   1 
ATOM   812  O O   . TYR A 1 120 ? 9.689   -4.103  7.916   1.00 9.65  ? 111 TYR A O   1 
ATOM   813  C CB  . TYR A 1 120 ? 11.959  -4.311  6.208   1.00 10.22 ? 111 TYR A CB  1 
ATOM   814  C CG  . TYR A 1 120 ? 12.739  -4.816  5.016   1.00 9.44  ? 111 TYR A CG  1 
ATOM   815  C CD1 . TYR A 1 120 ? 14.003  -5.360  5.183   1.00 11.47 ? 111 TYR A CD1 1 
ATOM   816  C CD2 . TYR A 1 120 ? 12.196  -4.790  3.735   1.00 8.82  ? 111 TYR A CD2 1 
ATOM   817  C CE1 . TYR A 1 120 ? 14.712  -5.849  4.110   1.00 12.46 ? 111 TYR A CE1 1 
ATOM   818  C CE2 . TYR A 1 120 ? 12.901  -5.280  2.651   1.00 10.58 ? 111 TYR A CE2 1 
ATOM   819  C CZ  . TYR A 1 120 ? 14.161  -5.810  2.847   1.00 12.33 ? 111 TYR A CZ  1 
ATOM   820  O OH  . TYR A 1 120 ? 14.882  -6.309  1.782   1.00 14.43 ? 111 TYR A OH  1 
ATOM   821  N N   . THR A 1 121 ? 10.402  -5.805  9.216   1.00 9.29  ? 112 THR A N   1 
ATOM   822  C CA  . THR A 1 121 ? 9.216   -5.888  10.061  1.00 9.75  ? 112 THR A CA  1 
ATOM   823  C C   . THR A 1 121 ? 8.898   -4.668  10.922  1.00 10.25 ? 112 THR A C   1 
ATOM   824  O O   . THR A 1 121 ? 7.860   -4.646  11.571  1.00 11.58 ? 112 THR A O   1 
ATOM   825  C CB  . THR A 1 121 ? 9.270   -7.134  10.959  1.00 10.14 ? 112 THR A CB  1 
ATOM   826  O OG1 . THR A 1 121 ? 10.524  -7.163  11.653  1.00 13.06 ? 112 THR A OG1 1 
ATOM   827  C CG2 . THR A 1 121 ? 9.153   -8.384  10.117  1.00 12.60 ? 112 THR A CG2 1 
ATOM   828  N N   . SER A 1 122 ? 9.782   -3.673  10.934  1.00 10.51 ? 113 SER A N   1 
ATOM   829  C CA  . SER A 1 122 ? 9.504   -2.423  11.637  1.00 10.15 ? 113 SER A CA  1 
ATOM   830  C C   . SER A 1 122 ? 9.005   -1.320  10.698  1.00 10.25 ? 113 SER A C   1 
ATOM   831  O O   . SER A 1 122 ? 8.719   -0.204  11.143  1.00 12.02 ? 113 SER A O   1 
ATOM   832  C CB  . SER A 1 122 ? 10.746  -1.925  12.384  1.00 11.71 ? 113 SER A CB  1 
ATOM   833  O OG  . SER A 1 122 ? 11.144  -2.831  13.394  1.00 17.14 ? 113 SER A OG  1 
ATOM   834  N N   . TRP A 1 123 ? 8.892   -1.628  9.407   1.00 9.44  ? 114 TRP A N   1 
ATOM   835  C CA  . TRP A 1 123 ? 8.611   -0.610  8.395   1.00 9.33  ? 114 TRP A CA  1 
ATOM   836  C C   . TRP A 1 123 ? 7.237   -0.770  7.751   1.00 6.88  ? 114 TRP A C   1 
ATOM   837  O O   . TRP A 1 123 ? 6.783   -1.892  7.505   1.00 8.52  ? 114 TRP A O   1 
ATOM   838  C CB  . TRP A 1 123 ? 9.688   -0.642  7.314   1.00 9.25  ? 114 TRP A CB  1 
ATOM   839  C CG  . TRP A 1 123 ? 11.077  -0.353  7.806   1.00 9.31  ? 114 TRP A CG  1 
ATOM   840  C CD1 . TRP A 1 123 ? 11.439  0.101   9.039   1.00 12.15 ? 114 TRP A CD1 1 
ATOM   841  C CD2 . TRP A 1 123 ? 12.285  -0.487  7.054   1.00 10.27 ? 114 TRP A CD2 1 
ATOM   842  N NE1 . TRP A 1 123 ? 12.810  0.246   9.107   1.00 14.42 ? 114 TRP A NE1 1 
ATOM   843  C CE2 . TRP A 1 123 ? 13.349  -0.110  7.900   1.00 13.76 ? 114 TRP A CE2 1 
ATOM   844  C CE3 . TRP A 1 123 ? 12.570  -0.904  5.751   1.00 11.94 ? 114 TRP A CE3 1 
ATOM   845  C CZ2 . TRP A 1 123 ? 14.680  -0.125  7.479   1.00 15.38 ? 114 TRP A CZ2 1 
ATOM   846  C CZ3 . TRP A 1 123 ? 13.896  -0.921  5.334   1.00 13.56 ? 114 TRP A CZ3 1 
ATOM   847  C CH2 . TRP A 1 123 ? 14.930  -0.527  6.195   1.00 13.50 ? 114 TRP A CH2 1 
ATOM   848  N N   . TYR A 1 124 ? 6.583   0.358   7.488   1.00 5.68  ? 115 TYR A N   1 
ATOM   849  C CA  . TYR A 1 124 ? 5.226   0.367   6.930   1.00 6.38  ? 115 TYR A CA  1 
ATOM   850  C C   . TYR A 1 124 ? 5.167   1.052   5.585   1.00 6.06  ? 115 TYR A C   1 
ATOM   851  O O   . TYR A 1 124 ? 5.943   1.966   5.310   1.00 6.99  ? 115 TYR A O   1 
ATOM   852  C CB  . TYR A 1 124 ? 4.293   1.155   7.847   1.00 6.94  ? 115 TYR A CB  1 
ATOM   853  C CG  . TYR A 1 124 ? 4.057   0.557   9.209   1.00 6.77  ? 115 TYR A CG  1 
ATOM   854  C CD1 . TYR A 1 124 ? 4.928   0.815   10.268  1.00 7.90  ? 115 TYR A CD1 1 
ATOM   855  C CD2 . TYR A 1 124 ? 2.953   -0.237  9.452   1.00 6.91  ? 115 TYR A CD2 1 
ATOM   856  C CE1 . TYR A 1 124 ? 4.702   0.267   11.523  1.00 8.99  ? 115 TYR A CE1 1 
ATOM   857  C CE2 . TYR A 1 124 ? 2.724   -0.783  10.703  1.00 9.12  ? 115 TYR A CE2 1 
ATOM   858  C CZ  . TYR A 1 124 ? 3.591   -0.525  11.728  1.00 10.03 ? 115 TYR A CZ  1 
ATOM   859  O OH  . TYR A 1 124 ? 3.347   -1.075  12.968  1.00 12.86 ? 115 TYR A OH  1 
ATOM   860  N N   . VAL A 1 125 ? 4.220   0.627   4.755   1.00 6.24  ? 116 VAL A N   1 
ATOM   861  C CA  . VAL A 1 125 ? 3.843   1.393   3.570   1.00 5.78  ? 116 VAL A CA  1 
ATOM   862  C C   . VAL A 1 125 ? 3.289   2.730   4.042   1.00 5.76  ? 116 VAL A C   1 
ATOM   863  O O   . VAL A 1 125 ? 2.467   2.763   4.966   1.00 6.47  ? 116 VAL A O   1 
ATOM   864  C CB  . VAL A 1 125 ? 2.746   0.655   2.787   1.00 4.54  ? 116 VAL A CB  1 
ATOM   865  C CG1 . VAL A 1 125 ? 2.260   1.498   1.601   1.00 5.90  ? 116 VAL A CG1 1 
ATOM   866  C CG2 . VAL A 1 125 ? 3.259   -0.721  2.348   1.00 6.76  ? 116 VAL A CG2 1 
ATOM   867  N N   . ALA A 1 126 ? 3.708   3.832   3.425   1.00 4.96  ? 117 ALA A N   1 
ATOM   868  C CA  . ALA A 1 126 ? 3.296   5.145   3.916   1.00 4.96  ? 117 ALA A CA  1 
ATOM   869  C C   . ALA A 1 126 ? 3.436   6.227   2.861   1.00 5.31  ? 117 ALA A C   1 
ATOM   870  O O   . ALA A 1 126 ? 4.337   6.160   2.020   1.00 6.94  ? 117 ALA A O   1 
ATOM   871  C CB  . ALA A 1 126 ? 4.124   5.517   5.134   1.00 7.44  ? 117 ALA A CB  1 
ATOM   872  N N   . LEU A 1 127 ? 2.549   7.222   2.926   1.00 5.09  ? 118 LEU A N   1 
ATOM   873  C CA  . LEU A 1 127 ? 2.642   8.412   2.071   1.00 5.36  ? 118 LEU A CA  1 
ATOM   874  C C   . LEU A 1 127 ? 2.809   9.652   2.924   1.00 6.72  ? 118 LEU A C   1 
ATOM   875  O O   . LEU A 1 127 ? 2.146   9.797   3.960   1.00 6.05  ? 118 LEU A O   1 
ATOM   876  C CB  . LEU A 1 127 ? 1.403   8.576   1.184   1.00 6.75  ? 118 LEU A CB  1 
ATOM   877  C CG  . LEU A 1 127 ? 1.211   7.519   0.103   1.00 7.09  ? 118 LEU A CG  1 
ATOM   878  C CD1 . LEU A 1 127 ? -0.063  7.794   -0.684  1.00 7.49  ? 118 LEU A CD1 1 
ATOM   879  C CD2 . LEU A 1 127 ? 2.400   7.476   -0.835  1.00 8.47  ? 118 LEU A CD2 1 
ATOM   880  N N   . LYS A 1 128 ? 3.703   10.538  2.489   1.00 7.52  ? 119 LYS A N   1 
ATOM   881  C CA  . LYS A 1 128 ? 3.888   11.839  3.123   1.00 7.86  ? 119 LYS A CA  1 
ATOM   882  C C   . LYS A 1 128 ? 2.815   12.822  2.664   1.00 7.83  ? 119 LYS A C   1 
ATOM   883  O O   . LYS A 1 128 ? 2.147   12.607  1.645   1.00 8.18  ? 119 LYS A O   1 
ATOM   884  C CB  . LYS A 1 128 ? 5.262   12.396  2.766   1.00 9.07  ? 119 LYS A CB  1 
ATOM   885  C CG  . LYS A 1 128 ? 6.382   11.486  3.201   1.00 8.63  ? 119 LYS A CG  1 
ATOM   886  C CD  . LYS A 1 128 ? 7.751   12.139  3.100   1.00 12.83 ? 119 LYS A CD  1 
ATOM   887  C CE  . LYS A 1 128 ? 8.200   12.326  1.682   1.00 15.68 ? 119 LYS A CE  1 
ATOM   888  N NZ  . LYS A 1 128 ? 9.561   12.954  1.667   1.00 23.42 ? 119 LYS A NZ  1 
ATOM   889  N N   . ARG A 1 129 ? 2.672   13.913  3.408   1.00 7.99  ? 120 ARG A N   1 
ATOM   890  C CA  . ARG A 1 129 ? 1.754   14.997  3.042   1.00 10.68 ? 120 ARG A CA  1 
ATOM   891  C C   . ARG A 1 129 ? 2.123   15.676  1.721   1.00 10.17 ? 120 ARG A C   1 
ATOM   892  O O   . ARG A 1 129 ? 1.317   16.420  1.154   1.00 10.72 ? 120 ARG A O   1 
ATOM   893  C CB  . ARG A 1 129 ? 1.697   16.050  4.159   1.00 11.77 ? 120 ARG A CB  1 
ATOM   894  C CG  . ARG A 1 129 ? 0.993   15.584  5.427   1.00 15.34 ? 120 ARG A CG  1 
ATOM   895  C CD  . ARG A 1 129 ? -0.517  15.723  5.308   1.00 19.97 ? 120 ARG A CD  1 
ATOM   896  N NE  . ARG A 1 129 ? -0.908  17.127  5.212   1.00 23.29 ? 120 ARG A NE  1 
ATOM   897  C CZ  . ARG A 1 129 ? -1.092  17.927  6.259   1.00 28.43 ? 120 ARG A CZ  1 
ATOM   898  N NH1 . ARG A 1 129 ? -0.922  17.465  7.491   1.00 26.60 ? 120 ARG A NH1 1 
ATOM   899  N NH2 . ARG A 1 129 ? -1.443  19.193  6.076   1.00 31.34 ? 120 ARG A NH2 1 
ATOM   900  N N   . THR A 1 130 ? 3.334   15.418  1.237   1.00 8.41  ? 121 THR A N   1 
ATOM   901  C CA  . THR A 1 130 ? 3.788   15.962  -0.041  1.00 9.45  ? 121 THR A CA  1 
ATOM   902  C C   . THR A 1 130 ? 3.266   15.142  -1.213  1.00 9.61  ? 121 THR A C   1 
ATOM   903  O O   . THR A 1 130 ? 3.339   15.589  -2.356  1.00 11.89 ? 121 THR A O   1 
ATOM   904  C CB  . THR A 1 130 ? 5.314   15.964  -0.142  1.00 11.68 ? 121 THR A CB  1 
ATOM   905  O OG1 . THR A 1 130 ? 5.784   14.612  -0.061  1.00 11.43 ? 121 THR A OG1 1 
ATOM   906  C CG2 . THR A 1 130 ? 5.941   16.791  0.973   1.00 12.92 ? 121 THR A CG2 1 
ATOM   907  N N   . GLY A 1 131 ? 2.767   13.938  -0.938  1.00 8.54  ? 122 GLY A N   1 
ATOM   908  C CA  . GLY A 1 131 ? 2.280   13.062  -1.988  1.00 11.17 ? 122 GLY A CA  1 
ATOM   909  C C   . GLY A 1 131 ? 3.293   12.025  -2.437  1.00 10.13 ? 122 GLY A C   1 
ATOM   910  O O   . GLY A 1 131 ? 2.980   11.157  -3.255  1.00 12.37 ? 122 GLY A O   1 
ATOM   911  N N   . GLN A 1 132 ? 4.511   12.103  -1.916  1.00 10.08 ? 123 GLN A N   1 
ATOM   912  C CA  . GLN A 1 132 ? 5.525   11.096  -2.209  1.00 10.24 ? 123 GLN A CA  1 
ATOM   913  C C   . GLN A 1 132 ? 5.536   10.053  -1.106  1.00 8.61  ? 123 GLN A C   1 
ATOM   914  O O   . GLN A 1 132 ? 5.111   10.337  0.012   1.00 9.44  ? 123 GLN A O   1 
ATOM   915  C CB  . GLN A 1 132 ? 6.903   11.753  -2.296  1.00 12.40 ? 123 GLN A CB  1 
ATOM   916  C CG  . GLN A 1 132 ? 6.979   12.893  -3.302  1.00 16.66 ? 123 GLN A CG  1 
ATOM   917  C CD  . GLN A 1 132 ? 7.129   12.417  -4.728  1.00 30.15 ? 123 GLN A CD  1 
ATOM   918  O OE1 . GLN A 1 132 ? 6.350   11.594  -5.209  1.00 31.02 ? 123 GLN A OE1 1 
ATOM   919  N NE2 . GLN A 1 132 ? 8.141   12.934  -5.419  1.00 37.22 ? 123 GLN A NE2 1 
ATOM   920  N N   . TYR A 1 133 ? 6.045   8.858   -1.393  1.00 7.73  ? 124 TYR A N   1 
ATOM   921  C CA  . TYR A 1 133 ? 6.111   7.840   -0.342  1.00 8.21  ? 124 TYR A CA  1 
ATOM   922  C C   . TYR A 1 133 ? 7.052   8.277   0.786   1.00 8.79  ? 124 TYR A C   1 
ATOM   923  O O   . TYR A 1 133 ? 8.005   9.044   0.564   1.00 9.26  ? 124 TYR A O   1 
ATOM   924  C CB  . TYR A 1 133 ? 6.456   6.433   -0.890  1.00 8.06  ? 124 TYR A CB  1 
ATOM   925  C CG  . TYR A 1 133 ? 7.878   6.255   -1.379  1.00 10.10 ? 124 TYR A CG  1 
ATOM   926  C CD1 . TYR A 1 133 ? 8.932   6.099   -0.486  1.00 11.89 ? 124 TYR A CD1 1 
ATOM   927  C CD2 . TYR A 1 133 ? 8.160   6.218   -2.734  1.00 13.41 ? 124 TYR A CD2 1 
ATOM   928  C CE1 . TYR A 1 133 ? 10.227  5.948   -0.929  1.00 13.71 ? 124 TYR A CE1 1 
ATOM   929  C CE2 . TYR A 1 133 ? 9.448   6.059   -3.188  1.00 15.20 ? 124 TYR A CE2 1 
ATOM   930  C CZ  . TYR A 1 133 ? 10.475  5.922   -2.284  1.00 16.69 ? 124 TYR A CZ  1 
ATOM   931  O OH  . TYR A 1 133 ? 11.762  5.766   -2.739  1.00 24.21 ? 124 TYR A OH  1 
ATOM   932  N N   . LYS A 1 134 ? 6.770   7.806   1.999   1.00 7.83  ? 125 LYS A N   1 
ATOM   933  C CA  . LYS A 1 134 ? 7.663   8.026   3.132   1.00 8.14  ? 125 LYS A CA  1 
ATOM   934  C C   . LYS A 1 134 ? 8.595   6.829   3.257   1.00 6.85  ? 125 LYS A C   1 
ATOM   935  O O   . LYS A 1 134 ? 8.148   5.690   3.252   1.00 7.42  ? 125 LYS A O   1 
ATOM   936  C CB  . LYS A 1 134 ? 6.845   8.200   4.417   1.00 7.24  ? 125 LYS A CB  1 
ATOM   937  C CG  . LYS A 1 134 ? 7.606   8.823   5.590   1.00 7.06  ? 125 LYS A CG  1 
ATOM   938  C CD  . LYS A 1 134 ? 6.631   9.201   6.699   1.00 7.14  ? 125 LYS A CD  1 
ATOM   939  C CE  . LYS A 1 134 ? 7.301   10.083  7.739   1.00 8.60  ? 125 LYS A CE  1 
ATOM   940  N NZ  . LYS A 1 134 ? 6.287   10.546  8.722   1.00 7.42  ? 125 LYS A NZ  1 
ATOM   941  N N   . LEU A 1 135 ? 9.898   7.083   3.344   1.00 8.03  ? 126 LEU A N   1 
ATOM   942  C CA  . LEU A 1 135 ? 10.875  6.004   3.481   1.00 8.40  ? 126 LEU A CA  1 
ATOM   943  C C   . LEU A 1 135 ? 10.470  5.080   4.627   1.00 9.01  ? 126 LEU A C   1 
ATOM   944  O O   . LEU A 1 135 ? 10.077  5.543   5.701   1.00 8.71  ? 126 LEU A O   1 
ATOM   945  C CB  . LEU A 1 135 ? 12.261  6.597   3.745   1.00 11.89 ? 126 LEU A CB  1 
ATOM   946  C CG  . LEU A 1 135 ? 13.487  5.742   3.444   1.00 14.70 ? 126 LEU A CG  1 
ATOM   947  C CD1 . LEU A 1 135 ? 13.634  5.548   1.930   1.00 11.57 ? 126 LEU A CD1 1 
ATOM   948  C CD2 . LEU A 1 135 ? 14.744  6.394   4.022   1.00 17.96 ? 126 LEU A CD2 1 
ATOM   949  N N   . GLY A 1 136 ? 10.538  3.773   4.389   1.00 9.81  ? 127 GLY A N   1 
ATOM   950  C CA  . GLY A 1 136 ? 10.116  2.788   5.370   1.00 10.12 ? 127 GLY A CA  1 
ATOM   951  C C   . GLY A 1 136 ? 10.720  2.999   6.744   1.00 8.00  ? 127 GLY A C   1 
ATOM   952  O O   . GLY A 1 136 ? 10.034  2.877   7.759   1.00 8.68  ? 127 GLY A O   1 
ATOM   953  N N   . SER A 1 137 ? 12.004  3.335   6.781   1.00 9.87  ? 128 SER A N   1 
ATOM   954  C CA  . SER A 1 137 ? 12.714  3.496   8.048   1.00 10.38 ? 128 SER A CA  1 
ATOM   955  C C   . SER A 1 137 ? 12.261  4.720   8.845   1.00 10.82 ? 128 SER A C   1 
ATOM   956  O O   . SER A 1 137 ? 12.571  4.833   10.036  1.00 12.20 ? 128 SER A O   1 
ATOM   957  C CB  . SER A 1 137 ? 14.222  3.560   7.802   1.00 14.00 ? 128 SER A CB  1 
ATOM   958  O OG  . SER A 1 137 ? 14.523  4.547   6.844   1.00 15.14 ? 128 SER A OG  1 
ATOM   959  N N   . LYS A 1 138 ? 11.539  5.629   8.192   1.00 8.34  ? 129 LYS A N   1 
ATOM   960  C CA  . LYS A 1 138 ? 11.014  6.822   8.856   1.00 8.72  ? 129 LYS A CA  1 
ATOM   961  C C   . LYS A 1 138 ? 9.561   6.661   9.286   1.00 10.52 ? 129 LYS A C   1 
ATOM   962  O O   . LYS A 1 138 ? 8.936   7.626   9.735   1.00 12.50 ? 129 LYS A O   1 
ATOM   963  C CB  . LYS A 1 138 ? 11.127  8.051   7.944   1.00 9.22  ? 129 LYS A CB  1 
ATOM   964  C CG  . LYS A 1 138 ? 12.550  8.447   7.570   1.00 9.27  ? 129 LYS A CG  1 
ATOM   965  C CD  . LYS A 1 138 ? 12.574  9.772   6.804   1.00 12.08 ? 129 LYS A CD  1 
ATOM   966  C CE  . LYS A 1 138 ? 13.974  10.122  6.351   1.00 21.15 ? 129 LYS A CE  1 
ATOM   967  N NZ  . LYS A 1 138 ? 14.011  11.468  5.711   1.00 20.95 ? 129 LYS A NZ  1 
ATOM   968  N N   . THR A 1 139 ? 9.012   5.459   9.135   1.00 8.20  ? 130 THR A N   1 
ATOM   969  C CA  . THR A 1 139 ? 7.632   5.214   9.546   1.00 10.18 ? 130 THR A CA  1 
ATOM   970  C C   . THR A 1 139 ? 7.556   4.703   10.978  1.00 9.38  ? 130 THR A C   1 
ATOM   971  O O   . THR A 1 139 ? 8.576   4.395   11.594  1.00 10.86 ? 130 THR A O   1 
ATOM   972  C CB  . THR A 1 139 ? 6.898   4.237   8.596   1.00 8.94  ? 130 THR A CB  1 
ATOM   973  O OG1 . THR A 1 139 ? 7.497   2.934   8.668   1.00 8.17  ? 130 THR A OG1 1 
ATOM   974  C CG2 . THR A 1 139 ? 6.956   4.764   7.165   1.00 8.55  ? 130 THR A CG2 1 
ATOM   975  N N   . GLY A 1 140 ? 6.342   4.622   11.504  1.00 8.55  ? 131 GLY A N   1 
ATOM   976  C CA  . GLY A 1 140 ? 6.118   4.138   12.853  1.00 11.07 ? 131 GLY A CA  1 
ATOM   977  C C   . GLY A 1 140 ? 4.645   3.861   13.062  1.00 8.92  ? 131 GLY A C   1 
ATOM   978  O O   . GLY A 1 140 ? 3.807   4.360   12.313  1.00 8.51  ? 131 GLY A O   1 
ATOM   979  N N   . PRO A 1 141 ? 4.310   3.080   14.099  1.00 8.89  ? 132 PRO A N   1 
ATOM   980  C CA  . PRO A 1 141 ? 2.937   2.582   14.268  1.00 9.11  ? 132 PRO A CA  1 
ATOM   981  C C   . PRO A 1 141 ? 1.894   3.657   14.571  1.00 7.16  ? 132 PRO A C   1 
ATOM   982  O O   . PRO A 1 141 ? 0.699   3.416   14.336  1.00 9.10  ? 132 PRO A O   1 
ATOM   983  C CB  . PRO A 1 141 ? 3.057   1.634   15.468  1.00 9.78  ? 132 PRO A CB  1 
ATOM   984  C CG  . PRO A 1 141 ? 4.282   2.095   16.191  1.00 12.28 ? 132 PRO A CG  1 
ATOM   985  C CD  . PRO A 1 141 ? 5.223   2.527   15.113  1.00 11.91 ? 132 PRO A CD  1 
ATOM   986  N N   . GLY A 1 142 ? 2.321   4.815   15.064  1.00 8.24  ? 133 GLY A N   1 
ATOM   987  C CA  . GLY A 1 142 ? 1.397   5.874   15.422  1.00 8.61  ? 133 GLY A CA  1 
ATOM   988  C C   . GLY A 1 142 ? 1.328   7.030   14.440  1.00 9.53  ? 133 GLY A C   1 
ATOM   989  O O   . GLY A 1 142 ? 0.731   8.067   14.730  1.00 10.40 ? 133 GLY A O   1 
ATOM   990  N N   . GLN A 1 143 ? 1.934   6.860   13.269  1.00 6.82  ? 134 GLN A N   1 
ATOM   991  C CA  . GLN A 1 143 ? 1.918   7.917   12.264  1.00 8.46  ? 134 GLN A CA  1 
ATOM   992  C C   . GLN A 1 143 ? 0.652   7.922   11.405  1.00 8.12  ? 134 GLN A C   1 
ATOM   993  O O   . GLN A 1 143 ? 0.074   6.871   11.098  1.00 8.15  ? 134 GLN A O   1 
ATOM   994  C CB  . GLN A 1 143 ? 3.150   7.813   11.356  1.00 6.83  ? 134 GLN A CB  1 
ATOM   995  C CG  . GLN A 1 143 ? 4.477   8.059   12.067  1.00 5.96  ? 134 GLN A CG  1 
ATOM   996  C CD  . GLN A 1 143 ? 5.661   8.043   11.122  1.00 6.82  ? 134 GLN A CD  1 
ATOM   997  O OE1 . GLN A 1 143 ? 5.498   8.066   9.897   1.00 9.08  ? 134 GLN A OE1 1 
ATOM   998  N NE2 . GLN A 1 143 ? 6.862   7.999   11.687  1.00 9.33  ? 134 GLN A NE2 1 
ATOM   999  N N   . LYS A 1 144 ? 0.241   9.110   10.986  1.00 6.86  ? 135 LYS A N   1 
ATOM   1000 C CA  . LYS A 1 144 ? -0.890  9.240   10.076  1.00 6.95  ? 135 LYS A CA  1 
ATOM   1001 C C   . LYS A 1 144 ? -0.514  8.702   8.686   1.00 7.13  ? 135 LYS A C   1 
ATOM   1002 O O   . LYS A 1 144 ? -1.370  8.213   7.939   1.00 7.21  ? 135 LYS A O   1 
ATOM   1003 C CB  . LYS A 1 144 ? -1.336  10.708  10.006  1.00 9.86  ? 135 LYS A CB  1 
ATOM   1004 C CG  . LYS A 1 144 ? -2.683  10.940  9.350   1.00 12.50 ? 135 LYS A CG  1 
ATOM   1005 C CD  . LYS A 1 144 ? -3.110  12.408  9.410   1.00 17.46 ? 135 LYS A CD  1 
ATOM   1006 C CE  . LYS A 1 144 ? -3.613  12.787  10.794  1.00 21.49 ? 135 LYS A CE  1 
ATOM   1007 N NZ  . LYS A 1 144 ? -4.121  14.189  10.847  1.00 27.58 ? 135 LYS A NZ  1 
ATOM   1008 N N   . ALA A 1 145 ? 0.777   8.762   8.363   1.00 6.19  ? 136 ALA A N   1 
ATOM   1009 C CA  . ALA A 1 145 ? 1.270   8.387   7.037   1.00 5.35  ? 136 ALA A CA  1 
ATOM   1010 C C   . ALA A 1 145 ? 1.012   6.931   6.660   1.00 6.94  ? 136 ALA A C   1 
ATOM   1011 O O   . ALA A 1 145 ? 0.979   6.590   5.473   1.00 5.98  ? 136 ALA A O   1 
ATOM   1012 C CB  . ALA A 1 145 ? 2.759   8.705   6.922   1.00 7.42  ? 136 ALA A CB  1 
ATOM   1013 N N   . ILE A 1 146 ? 0.840   6.080   7.668   1.00 6.57  ? 137 ILE A N   1 
ATOM   1014 C CA  . ILE A 1 146 ? 0.703   4.639   7.437   1.00 5.51  ? 137 ILE A CA  1 
ATOM   1015 C C   . ILE A 1 146 ? -0.746  4.160   7.340   1.00 5.59  ? 137 ILE A C   1 
ATOM   1016 O O   . ILE A 1 146 ? -0.997  2.956   7.182   1.00 6.30  ? 137 ILE A O   1 
ATOM   1017 C CB  . ILE A 1 146 ? 1.421   3.806   8.535   1.00 5.44  ? 137 ILE A CB  1 
ATOM   1018 C CG1 . ILE A 1 146 ? 0.658   3.855   9.865   1.00 5.54  ? 137 ILE A CG1 1 
ATOM   1019 C CG2 . ILE A 1 146 ? 2.877   4.269   8.699   1.00 6.46  ? 137 ILE A CG2 1 
ATOM   1020 C CD1 . ILE A 1 146 ? 1.152   2.848   10.876  1.00 7.66  ? 137 ILE A CD1 1 
ATOM   1021 N N   . LEU A 1 147 ? -1.692  5.086   7.463   1.00 5.46  ? 138 LEU A N   1 
ATOM   1022 C CA  . LEU A 1 147 ? -3.116  4.725   7.543   1.00 5.37  ? 138 LEU A CA  1 
ATOM   1023 C C   . LEU A 1 147 ? -3.788  4.851   6.178   1.00 5.80  ? 138 LEU A C   1 
ATOM   1024 O O   . LEU A 1 147 ? -3.765  5.926   5.566   1.00 5.87  ? 138 LEU A O   1 
ATOM   1025 C CB  . LEU A 1 147 ? -3.831  5.638   8.545   1.00 6.60  ? 138 LEU A CB  1 
ATOM   1026 C CG  . LEU A 1 147 ? -3.335  5.538   9.989   1.00 5.84  ? 138 LEU A CG  1 
ATOM   1027 C CD1 . LEU A 1 147 ? -3.952  6.648   10.832  1.00 7.19  ? 138 LEU A CD1 1 
ATOM   1028 C CD2 . LEU A 1 147 ? -3.677  4.174   10.566  1.00 8.86  ? 138 LEU A CD2 1 
ATOM   1029 N N   . PHE A 1 148 ? -4.393  3.763   5.704   1.00 5.77  ? 139 PHE A N   1 
ATOM   1030 C CA  . PHE A 1 148 ? -5.069  3.739   4.400   1.00 5.75  ? 139 PHE A CA  1 
ATOM   1031 C C   . PHE A 1 148 ? -6.475  3.146   4.503   1.00 5.80  ? 139 PHE A C   1 
ATOM   1032 O O   . PHE A 1 148 ? -6.657  2.030   5.002   1.00 6.92  ? 139 PHE A O   1 
ATOM   1033 C CB  . PHE A 1 148 ? -4.285  2.908   3.376   1.00 7.01  ? 139 PHE A CB  1 
ATOM   1034 C CG  . PHE A 1 148 ? -2.920  3.442   3.061   1.00 5.52  ? 139 PHE A CG  1 
ATOM   1035 C CD1 . PHE A 1 148 ? -1.840  3.140   3.869   1.00 6.23  ? 139 PHE A CD1 1 
ATOM   1036 C CD2 . PHE A 1 148 ? -2.717  4.246   1.948   1.00 6.55  ? 139 PHE A CD2 1 
ATOM   1037 C CE1 . PHE A 1 148 ? -0.571  3.630   3.578   1.00 6.07  ? 139 PHE A CE1 1 
ATOM   1038 C CE2 . PHE A 1 148 ? -1.459  4.732   1.643   1.00 5.61  ? 139 PHE A CE2 1 
ATOM   1039 C CZ  . PHE A 1 148 ? -0.374  4.435   2.468   1.00 5.86  ? 139 PHE A CZ  1 
ATOM   1040 N N   . LEU A 1 149 ? -7.462  3.876   3.989   1.00 5.83  ? 140 LEU A N   1 
ATOM   1041 C CA  . LEU A 1 149 ? -8.835  3.381   3.930   1.00 6.06  ? 140 LEU A CA  1 
ATOM   1042 C C   . LEU A 1 149 ? -9.074  2.758   2.560   1.00 6.84  ? 140 LEU A C   1 
ATOM   1043 O O   . LEU A 1 149 ? -8.967  3.429   1.539   1.00 8.34  ? 140 LEU A O   1 
ATOM   1044 C CB  . LEU A 1 149 ? -9.815  4.532   4.170   1.00 6.55  ? 140 LEU A CB  1 
ATOM   1045 C CG  . LEU A 1 149 ? -11.301 4.179   4.201   1.00 7.32  ? 140 LEU A CG  1 
ATOM   1046 C CD1 . LEU A 1 149 ? -11.595 3.368   5.437   1.00 7.89  ? 140 LEU A CD1 1 
ATOM   1047 C CD2 . LEU A 1 149 ? -12.171 5.425   4.164   1.00 9.12  ? 140 LEU A CD2 1 
ATOM   1048 N N   . PRO A 1 150 ? -9.390  1.460   2.524   1.00 8.06  ? 141 PRO A N   1 
ATOM   1049 C CA  . PRO A 1 150 ? -9.704  0.870   1.221   1.00 7.98  ? 141 PRO A CA  1 
ATOM   1050 C C   . PRO A 1 150 ? -11.075 1.357   0.768   1.00 9.05  ? 141 PRO A C   1 
ATOM   1051 O O   . PRO A 1 150 ? -12.039 1.259   1.518   1.00 16.60 ? 141 PRO A O   1 
ATOM   1052 C CB  . PRO A 1 150 ? -9.734  -0.640  1.509   1.00 9.54  ? 141 PRO A CB  1 
ATOM   1053 C CG  . PRO A 1 150 ? -9.022  -0.812  2.821   1.00 12.09 ? 141 PRO A CG  1 
ATOM   1054 C CD  . PRO A 1 150 ? -9.330  0.454   3.593   1.00 7.74  ? 141 PRO A CD  1 
ATOM   1055 N N   . MET A 1 151 ? -11.157 1.925   -0.422  1.00 9.35  ? 142 MET A N   1 
ATOM   1056 C CA  . MET A 1 151 ? -12.428 2.421   -0.913  1.00 10.21 ? 142 MET A CA  1 
ATOM   1057 C C   . MET A 1 151 ? -12.758 1.734   -2.228  1.00 12.42 ? 142 MET A C   1 
ATOM   1058 O O   . MET A 1 151 ? -11.861 1.317   -2.958  1.00 13.42 ? 142 MET A O   1 
ATOM   1059 C CB  . MET A 1 151 ? -12.348 3.934   -1.112  1.00 11.68 ? 142 MET A CB  1 
ATOM   1060 C CG  . MET A 1 151 ? -11.939 4.701   0.139   1.00 9.68  ? 142 MET A CG  1 
ATOM   1061 S SD  . MET A 1 151 ? -11.976 6.483   -0.112  1.00 14.36 ? 142 MET A SD  1 
ATOM   1062 C CE  . MET A 1 151 ? -13.725 6.709   -0.345  1.00 15.11 ? 142 MET A CE  1 
ATOM   1063 N N   . SER A 1 152 ? -14.043 1.608   -2.543  1.00 12.23 ? 143 SER A N   1 
ATOM   1064 C CA  . SER A 1 152 ? -14.436 0.937   -3.778  1.00 16.53 ? 143 SER A CA  1 
ATOM   1065 C C   . SER A 1 152 ? -14.196 1.826   -4.990  1.00 23.26 ? 143 SER A C   1 
ATOM   1066 O O   . SER A 1 152 ? -13.674 2.931   -4.859  1.00 19.48 ? 143 SER A O   1 
ATOM   1067 C CB  . SER A 1 152 ? -15.902 0.520   -3.725  1.00 21.46 ? 143 SER A CB  1 
ATOM   1068 O OG  . SER A 1 152 ? -16.214 -0.314  -4.826  1.00 25.45 ? 143 SER A OG  1 
HETATM 1069 S S   . IDY B 2 .   ? 3.043   11.506  10.522  1.00 8.59  ? 1   IDY B S   1 
HETATM 1070 C C1  . IDY B 2 .   ? 1.109   14.054  11.550  1.00 12.04 ? 1   IDY B C1  1 
HETATM 1071 O O1  . IDY B 2 .   ? -0.286  14.341  11.557  1.00 13.15 ? 1   IDY B O1  1 
HETATM 1072 C C2  . IDY B 2 .   ? 1.573   13.596  10.172  1.00 10.43 ? 1   IDY B C2  1 
HETATM 1073 O O2  . IDY B 2 .   ? 2.875   13.016  10.302  1.00 8.67  ? 1   IDY B O2  1 
HETATM 1074 C C3  . IDY B 2 .   ? 1.635   14.722  9.144   1.00 10.78 ? 1   IDY B C3  1 
HETATM 1075 O O3  . IDY B 2 .   ? 0.303   15.019  8.701   1.00 11.86 ? 1   IDY B O3  1 
HETATM 1076 C C4  . IDY B 2 .   ? 2.303   15.981  9.692   1.00 9.38  ? 1   IDY B C4  1 
HETATM 1077 O O4  . IDY B 2 .   ? 3.719   15.746  9.740   1.00 9.24  ? 1   IDY B O4  1 
HETATM 1078 C C5  . IDY B 2 .   ? 1.766   16.316  11.081  1.00 8.86  ? 1   IDY B C5  1 
HETATM 1079 O O5  . IDY B 2 .   ? 1.866   15.194  11.954  1.00 10.45 ? 1   IDY B O5  1 
HETATM 1080 C C6  . IDY B 2 .   ? 2.590   17.393  11.723  1.00 12.83 ? 1   IDY B C6  1 
HETATM 1081 C C7  . IDY B 2 .   ? -0.909  14.678  12.820  1.00 12.83 ? 1   IDY B C7  1 
HETATM 1082 O O6A . IDY B 2 .   ? 2.467   18.559  11.290  1.00 16.98 ? 1   IDY B O6A 1 
HETATM 1083 O O6B . IDY B 2 .   ? 3.355   17.078  12.667  1.00 14.63 ? 1   IDY B O6B 1 
HETATM 1084 O OS1 . IDY B 2 .   ? 4.481   11.293  10.705  1.00 9.54  ? 1   IDY B OS1 1 
HETATM 1085 O OS2 . IDY B 2 .   ? 2.486   10.809  9.348   1.00 11.56 ? 1   IDY B OS2 1 
HETATM 1086 O OS3 . IDY B 2 .   ? 2.294   11.132  11.734  1.00 9.18  ? 1   IDY B OS3 1 
HETATM 1087 N N2  . GNX B 2 .   ? 5.247   13.989  8.099   1.00 8.29  ? 2   GNX B N2  1 
HETATM 1088 C C1  . GNX B 2 .   ? 4.428   16.239  8.602   1.00 9.11  ? 2   GNX B C1  1 
HETATM 1089 S S1  . GNX B 2 .   ? 4.946   13.430  6.693   1.00 8.29  ? 2   GNX B S1  1 
HETATM 1090 C C2  . GNX B 2 .   ? 5.670   15.389  8.291   1.00 9.21  ? 2   GNX B C2  1 
HETATM 1091 C C3  . GNX B 2 .   ? 6.669   15.448  9.451   1.00 8.00  ? 2   GNX B C3  1 
HETATM 1092 O O3  . GNX B 2 .   ? 7.893   14.813  9.055   1.00 8.53  ? 2   GNX B O3  1 
HETATM 1093 C C4  . GNX B 2 .   ? 6.960   16.905  9.827   1.00 8.40  ? 2   GNX B C4  1 
HETATM 1094 O O4  . GNX B 2 .   ? 7.719   16.948  11.044  1.00 9.05  ? 2   GNX B O4  1 
HETATM 1095 C C5  . GNX B 2 .   ? 5.669   17.694  10.018  1.00 9.62  ? 2   GNX B C5  1 
HETATM 1096 O O5  . GNX B 2 .   ? 4.857   17.586  8.848   1.00 9.24  ? 2   GNX B O5  1 
HETATM 1097 C C6  . GNX B 2 .   ? 5.938   19.172  10.301  1.00 11.55 ? 2   GNX B C6  1 
HETATM 1098 O O6  . GNX B 2 .   ? 6.530   19.762  9.141   1.00 15.02 ? 2   GNX B O6  1 
HETATM 1099 O O12 . GNX B 2 .   ? 9.509   13.059  8.961   1.00 9.80  ? 2   GNX B O12 1 
HETATM 1100 S S12 . GNX B 2 .   ? 8.515   13.670  9.866   1.00 8.41  ? 2   GNX B S12 1 
HETATM 1101 O O1S . GNX B 2 .   ? 6.134   13.651  5.851   1.00 9.27  ? 2   GNX B O1S 1 
HETATM 1102 O O22 . GNX B 2 .   ? 9.146   14.252  11.062  1.00 9.75  ? 2   GNX B O22 1 
HETATM 1103 O O2S . GNX B 2 .   ? 4.640   11.996  6.847   1.00 9.73  ? 2   GNX B O2S 1 
HETATM 1104 O O32 . GNX B 2 .   ? 7.451   12.726  10.227  1.00 9.19  ? 2   GNX B O32 1 
HETATM 1105 O O3S . GNX B 2 .   ? 3.774   14.118  6.127   1.00 10.11 ? 2   GNX B O3S 1 
HETATM 1106 O O   . HOH C 3 .   ? 2.555   -6.447  -2.904  1.00 6.45  ? 301 HOH A O   1 
HETATM 1107 O O   . HOH C 3 .   ? 0.689   1.111   6.230   1.00 6.93  ? 302 HOH A O   1 
HETATM 1108 O O   . HOH C 3 .   ? -5.141  3.563   -4.480  1.00 7.54  ? 303 HOH A O   1 
HETATM 1109 O O   . HOH C 3 .   ? 11.021  10.004  3.256   1.00 9.60  ? 304 HOH A O   1 
HETATM 1110 O O   . HOH C 3 .   ? -1.635  0.403   -11.451 1.00 7.66  ? 305 HOH A O   1 
HETATM 1111 O O   . HOH C 3 .   ? -2.366  15.136  -6.127  1.00 12.33 ? 306 HOH A O   1 
HETATM 1112 O O   . HOH C 3 .   ? -4.373  0.651   -11.457 1.00 7.59  ? 307 HOH A O   1 
HETATM 1113 O O   . HOH C 3 .   ? -7.757  4.626   11.656  1.00 12.09 ? 308 HOH A O   1 
HETATM 1114 O O   . HOH C 3 .   ? 0.049   -3.742  9.593   1.00 8.69  ? 309 HOH A O   1 
HETATM 1115 O O   . HOH C 3 .   ? 6.539   3.404   2.864   1.00 7.13  ? 310 HOH A O   1 
HETATM 1116 O O   . HOH C 3 .   ? -1.158  5.107   13.020  1.00 10.45 ? 311 HOH A O   1 
HETATM 1117 O O   . HOH C 3 .   ? -4.959  -11.733 4.112   1.00 13.04 ? 312 HOH A O   1 
HETATM 1118 O O   . HOH C 3 .   ? -8.911  -6.020  -3.921  1.00 12.92 ? 313 HOH A O   1 
HETATM 1119 O O   . HOH C 3 .   ? 1.233   -4.865  11.839  1.00 13.57 ? 314 HOH A O   1 
HETATM 1120 O O   . HOH C 3 .   ? 6.878   8.837   -4.170  1.00 10.53 ? 315 HOH A O   1 
HETATM 1121 O O   . HOH C 3 .   ? -1.185  7.877   -13.479 1.00 11.64 ? 316 HOH A O   1 
HETATM 1122 O O   . HOH C 3 .   ? -2.535  -18.730 5.760   1.00 14.84 ? 317 HOH A O   1 
HETATM 1123 O O   . HOH C 3 .   ? -7.439  -12.968 -2.194  1.00 15.79 ? 318 HOH A O   1 
HETATM 1124 O O   . HOH C 3 .   ? -2.193  -8.564  -5.160  1.00 12.82 ? 319 HOH A O   1 
HETATM 1125 O O   . HOH C 3 .   ? 1.038   -16.947 -0.658  1.00 12.60 ? 320 HOH A O   1 
HETATM 1126 O O   . HOH C 3 .   ? -5.562  -9.421  5.531   1.00 11.61 ? 321 HOH A O   1 
HETATM 1127 O O   . HOH C 3 .   ? -3.712  12.191  -11.931 1.00 9.93  ? 322 HOH A O   1 
HETATM 1128 O O   . HOH C 3 .   ? 8.553   -11.883 3.251   1.00 14.37 ? 323 HOH A O   1 
HETATM 1129 O O   . HOH C 3 .   ? -8.417  -7.146  -9.888  1.00 18.13 ? 324 HOH A O   1 
HETATM 1130 O O   . HOH C 3 .   ? -13.034 -2.114  -10.148 1.00 15.29 ? 325 HOH A O   1 
HETATM 1131 O O   . HOH C 3 .   ? -8.265  12.763  -2.571  1.00 18.23 ? 326 HOH A O   1 
HETATM 1132 O O   . HOH C 3 .   ? -0.997  12.746  -12.540 1.00 12.54 ? 327 HOH A O   1 
HETATM 1133 O O   . HOH C 3 .   ? -0.588  0.942   14.311  1.00 16.71 ? 328 HOH A O   1 
HETATM 1134 O O   . HOH C 3 .   ? -2.890  -6.320  -13.163 1.00 14.74 ? 329 HOH A O   1 
HETATM 1135 O O   . HOH C 3 .   ? 8.849   12.931  6.256   1.00 13.59 ? 330 HOH A O   1 
HETATM 1136 O O   . HOH C 3 .   ? 12.418  -3.356  9.713   1.00 16.55 ? 331 HOH A O   1 
HETATM 1137 O O   . HOH C 3 .   ? -12.727 6.653   9.933   1.00 15.32 ? 332 HOH A O   1 
HETATM 1138 O O   . HOH C 3 .   ? -0.814  -1.280  12.780  1.00 18.71 ? 333 HOH A O   1 
HETATM 1139 O O   . HOH C 3 .   ? 7.680   -8.018  2.429   1.00 20.67 ? 334 HOH A O   1 
HETATM 1140 O O   . HOH C 3 .   ? -12.142 9.109   7.145   1.00 22.30 ? 335 HOH A O   1 
HETATM 1141 O O   . HOH C 3 .   ? -13.095 2.541   14.585  1.00 15.58 ? 336 HOH A O   1 
HETATM 1142 O O   . HOH C 3 .   ? 9.041   4.468   -6.431  1.00 15.35 ? 337 HOH A O   1 
HETATM 1143 O O   . HOH C 3 .   ? -10.666 13.099  -6.395  1.00 20.15 ? 338 HOH A O   1 
HETATM 1144 O O   . HOH C 3 .   ? 8.026   -11.687 9.188   1.00 17.09 ? 339 HOH A O   1 
HETATM 1145 O O   . HOH C 3 .   ? 10.441  -6.440  -11.292 1.00 25.69 ? 340 HOH A O   1 
HETATM 1146 O O   . HOH C 3 .   ? -0.160  1.010   -16.862 1.00 16.62 ? 341 HOH A O   1 
HETATM 1147 O O   . HOH C 3 .   ? 15.969  -4.748  -1.522  1.00 26.13 ? 342 HOH A O   1 
HETATM 1148 O O   . HOH C 3 .   ? 4.837   5.951   15.847  1.00 17.20 ? 343 HOH A O   1 
HETATM 1149 O O   . HOH C 3 .   ? -0.602  -12.643 9.921   1.00 20.02 ? 344 HOH A O   1 
HETATM 1150 O O   . HOH C 3 .   ? -2.294  15.955  9.920   1.00 24.14 ? 345 HOH A O   1 
HETATM 1151 O O   . HOH C 3 .   ? 3.006   -8.863  -13.271 1.00 16.76 ? 346 HOH A O   1 
HETATM 1152 O O   . HOH C 3 .   ? -0.383  -16.032 8.435   1.00 23.79 ? 347 HOH A O   1 
HETATM 1153 O O   . HOH C 3 .   ? 10.012  9.805   -1.297  1.00 22.01 ? 348 HOH A O   1 
HETATM 1154 O O   . HOH C 3 .   ? 8.387   14.659  -0.806  1.00 23.38 ? 349 HOH A O   1 
HETATM 1155 O O   . HOH C 3 .   ? -6.611  -6.582  11.692  1.00 18.41 ? 350 HOH A O   1 
HETATM 1156 O O   . HOH C 3 .   ? -4.012  -0.268  -18.455 1.00 23.09 ? 351 HOH A O   1 
HETATM 1157 O O   . HOH C 3 .   ? 1.194   -2.657  13.517  1.00 18.47 ? 352 HOH A O   1 
HETATM 1158 O O   . HOH C 3 .   ? 5.912   15.842  4.218   1.00 20.95 ? 353 HOH A O   1 
HETATM 1159 O O   . HOH C 3 .   ? -0.997  17.417  2.257   1.00 19.12 ? 354 HOH A O   1 
HETATM 1160 O O   . HOH C 3 .   ? 9.977   -9.512  -9.983  1.00 26.16 ? 355 HOH A O   1 
HETATM 1161 O O   . HOH C 3 .   ? 14.962  -13.556 -0.636  1.00 20.08 ? 356 HOH A O   1 
HETATM 1162 O O   . HOH C 3 .   ? 6.202   -13.893 9.082   1.00 22.52 ? 357 HOH A O   1 
HETATM 1163 O O   . HOH C 3 .   ? -17.948 -9.927  1.571   1.00 29.61 ? 358 HOH A O   1 
HETATM 1164 O O   . HOH C 3 .   ? 7.165   -15.103 -11.312 1.00 23.95 ? 359 HOH A O   1 
HETATM 1165 O O   . HOH C 3 .   ? 16.483  3.613   5.158   1.00 23.69 ? 360 HOH A O   1 
HETATM 1166 O O   . HOH C 3 .   ? -6.602  -13.385 5.175   1.00 24.75 ? 361 HOH A O   1 
HETATM 1167 O O   . HOH C 3 .   ? 6.480   -9.430  12.901  1.00 22.60 ? 362 HOH A O   1 
HETATM 1168 O O   . HOH C 3 .   ? 3.510   18.491  -2.469  1.00 14.35 ? 363 HOH A O   1 
HETATM 1169 O O   . HOH C 3 .   ? 11.051  -7.283  -5.194  1.00 21.55 ? 364 HOH A O   1 
HETATM 1170 O O   . HOH C 3 .   ? -3.521  -9.804  -7.172  1.00 23.74 ? 365 HOH A O   1 
HETATM 1171 O O   . HOH C 3 .   ? 1.661   -5.711  -18.521 1.00 23.93 ? 366 HOH A O   1 
HETATM 1172 O O   . HOH C 3 .   ? -9.747  14.026  1.019   1.00 29.24 ? 367 HOH A O   1 
HETATM 1173 O O   . HOH C 3 .   ? 14.201  -10.044 6.362   1.00 18.49 ? 368 HOH A O   1 
HETATM 1174 O O   . HOH C 3 .   ? 0.320   13.933  -6.335  1.00 23.41 ? 369 HOH A O   1 
HETATM 1175 O O   . HOH C 3 .   ? 0.968   -7.178  13.238  1.00 26.98 ? 370 HOH A O   1 
HETATM 1176 O O   . HOH C 3 .   ? -2.994  5.800   14.672  1.00 22.87 ? 371 HOH A O   1 
HETATM 1177 O O   . HOH C 3 .   ? 12.575  6.085   -4.920  1.00 29.72 ? 372 HOH A O   1 
HETATM 1178 O O   . HOH C 3 .   ? 4.809   18.122  4.732   1.00 23.17 ? 373 HOH A O   1 
HETATM 1179 O O   . HOH C 3 .   ? -15.286 4.761   -3.117  1.00 23.29 ? 374 HOH A O   1 
HETATM 1180 O O   . HOH C 3 .   ? -16.109 -5.813  -7.289  1.00 22.24 ? 375 HOH A O   1 
HETATM 1181 O O   . HOH C 3 .   ? 10.751  2.499   11.432  1.00 23.80 ? 376 HOH A O   1 
HETATM 1182 O O   . HOH C 3 .   ? 0.298   -0.791  16.544  1.00 26.70 ? 377 HOH A O   1 
HETATM 1183 O O   . HOH C 3 .   ? -5.578  -9.066  8.571   1.00 23.04 ? 378 HOH A O   1 
HETATM 1184 O O   . HOH C 3 .   ? 13.965  -10.610 -3.362  1.00 26.00 ? 379 HOH A O   1 
HETATM 1185 O O   . HOH C 3 .   ? 1.996   -0.149  18.486  1.00 31.44 ? 380 HOH A O   1 
HETATM 1186 O O   . HOH C 3 .   ? -12.215 -13.053 -1.594  1.00 24.37 ? 381 HOH A O   1 
HETATM 1187 O O   . HOH C 3 .   ? -12.044 12.239  -4.091  1.00 28.54 ? 382 HOH A O   1 
HETATM 1188 O O   . HOH C 3 .   ? -4.997  -7.916  -11.755 1.00 21.51 ? 383 HOH A O   1 
HETATM 1189 O O   . HOH C 3 .   ? 9.636   -13.868 9.239   1.00 28.24 ? 384 HOH A O   1 
HETATM 1190 O O   . HOH C 3 .   ? -10.490 3.309   -9.668  1.00 20.48 ? 385 HOH A O   1 
HETATM 1191 O O   . HOH C 3 .   ? -6.375  -4.776  14.621  1.00 26.07 ? 386 HOH A O   1 
HETATM 1192 O O   . HOH C 3 .   ? -7.620  -10.836 -4.531  1.00 25.10 ? 387 HOH A O   1 
HETATM 1193 O O   . HOH C 3 .   ? -3.773  15.266  6.691   1.00 27.03 ? 388 HOH A O   1 
HETATM 1194 O O   . HOH C 3 .   ? 5.450   -16.171 -9.588  1.00 15.45 ? 389 HOH A O   1 
HETATM 1195 O O   . HOH C 3 .   ? 1.552   -2.448  -17.747 1.00 29.52 ? 390 HOH A O   1 
HETATM 1196 O O   . HOH C 3 .   ? -11.133 -0.218  14.391  1.00 13.02 ? 391 HOH A O   1 
HETATM 1197 O O   . HOH C 3 .   ? 9.441   16.403  7.012   1.00 23.29 ? 392 HOH A O   1 
HETATM 1198 O O   . HOH C 3 .   ? 17.302  -7.655  2.304   1.00 31.40 ? 393 HOH A O   1 
HETATM 1199 O O   . HOH C 3 .   ? 11.951  -5.234  12.888  1.00 23.51 ? 394 HOH A O   1 
HETATM 1200 O O   . HOH C 3 .   ? 16.599  -9.092  4.714   1.00 22.09 ? 395 HOH A O   1 
HETATM 1201 O O   . HOH C 3 .   ? -0.467  -13.312 -7.806  1.00 23.54 ? 396 HOH A O   1 
HETATM 1202 O O   . HOH C 3 .   ? 1.720   18.842  -0.186  1.00 20.98 ? 397 HOH A O   1 
HETATM 1203 O O   . HOH C 3 .   ? -3.093  -14.111 -8.961  1.00 30.64 ? 398 HOH A O   1 
HETATM 1204 O O   . HOH C 3 .   ? -12.900 12.798  -10.849 1.00 26.17 ? 399 HOH A O   1 
HETATM 1205 O O   . HOH C 3 .   ? 10.350  12.322  -1.217  1.00 27.37 ? 400 HOH A O   1 
HETATM 1206 O O   . HOH C 3 .   ? 5.747   -1.210  14.630  1.00 27.82 ? 401 HOH A O   1 
HETATM 1207 O O   . HOH C 3 .   ? -14.918 -2.335  -8.676  1.00 27.37 ? 402 HOH A O   1 
HETATM 1208 O O   . HOH C 3 .   ? 7.628   0.072   13.981  1.00 28.45 ? 403 HOH A O   1 
HETATM 1209 O O   . HOH C 3 .   ? -3.372  17.861  -5.001  1.00 27.97 ? 404 HOH A O   1 
HETATM 1210 O O   . HOH C 3 .   ? 1.601   -15.154 -6.925  1.00 19.83 ? 405 HOH A O   1 
HETATM 1211 O O   . HOH C 3 .   ? -9.578  -13.989 -0.320  1.00 25.07 ? 406 HOH A O   1 
HETATM 1212 O O   . HOH C 3 .   ? 11.195  6.458   -6.811  1.00 33.83 ? 407 HOH A O   1 
# 
loop_
_pdbx_poly_seq_scheme.asym_id 
_pdbx_poly_seq_scheme.entity_id 
_pdbx_poly_seq_scheme.seq_id 
_pdbx_poly_seq_scheme.mon_id 
_pdbx_poly_seq_scheme.ndb_seq_num 
_pdbx_poly_seq_scheme.pdb_seq_num 
_pdbx_poly_seq_scheme.auth_seq_num 
_pdbx_poly_seq_scheme.pdb_mon_id 
_pdbx_poly_seq_scheme.auth_mon_id 
_pdbx_poly_seq_scheme.pdb_strand_id 
_pdbx_poly_seq_scheme.pdb_ins_code 
_pdbx_poly_seq_scheme.hetero 
A 1 1   MET 1   -8  ?   ?   ?   A . n 
A 1 2   ALA 2   -7  ?   ?   ?   A . n 
A 1 3   ALA 3   -6  ?   ?   ?   A . n 
A 1 4   GLY 4   -5  ?   ?   ?   A . n 
A 1 5   SER 5   -4  ?   ?   ?   A . n 
A 1 6   ILE 6   -3  ?   ?   ?   A . n 
A 1 7   THR 7   -2  ?   ?   ?   A . n 
A 1 8   THR 8   -1  ?   ?   ?   A . n 
A 1 9   LEU 9   0   ?   ?   ?   A . n 
A 1 10  PRO 10  1   ?   ?   ?   A . n 
A 1 11  ALA 11  2   ?   ?   ?   A . n 
A 1 12  LEU 12  3   ?   ?   ?   A . n 
A 1 13  PRO 13  4   ?   ?   ?   A . n 
A 1 14  GLU 14  5   ?   ?   ?   A . n 
A 1 15  ASP 15  6   ?   ?   ?   A . n 
A 1 16  GLY 16  7   ?   ?   ?   A . n 
A 1 17  GLY 17  8   ?   ?   ?   A . n 
A 1 18  SER 18  9   ?   ?   ?   A . n 
A 1 19  GLY 19  10  ?   ?   ?   A . n 
A 1 20  ALA 20  11  ?   ?   ?   A . n 
A 1 21  PHE 21  12  12  PHE PHE A . n 
A 1 22  PRO 22  13  13  PRO PRO A . n 
A 1 23  PRO 23  14  14  PRO PRO A . n 
A 1 24  GLY 24  15  15  GLY GLY A . n 
A 1 25  HIS 25  16  16  HIS HIS A . n 
A 1 26  PHE 26  17  17  PHE PHE A . n 
A 1 27  LYS 27  18  18  LYS LYS A . n 
A 1 28  ASP 28  19  19  ASP ASP A . n 
A 1 29  PRO 29  20  20  PRO PRO A . n 
A 1 30  LYS 30  21  21  LYS LYS A . n 
A 1 31  ARG 31  22  22  ARG ARG A . n 
A 1 32  LEU 32  23  23  LEU LEU A . n 
A 1 33  TYR 33  24  24  TYR TYR A . n 
A 1 34  CYS 34  25  25  CYS CYS A . n 
A 1 35  LYS 35  26  26  LYS LYS A . n 
A 1 36  ASN 36  27  27  ASN ASN A . n 
A 1 37  GLY 37  28  28  GLY GLY A . n 
A 1 38  GLY 38  29  29  GLY GLY A . n 
A 1 39  PHE 39  30  30  PHE PHE A . n 
A 1 40  PHE 40  31  31  PHE PHE A . n 
A 1 41  LEU 41  32  32  LEU LEU A . n 
A 1 42  ARG 42  33  33  ARG ARG A . n 
A 1 43  ILE 43  34  34  ILE ILE A . n 
A 1 44  HIS 44  35  35  HIS HIS A . n 
A 1 45  PRO 45  36  36  PRO PRO A . n 
A 1 46  ASP 46  37  37  ASP ASP A . n 
A 1 47  GLY 47  38  38  GLY GLY A . n 
A 1 48  ARG 48  39  39  ARG ARG A . n 
A 1 49  VAL 49  40  40  VAL VAL A . n 
A 1 50  ASP 50  41  41  ASP ASP A . n 
A 1 51  GLY 51  42  42  GLY GLY A . n 
A 1 52  VAL 52  43  43  VAL VAL A . n 
A 1 53  ARG 53  44  44  ARG ARG A . n 
A 1 54  GLU 54  45  45  GLU GLU A . n 
A 1 55  LYS 55  46  46  LYS LYS A . n 
A 1 56  SER 56  47  47  SER SER A . n 
A 1 57  ASP 57  48  48  ASP ASP A . n 
A 1 58  PRO 58  49  49  PRO PRO A . n 
A 1 59  HIS 59  50  50  HIS HIS A . n 
A 1 60  ILE 60  51  51  ILE ILE A . n 
A 1 61  LYS 61  52  52  LYS LYS A . n 
A 1 62  LEU 62  53  53  LEU LEU A . n 
A 1 63  GLN 63  54  54  GLN GLN A . n 
A 1 64  LEU 64  55  55  LEU LEU A . n 
A 1 65  GLN 65  56  56  GLN GLN A . n 
A 1 66  ALA 66  57  57  ALA ALA A . n 
A 1 67  GLU 67  58  58  GLU GLU A . n 
A 1 68  GLU 68  59  59  GLU GLU A . n 
A 1 69  ARG 69  60  60  ARG ARG A . n 
A 1 70  GLY 70  61  61  GLY GLY A . n 
A 1 71  VAL 71  62  62  VAL VAL A . n 
A 1 72  VAL 72  63  63  VAL VAL A . n 
A 1 73  SER 73  64  64  SER SER A . n 
A 1 74  ILE 74  65  65  ILE ILE A . n 
A 1 75  LYS 75  66  66  LYS LYS A . n 
A 1 76  GLY 76  67  67  GLY GLY A . n 
A 1 77  VAL 77  68  68  VAL VAL A . n 
A 1 78  SER 78  69  69  SER SER A . n 
A 1 79  ALA 79  70  70  ALA ALA A . n 
A 1 80  ASN 80  71  71  ASN ASN A . n 
A 1 81  ARG 81  72  72  ARG ARG A . n 
A 1 82  TYR 82  73  73  TYR TYR A . n 
A 1 83  LEU 83  74  74  LEU LEU A . n 
A 1 84  ALA 84  75  75  ALA ALA A . n 
A 1 85  MET 85  76  76  MET MET A . n 
A 1 86  LYS 86  77  77  LYS LYS A . n 
A 1 87  GLU 87  78  78  GLU GLU A . n 
A 1 88  ASP 88  79  79  ASP ASP A . n 
A 1 89  GLY 89  80  80  GLY GLY A . n 
A 1 90  ARG 90  81  81  ARG ARG A . n 
A 1 91  LEU 91  82  82  LEU LEU A . n 
A 1 92  LEU 92  83  83  LEU LEU A . n 
A 1 93  ALA 93  84  84  ALA ALA A . n 
A 1 94  SER 94  85  85  SER SER A . n 
A 1 95  LYS 95  86  86  LYS LYS A . n 
A 1 96  SER 96  87  87  SER SER A . n 
A 1 97  VAL 97  88  88  VAL VAL A . n 
A 1 98  THR 98  89  89  THR THR A . n 
A 1 99  ASP 99  90  90  ASP ASP A . n 
A 1 100 GLU 100 91  91  GLU GLU A . n 
A 1 101 CYS 101 92  92  CYS CYS A . n 
A 1 102 PHE 102 93  93  PHE PHE A . n 
A 1 103 PHE 103 94  94  PHE PHE A . n 
A 1 104 PHE 104 95  95  PHE PHE A . n 
A 1 105 GLU 105 96  96  GLU GLU A . n 
A 1 106 ARG 106 97  97  ARG ARG A . n 
A 1 107 LEU 107 98  98  LEU LEU A . n 
A 1 108 GLU 108 99  99  GLU GLU A . n 
A 1 109 SER 109 100 100 SER SER A . n 
A 1 110 ASN 110 101 101 ASN ASN A . n 
A 1 111 ASN 111 102 102 ASN ASN A . n 
A 1 112 TYR 112 103 103 TYR TYR A . n 
A 1 113 ASN 113 104 104 ASN ASN A . n 
A 1 114 THR 114 105 105 THR THR A . n 
A 1 115 TYR 115 106 106 TYR TYR A . n 
A 1 116 ARG 116 107 107 ARG ARG A . n 
A 1 117 SER 117 108 108 SER SER A . n 
A 1 118 ARG 118 109 109 ARG ARG A . n 
A 1 119 LYS 119 110 110 LYS LYS A . n 
A 1 120 TYR 120 111 111 TYR TYR A . n 
A 1 121 THR 121 112 112 THR THR A . n 
A 1 122 SER 122 113 113 SER SER A . n 
A 1 123 TRP 123 114 114 TRP TRP A . n 
A 1 124 TYR 124 115 115 TYR TYR A . n 
A 1 125 VAL 125 116 116 VAL VAL A . n 
A 1 126 ALA 126 117 117 ALA ALA A . n 
A 1 127 LEU 127 118 118 LEU LEU A . n 
A 1 128 LYS 128 119 119 LYS LYS A . n 
A 1 129 ARG 129 120 120 ARG ARG A . n 
A 1 130 THR 130 121 121 THR THR A . n 
A 1 131 GLY 131 122 122 GLY GLY A . n 
A 1 132 GLN 132 123 123 GLN GLN A . n 
A 1 133 TYR 133 124 124 TYR TYR A . n 
A 1 134 LYS 134 125 125 LYS LYS A . n 
A 1 135 LEU 135 126 126 LEU LEU A . n 
A 1 136 GLY 136 127 127 GLY GLY A . n 
A 1 137 SER 137 128 128 SER SER A . n 
A 1 138 LYS 138 129 129 LYS LYS A . n 
A 1 139 THR 139 130 130 THR THR A . n 
A 1 140 GLY 140 131 131 GLY GLY A . n 
A 1 141 PRO 141 132 132 PRO PRO A . n 
A 1 142 GLY 142 133 133 GLY GLY A . n 
A 1 143 GLN 143 134 134 GLN GLN A . n 
A 1 144 LYS 144 135 135 LYS LYS A . n 
A 1 145 ALA 145 136 136 ALA ALA A . n 
A 1 146 ILE 146 137 137 ILE ILE A . n 
A 1 147 LEU 147 138 138 LEU LEU A . n 
A 1 148 PHE 148 139 139 PHE PHE A . n 
A 1 149 LEU 149 140 140 LEU LEU A . n 
A 1 150 PRO 150 141 141 PRO PRO A . n 
A 1 151 MET 151 142 142 MET MET A . n 
A 1 152 SER 152 143 143 SER SER A . n 
A 1 153 ALA 153 144 ?   ?   ?   A . n 
A 1 154 LYS 154 145 ?   ?   ?   A . n 
A 1 155 SER 155 146 ?   ?   ?   A . n 
# 
loop_
_pdbx_nonpoly_scheme.asym_id 
_pdbx_nonpoly_scheme.entity_id 
_pdbx_nonpoly_scheme.mon_id 
_pdbx_nonpoly_scheme.ndb_seq_num 
_pdbx_nonpoly_scheme.pdb_seq_num 
_pdbx_nonpoly_scheme.auth_seq_num 
_pdbx_nonpoly_scheme.pdb_mon_id 
_pdbx_nonpoly_scheme.auth_mon_id 
_pdbx_nonpoly_scheme.pdb_strand_id 
_pdbx_nonpoly_scheme.pdb_ins_code 
C 3 HOH 1   301 1   HOH HOH A . 
C 3 HOH 2   302 2   HOH HOH A . 
C 3 HOH 3   303 3   HOH HOH A . 
C 3 HOH 4   304 4   HOH HOH A . 
C 3 HOH 5   305 5   HOH HOH A . 
C 3 HOH 6   306 6   HOH HOH A . 
C 3 HOH 7   307 7   HOH HOH A . 
C 3 HOH 8   308 8   HOH HOH A . 
C 3 HOH 9   309 9   HOH HOH A . 
C 3 HOH 10  310 10  HOH HOH A . 
C 3 HOH 11  311 11  HOH HOH A . 
C 3 HOH 12  312 12  HOH HOH A . 
C 3 HOH 13  313 13  HOH HOH A . 
C 3 HOH 14  314 14  HOH HOH A . 
C 3 HOH 15  315 15  HOH HOH A . 
C 3 HOH 16  316 16  HOH HOH A . 
C 3 HOH 17  317 17  HOH HOH A . 
C 3 HOH 18  318 18  HOH HOH A . 
C 3 HOH 19  319 19  HOH HOH A . 
C 3 HOH 20  320 20  HOH HOH A . 
C 3 HOH 21  321 21  HOH HOH A . 
C 3 HOH 22  322 22  HOH HOH A . 
C 3 HOH 23  323 23  HOH HOH A . 
C 3 HOH 24  324 24  HOH HOH A . 
C 3 HOH 25  325 25  HOH HOH A . 
C 3 HOH 26  326 26  HOH HOH A . 
C 3 HOH 27  327 27  HOH HOH A . 
C 3 HOH 28  328 28  HOH HOH A . 
C 3 HOH 29  329 29  HOH HOH A . 
C 3 HOH 30  330 30  HOH HOH A . 
C 3 HOH 31  331 31  HOH HOH A . 
C 3 HOH 32  332 32  HOH HOH A . 
C 3 HOH 33  333 33  HOH HOH A . 
C 3 HOH 34  334 34  HOH HOH A . 
C 3 HOH 35  335 35  HOH HOH A . 
C 3 HOH 36  336 36  HOH HOH A . 
C 3 HOH 37  337 37  HOH HOH A . 
C 3 HOH 38  338 38  HOH HOH A . 
C 3 HOH 39  339 39  HOH HOH A . 
C 3 HOH 40  340 40  HOH HOH A . 
C 3 HOH 41  341 41  HOH HOH A . 
C 3 HOH 42  342 42  HOH HOH A . 
C 3 HOH 43  343 43  HOH HOH A . 
C 3 HOH 44  344 44  HOH HOH A . 
C 3 HOH 45  345 45  HOH HOH A . 
C 3 HOH 46  346 46  HOH HOH A . 
C 3 HOH 47  347 47  HOH HOH A . 
C 3 HOH 48  348 48  HOH HOH A . 
C 3 HOH 49  349 49  HOH HOH A . 
C 3 HOH 50  350 50  HOH HOH A . 
C 3 HOH 51  351 51  HOH HOH A . 
C 3 HOH 52  352 52  HOH HOH A . 
C 3 HOH 53  353 53  HOH HOH A . 
C 3 HOH 54  354 54  HOH HOH A . 
C 3 HOH 55  355 55  HOH HOH A . 
C 3 HOH 56  356 56  HOH HOH A . 
C 3 HOH 57  357 57  HOH HOH A . 
C 3 HOH 58  358 58  HOH HOH A . 
C 3 HOH 59  359 59  HOH HOH A . 
C 3 HOH 60  360 60  HOH HOH A . 
C 3 HOH 61  361 61  HOH HOH A . 
C 3 HOH 62  362 62  HOH HOH A . 
C 3 HOH 63  363 63  HOH HOH A . 
C 3 HOH 64  364 64  HOH HOH A . 
C 3 HOH 65  365 65  HOH HOH A . 
C 3 HOH 66  366 66  HOH HOH A . 
C 3 HOH 67  367 67  HOH HOH A . 
C 3 HOH 68  368 68  HOH HOH A . 
C 3 HOH 69  369 69  HOH HOH A . 
C 3 HOH 70  370 70  HOH HOH A . 
C 3 HOH 71  371 71  HOH HOH A . 
C 3 HOH 72  372 72  HOH HOH A . 
C 3 HOH 73  373 73  HOH HOH A . 
C 3 HOH 74  374 74  HOH HOH A . 
C 3 HOH 75  375 75  HOH HOH A . 
C 3 HOH 76  376 76  HOH HOH A . 
C 3 HOH 77  377 77  HOH HOH A . 
C 3 HOH 78  378 78  HOH HOH A . 
C 3 HOH 79  379 79  HOH HOH A . 
C 3 HOH 80  380 80  HOH HOH A . 
C 3 HOH 81  381 81  HOH HOH A . 
C 3 HOH 82  382 82  HOH HOH A . 
C 3 HOH 83  383 83  HOH HOH A . 
C 3 HOH 84  384 84  HOH HOH A . 
C 3 HOH 85  385 85  HOH HOH A . 
C 3 HOH 86  386 86  HOH HOH A . 
C 3 HOH 87  387 87  HOH HOH A . 
C 3 HOH 88  388 88  HOH HOH A . 
C 3 HOH 89  389 89  HOH HOH A . 
C 3 HOH 90  390 90  HOH HOH A . 
C 3 HOH 91  391 91  HOH HOH A . 
C 3 HOH 92  392 92  HOH HOH A . 
C 3 HOH 93  393 93  HOH HOH A . 
C 3 HOH 94  394 94  HOH HOH A . 
C 3 HOH 95  395 95  HOH HOH A . 
C 3 HOH 96  396 96  HOH HOH A . 
C 3 HOH 97  397 97  HOH HOH A . 
C 3 HOH 98  398 98  HOH HOH A . 
C 3 HOH 99  399 99  HOH HOH A . 
C 3 HOH 100 400 100 HOH HOH A . 
C 3 HOH 101 401 101 HOH HOH A . 
C 3 HOH 102 402 102 HOH HOH A . 
C 3 HOH 103 403 103 HOH HOH A . 
C 3 HOH 104 404 104 HOH HOH A . 
C 3 HOH 105 405 105 HOH HOH A . 
C 3 HOH 106 406 106 HOH HOH A . 
C 3 HOH 107 407 107 HOH HOH A . 
# 
_pdbx_struct_assembly.id                   1 
_pdbx_struct_assembly.details              author_and_software_defined_assembly 
_pdbx_struct_assembly.method_details       PISA 
_pdbx_struct_assembly.oligomeric_details   monomeric 
_pdbx_struct_assembly.oligomeric_count     1 
# 
_pdbx_struct_assembly_gen.assembly_id       1 
_pdbx_struct_assembly_gen.oper_expression   1 
_pdbx_struct_assembly_gen.asym_id_list      A,B,C 
# 
_pdbx_struct_oper_list.id                   1 
_pdbx_struct_oper_list.type                 'identity operation' 
_pdbx_struct_oper_list.name                 1_555 
_pdbx_struct_oper_list.symmetry_operation   x,y,z 
_pdbx_struct_oper_list.matrix[1][1]         1.0000000000 
_pdbx_struct_oper_list.matrix[1][2]         0.0000000000 
_pdbx_struct_oper_list.matrix[1][3]         0.0000000000 
_pdbx_struct_oper_list.vector[1]            0.0000000000 
_pdbx_struct_oper_list.matrix[2][1]         0.0000000000 
_pdbx_struct_oper_list.matrix[2][2]         1.0000000000 
_pdbx_struct_oper_list.matrix[2][3]         0.0000000000 
_pdbx_struct_oper_list.vector[2]            0.0000000000 
_pdbx_struct_oper_list.matrix[3][1]         0.0000000000 
_pdbx_struct_oper_list.matrix[3][2]         0.0000000000 
_pdbx_struct_oper_list.matrix[3][3]         1.0000000000 
_pdbx_struct_oper_list.vector[3]            0.0000000000 
# 
loop_
_pdbx_audit_revision_history.ordinal 
_pdbx_audit_revision_history.data_content_type 
_pdbx_audit_revision_history.major_revision 
_pdbx_audit_revision_history.minor_revision 
_pdbx_audit_revision_history.revision_date 
1 'Structure model' 1 0 2014-07-09 
2 'Structure model' 1 1 2014-09-10 
3 'Structure model' 1 2 2018-04-04 
4 'Structure model' 2 0 2020-07-29 
5 'Structure model' 2 1 2023-09-20 
# 
loop_
_pdbx_audit_revision_details.ordinal 
_pdbx_audit_revision_details.revision_ordinal 
_pdbx_audit_revision_details.data_content_type 
_pdbx_audit_revision_details.provider 
_pdbx_audit_revision_details.type 
_pdbx_audit_revision_details.description 
_pdbx_audit_revision_details.details 
1 1 'Structure model' repository 'Initial release' ?                          ? 
2 4 'Structure model' repository Remediation       'Carbohydrate remediation' ? 
# 
loop_
_pdbx_audit_revision_group.ordinal 
_pdbx_audit_revision_group.revision_ordinal 
_pdbx_audit_revision_group.data_content_type 
_pdbx_audit_revision_group.group 
1  2 'Structure model' 'Database references'    
2  3 'Structure model' 'Data collection'        
3  4 'Structure model' 'Atomic model'           
4  4 'Structure model' 'Data collection'        
5  4 'Structure model' 'Database references'    
6  4 'Structure model' 'Derived calculations'   
7  4 'Structure model' 'Structure summary'      
8  5 'Structure model' 'Data collection'        
9  5 'Structure model' 'Database references'    
10 5 'Structure model' 'Refinement description' 
11 5 'Structure model' 'Structure summary'      
# 
loop_
_pdbx_audit_revision_category.ordinal 
_pdbx_audit_revision_category.revision_ordinal 
_pdbx_audit_revision_category.data_content_type 
_pdbx_audit_revision_category.category 
1  3 'Structure model' diffrn_source                 
2  4 'Structure model' atom_site                     
3  4 'Structure model' chem_comp                     
4  4 'Structure model' entity                        
5  4 'Structure model' pdbx_branch_scheme            
6  4 'Structure model' pdbx_chem_comp_identifier     
7  4 'Structure model' pdbx_entity_branch            
8  4 'Structure model' pdbx_entity_branch_descriptor 
9  4 'Structure model' pdbx_entity_branch_link       
10 4 'Structure model' pdbx_entity_branch_list       
11 4 'Structure model' pdbx_entity_nonpoly           
12 4 'Structure model' pdbx_nonpoly_scheme           
13 4 'Structure model' pdbx_struct_assembly_gen      
14 4 'Structure model' struct_asym                   
15 4 'Structure model' struct_conn                   
16 4 'Structure model' struct_ref_seq_dif            
17 4 'Structure model' struct_site                   
18 4 'Structure model' struct_site_gen               
19 5 'Structure model' chem_comp                     
20 5 'Structure model' chem_comp_atom                
21 5 'Structure model' chem_comp_bond                
22 5 'Structure model' database_2                    
23 5 'Structure model' pdbx_initial_refinement_model 
# 
loop_
_pdbx_audit_revision_item.ordinal 
_pdbx_audit_revision_item.revision_ordinal 
_pdbx_audit_revision_item.data_content_type 
_pdbx_audit_revision_item.item 
1  3 'Structure model' '_diffrn_source.pdbx_synchrotron_beamline' 
2  3 'Structure model' '_diffrn_source.type'                      
3  4 'Structure model' '_atom_site.B_iso_or_equiv'                
4  4 'Structure model' '_atom_site.Cartn_x'                       
5  4 'Structure model' '_atom_site.Cartn_y'                       
6  4 'Structure model' '_atom_site.Cartn_z'                       
7  4 'Structure model' '_atom_site.auth_asym_id'                  
8  4 'Structure model' '_atom_site.auth_atom_id'                  
9  4 'Structure model' '_atom_site.auth_comp_id'                  
10 4 'Structure model' '_atom_site.auth_seq_id'                   
11 4 'Structure model' '_atom_site.label_asym_id'                 
12 4 'Structure model' '_atom_site.label_atom_id'                 
13 4 'Structure model' '_atom_site.label_comp_id'                 
14 4 'Structure model' '_atom_site.label_entity_id'               
15 4 'Structure model' '_atom_site.type_symbol'                   
16 4 'Structure model' '_chem_comp.mon_nstd_flag'                 
17 4 'Structure model' '_chem_comp.name'                          
18 4 'Structure model' '_chem_comp.type'                          
19 4 'Structure model' '_pdbx_struct_assembly_gen.asym_id_list'   
20 4 'Structure model' '_struct_conn.pdbx_leaving_atom_flag'      
21 4 'Structure model' '_struct_conn.ptnr1_auth_asym_id'          
22 4 'Structure model' '_struct_conn.ptnr1_auth_comp_id'          
23 4 'Structure model' '_struct_conn.ptnr1_auth_seq_id'           
24 4 'Structure model' '_struct_conn.ptnr1_label_atom_id'         
25 4 'Structure model' '_struct_conn.ptnr1_label_comp_id'         
26 4 'Structure model' '_struct_conn.ptnr2_auth_asym_id'          
27 4 'Structure model' '_struct_conn.ptnr2_auth_comp_id'          
28 4 'Structure model' '_struct_conn.ptnr2_auth_seq_id'           
29 4 'Structure model' '_struct_conn.ptnr2_label_asym_id'         
30 4 'Structure model' '_struct_conn.ptnr2_label_atom_id'         
31 4 'Structure model' '_struct_conn.ptnr2_label_comp_id'         
32 4 'Structure model' '_struct_ref_seq_dif.details'              
33 5 'Structure model' '_chem_comp.pdbx_synonyms'                 
34 5 'Structure model' '_database_2.pdbx_DOI'                     
35 5 'Structure model' '_database_2.pdbx_database_accession'      
# 
loop_
_software.name 
_software.classification 
_software.version 
_software.citation_id 
_software.pdbx_ordinal 
_software.date 
_software.type 
_software.location 
_software.language 
HKL-2000 'data collection' .                           ? 1 ? ? ? ? 
PHASER   phasing           .                           ? 2 ? ? ? ? 
PHENIX   refinement        '(phenix.refine: 1.8_1069)' ? 3 ? ? ? ? 
HKL-2000 'data reduction'  .                           ? 4 ? ? ? ? 
HKL-2000 'data scaling'    .                           ? 5 ? ? ? ? 
# 
_pdbx_validate_torsion.id              1 
_pdbx_validate_torsion.PDB_model_num   1 
_pdbx_validate_torsion.auth_comp_id    ASP 
_pdbx_validate_torsion.auth_asym_id    A 
_pdbx_validate_torsion.auth_seq_id     41 
_pdbx_validate_torsion.PDB_ins_code    ? 
_pdbx_validate_torsion.label_alt_id    ? 
_pdbx_validate_torsion.phi             -153.62 
_pdbx_validate_torsion.psi             -157.51 
# 
loop_
_pdbx_unobs_or_zero_occ_residues.id 
_pdbx_unobs_or_zero_occ_residues.PDB_model_num 
_pdbx_unobs_or_zero_occ_residues.polymer_flag 
_pdbx_unobs_or_zero_occ_residues.occupancy_flag 
_pdbx_unobs_or_zero_occ_residues.auth_asym_id 
_pdbx_unobs_or_zero_occ_residues.auth_comp_id 
_pdbx_unobs_or_zero_occ_residues.auth_seq_id 
_pdbx_unobs_or_zero_occ_residues.PDB_ins_code 
_pdbx_unobs_or_zero_occ_residues.label_asym_id 
_pdbx_unobs_or_zero_occ_residues.label_comp_id 
_pdbx_unobs_or_zero_occ_residues.label_seq_id 
1  1 Y 1 A MET -8  ? A MET 1   
2  1 Y 1 A ALA -7  ? A ALA 2   
3  1 Y 1 A ALA -6  ? A ALA 3   
4  1 Y 1 A GLY -5  ? A GLY 4   
5  1 Y 1 A SER -4  ? A SER 5   
6  1 Y 1 A ILE -3  ? A ILE 6   
7  1 Y 1 A THR -2  ? A THR 7   
8  1 Y 1 A THR -1  ? A THR 8   
9  1 Y 1 A LEU 0   ? A LEU 9   
10 1 Y 1 A PRO 1   ? A PRO 10  
11 1 Y 1 A ALA 2   ? A ALA 11  
12 1 Y 1 A LEU 3   ? A LEU 12  
13 1 Y 1 A PRO 4   ? A PRO 13  
14 1 Y 1 A GLU 5   ? A GLU 14  
15 1 Y 1 A ASP 6   ? A ASP 15  
16 1 Y 1 A GLY 7   ? A GLY 16  
17 1 Y 1 A GLY 8   ? A GLY 17  
18 1 Y 1 A SER 9   ? A SER 18  
19 1 Y 1 A GLY 10  ? A GLY 19  
20 1 Y 1 A ALA 11  ? A ALA 20  
21 1 Y 1 A ALA 144 ? A ALA 153 
22 1 Y 1 A LYS 145 ? A LYS 154 
23 1 Y 1 A SER 146 ? A SER 155 
# 
loop_
_chem_comp_atom.comp_id 
_chem_comp_atom.atom_id 
_chem_comp_atom.type_symbol 
_chem_comp_atom.pdbx_aromatic_flag 
_chem_comp_atom.pdbx_stereo_config 
_chem_comp_atom.pdbx_ordinal 
ALA N    N N N 1   
ALA CA   C N S 2   
ALA C    C N N 3   
ALA O    O N N 4   
ALA CB   C N N 5   
ALA OXT  O N N 6   
ALA H    H N N 7   
ALA H2   H N N 8   
ALA HA   H N N 9   
ALA HB1  H N N 10  
ALA HB2  H N N 11  
ALA HB3  H N N 12  
ALA HXT  H N N 13  
ARG N    N N N 14  
ARG CA   C N S 15  
ARG C    C N N 16  
ARG O    O N N 17  
ARG CB   C N N 18  
ARG CG   C N N 19  
ARG CD   C N N 20  
ARG NE   N N N 21  
ARG CZ   C N N 22  
ARG NH1  N N N 23  
ARG NH2  N N N 24  
ARG OXT  O N N 25  
ARG H    H N N 26  
ARG H2   H N N 27  
ARG HA   H N N 28  
ARG HB2  H N N 29  
ARG HB3  H N N 30  
ARG HG2  H N N 31  
ARG HG3  H N N 32  
ARG HD2  H N N 33  
ARG HD3  H N N 34  
ARG HE   H N N 35  
ARG HH11 H N N 36  
ARG HH12 H N N 37  
ARG HH21 H N N 38  
ARG HH22 H N N 39  
ARG HXT  H N N 40  
ASN N    N N N 41  
ASN CA   C N S 42  
ASN C    C N N 43  
ASN O    O N N 44  
ASN CB   C N N 45  
ASN CG   C N N 46  
ASN OD1  O N N 47  
ASN ND2  N N N 48  
ASN OXT  O N N 49  
ASN H    H N N 50  
ASN H2   H N N 51  
ASN HA   H N N 52  
ASN HB2  H N N 53  
ASN HB3  H N N 54  
ASN HD21 H N N 55  
ASN HD22 H N N 56  
ASN HXT  H N N 57  
ASP N    N N N 58  
ASP CA   C N S 59  
ASP C    C N N 60  
ASP O    O N N 61  
ASP CB   C N N 62  
ASP CG   C N N 63  
ASP OD1  O N N 64  
ASP OD2  O N N 65  
ASP OXT  O N N 66  
ASP H    H N N 67  
ASP H2   H N N 68  
ASP HA   H N N 69  
ASP HB2  H N N 70  
ASP HB3  H N N 71  
ASP HD2  H N N 72  
ASP HXT  H N N 73  
CYS N    N N N 74  
CYS CA   C N R 75  
CYS C    C N N 76  
CYS O    O N N 77  
CYS CB   C N N 78  
CYS SG   S N N 79  
CYS OXT  O N N 80  
CYS H    H N N 81  
CYS H2   H N N 82  
CYS HA   H N N 83  
CYS HB2  H N N 84  
CYS HB3  H N N 85  
CYS HG   H N N 86  
CYS HXT  H N N 87  
GLN N    N N N 88  
GLN CA   C N S 89  
GLN C    C N N 90  
GLN O    O N N 91  
GLN CB   C N N 92  
GLN CG   C N N 93  
GLN CD   C N N 94  
GLN OE1  O N N 95  
GLN NE2  N N N 96  
GLN OXT  O N N 97  
GLN H    H N N 98  
GLN H2   H N N 99  
GLN HA   H N N 100 
GLN HB2  H N N 101 
GLN HB3  H N N 102 
GLN HG2  H N N 103 
GLN HG3  H N N 104 
GLN HE21 H N N 105 
GLN HE22 H N N 106 
GLN HXT  H N N 107 
GLU N    N N N 108 
GLU CA   C N S 109 
GLU C    C N N 110 
GLU O    O N N 111 
GLU CB   C N N 112 
GLU CG   C N N 113 
GLU CD   C N N 114 
GLU OE1  O N N 115 
GLU OE2  O N N 116 
GLU OXT  O N N 117 
GLU H    H N N 118 
GLU H2   H N N 119 
GLU HA   H N N 120 
GLU HB2  H N N 121 
GLU HB3  H N N 122 
GLU HG2  H N N 123 
GLU HG3  H N N 124 
GLU HE2  H N N 125 
GLU HXT  H N N 126 
GLY N    N N N 127 
GLY CA   C N N 128 
GLY C    C N N 129 
GLY O    O N N 130 
GLY OXT  O N N 131 
GLY H    H N N 132 
GLY H2   H N N 133 
GLY HA2  H N N 134 
GLY HA3  H N N 135 
GLY HXT  H N N 136 
GNX N2   N N N 137 
GNX C1   C N S 138 
GNX O1   O N N 139 
GNX S1   S N N 140 
GNX C2   C N R 141 
GNX C3   C N R 142 
GNX O3   O N N 143 
GNX C4   C N R 144 
GNX O4   O N N 145 
GNX C5   C N R 146 
GNX O5   O N N 147 
GNX C6   C N N 148 
GNX O6   O N N 149 
GNX O12  O N N 150 
GNX S12  S N N 151 
GNX O1S  O N N 152 
GNX O22  O N N 153 
GNX O2S  O N N 154 
GNX O32  O N N 155 
GNX O3S  O N N 156 
GNX HN21 H N N 157 
GNX H1   H N N 158 
GNX HO1  H N N 159 
GNX H2   H N N 160 
GNX H3   H N N 161 
GNX H4   H N N 162 
GNX HO4  H N N 163 
GNX H5   H N N 164 
GNX H61  H N N 165 
GNX H62  H N N 166 
GNX HO6  H N N 167 
GNX HO12 H N N 168 
GNX HO3S H N N 169 
HIS N    N N N 170 
HIS CA   C N S 171 
HIS C    C N N 172 
HIS O    O N N 173 
HIS CB   C N N 174 
HIS CG   C Y N 175 
HIS ND1  N Y N 176 
HIS CD2  C Y N 177 
HIS CE1  C Y N 178 
HIS NE2  N Y N 179 
HIS OXT  O N N 180 
HIS H    H N N 181 
HIS H2   H N N 182 
HIS HA   H N N 183 
HIS HB2  H N N 184 
HIS HB3  H N N 185 
HIS HD1  H N N 186 
HIS HD2  H N N 187 
HIS HE1  H N N 188 
HIS HE2  H N N 189 
HIS HXT  H N N 190 
HOH O    O N N 191 
HOH H1   H N N 192 
HOH H2   H N N 193 
IDY S    S N N 194 
IDY C1   C N R 195 
IDY O1   O N N 196 
IDY C2   C N R 197 
IDY O2   O N N 198 
IDY C3   C N S 199 
IDY O3   O N N 200 
IDY C4   C N S 201 
IDY O4   O N N 202 
IDY C5   C N R 203 
IDY O5   O N N 204 
IDY C6   C N N 205 
IDY C7   C N N 206 
IDY O6A  O N N 207 
IDY O6B  O N N 208 
IDY OS1  O N N 209 
IDY OS2  O N N 210 
IDY OS3  O N N 211 
IDY H1   H N N 212 
IDY H2   H N N 213 
IDY H3   H N N 214 
IDY HO3  H N N 215 
IDY H4   H N N 216 
IDY HO4  H N N 217 
IDY H5   H N N 218 
IDY H7   H N N 219 
IDY H7A  H N N 220 
IDY H7B  H N N 221 
IDY HO6B H N N 222 
IDY HOS3 H N N 223 
ILE N    N N N 224 
ILE CA   C N S 225 
ILE C    C N N 226 
ILE O    O N N 227 
ILE CB   C N S 228 
ILE CG1  C N N 229 
ILE CG2  C N N 230 
ILE CD1  C N N 231 
ILE OXT  O N N 232 
ILE H    H N N 233 
ILE H2   H N N 234 
ILE HA   H N N 235 
ILE HB   H N N 236 
ILE HG12 H N N 237 
ILE HG13 H N N 238 
ILE HG21 H N N 239 
ILE HG22 H N N 240 
ILE HG23 H N N 241 
ILE HD11 H N N 242 
ILE HD12 H N N 243 
ILE HD13 H N N 244 
ILE HXT  H N N 245 
LEU N    N N N 246 
LEU CA   C N S 247 
LEU C    C N N 248 
LEU O    O N N 249 
LEU CB   C N N 250 
LEU CG   C N N 251 
LEU CD1  C N N 252 
LEU CD2  C N N 253 
LEU OXT  O N N 254 
LEU H    H N N 255 
LEU H2   H N N 256 
LEU HA   H N N 257 
LEU HB2  H N N 258 
LEU HB3  H N N 259 
LEU HG   H N N 260 
LEU HD11 H N N 261 
LEU HD12 H N N 262 
LEU HD13 H N N 263 
LEU HD21 H N N 264 
LEU HD22 H N N 265 
LEU HD23 H N N 266 
LEU HXT  H N N 267 
LYS N    N N N 268 
LYS CA   C N S 269 
LYS C    C N N 270 
LYS O    O N N 271 
LYS CB   C N N 272 
LYS CG   C N N 273 
LYS CD   C N N 274 
LYS CE   C N N 275 
LYS NZ   N N N 276 
LYS OXT  O N N 277 
LYS H    H N N 278 
LYS H2   H N N 279 
LYS HA   H N N 280 
LYS HB2  H N N 281 
LYS HB3  H N N 282 
LYS HG2  H N N 283 
LYS HG3  H N N 284 
LYS HD2  H N N 285 
LYS HD3  H N N 286 
LYS HE2  H N N 287 
LYS HE3  H N N 288 
LYS HZ1  H N N 289 
LYS HZ2  H N N 290 
LYS HZ3  H N N 291 
LYS HXT  H N N 292 
MET N    N N N 293 
MET CA   C N S 294 
MET C    C N N 295 
MET O    O N N 296 
MET CB   C N N 297 
MET CG   C N N 298 
MET SD   S N N 299 
MET CE   C N N 300 
MET OXT  O N N 301 
MET H    H N N 302 
MET H2   H N N 303 
MET HA   H N N 304 
MET HB2  H N N 305 
MET HB3  H N N 306 
MET HG2  H N N 307 
MET HG3  H N N 308 
MET HE1  H N N 309 
MET HE2  H N N 310 
MET HE3  H N N 311 
MET HXT  H N N 312 
PHE N    N N N 313 
PHE CA   C N S 314 
PHE C    C N N 315 
PHE O    O N N 316 
PHE CB   C N N 317 
PHE CG   C Y N 318 
PHE CD1  C Y N 319 
PHE CD2  C Y N 320 
PHE CE1  C Y N 321 
PHE CE2  C Y N 322 
PHE CZ   C Y N 323 
PHE OXT  O N N 324 
PHE H    H N N 325 
PHE H2   H N N 326 
PHE HA   H N N 327 
PHE HB2  H N N 328 
PHE HB3  H N N 329 
PHE HD1  H N N 330 
PHE HD2  H N N 331 
PHE HE1  H N N 332 
PHE HE2  H N N 333 
PHE HZ   H N N 334 
PHE HXT  H N N 335 
PRO N    N N N 336 
PRO CA   C N S 337 
PRO C    C N N 338 
PRO O    O N N 339 
PRO CB   C N N 340 
PRO CG   C N N 341 
PRO CD   C N N 342 
PRO OXT  O N N 343 
PRO H    H N N 344 
PRO HA   H N N 345 
PRO HB2  H N N 346 
PRO HB3  H N N 347 
PRO HG2  H N N 348 
PRO HG3  H N N 349 
PRO HD2  H N N 350 
PRO HD3  H N N 351 
PRO HXT  H N N 352 
SER N    N N N 353 
SER CA   C N S 354 
SER C    C N N 355 
SER O    O N N 356 
SER CB   C N N 357 
SER OG   O N N 358 
SER OXT  O N N 359 
SER H    H N N 360 
SER H2   H N N 361 
SER HA   H N N 362 
SER HB2  H N N 363 
SER HB3  H N N 364 
SER HG   H N N 365 
SER HXT  H N N 366 
THR N    N N N 367 
THR CA   C N S 368 
THR C    C N N 369 
THR O    O N N 370 
THR CB   C N R 371 
THR OG1  O N N 372 
THR CG2  C N N 373 
THR OXT  O N N 374 
THR H    H N N 375 
THR H2   H N N 376 
THR HA   H N N 377 
THR HB   H N N 378 
THR HG1  H N N 379 
THR HG21 H N N 380 
THR HG22 H N N 381 
THR HG23 H N N 382 
THR HXT  H N N 383 
TRP N    N N N 384 
TRP CA   C N S 385 
TRP C    C N N 386 
TRP O    O N N 387 
TRP CB   C N N 388 
TRP CG   C Y N 389 
TRP CD1  C Y N 390 
TRP CD2  C Y N 391 
TRP NE1  N Y N 392 
TRP CE2  C Y N 393 
TRP CE3  C Y N 394 
TRP CZ2  C Y N 395 
TRP CZ3  C Y N 396 
TRP CH2  C Y N 397 
TRP OXT  O N N 398 
TRP H    H N N 399 
TRP H2   H N N 400 
TRP HA   H N N 401 
TRP HB2  H N N 402 
TRP HB3  H N N 403 
TRP HD1  H N N 404 
TRP HE1  H N N 405 
TRP HE3  H N N 406 
TRP HZ2  H N N 407 
TRP HZ3  H N N 408 
TRP HH2  H N N 409 
TRP HXT  H N N 410 
TYR N    N N N 411 
TYR CA   C N S 412 
TYR C    C N N 413 
TYR O    O N N 414 
TYR CB   C N N 415 
TYR CG   C Y N 416 
TYR CD1  C Y N 417 
TYR CD2  C Y N 418 
TYR CE1  C Y N 419 
TYR CE2  C Y N 420 
TYR CZ   C Y N 421 
TYR OH   O N N 422 
TYR OXT  O N N 423 
TYR H    H N N 424 
TYR H2   H N N 425 
TYR HA   H N N 426 
TYR HB2  H N N 427 
TYR HB3  H N N 428 
TYR HD1  H N N 429 
TYR HD2  H N N 430 
TYR HE1  H N N 431 
TYR HE2  H N N 432 
TYR HH   H N N 433 
TYR HXT  H N N 434 
VAL N    N N N 435 
VAL CA   C N S 436 
VAL C    C N N 437 
VAL O    O N N 438 
VAL CB   C N N 439 
VAL CG1  C N N 440 
VAL CG2  C N N 441 
VAL OXT  O N N 442 
VAL H    H N N 443 
VAL H2   H N N 444 
VAL HA   H N N 445 
VAL HB   H N N 446 
VAL HG11 H N N 447 
VAL HG12 H N N 448 
VAL HG13 H N N 449 
VAL HG21 H N N 450 
VAL HG22 H N N 451 
VAL HG23 H N N 452 
VAL HXT  H N N 453 
# 
loop_
_chem_comp_bond.comp_id 
_chem_comp_bond.atom_id_1 
_chem_comp_bond.atom_id_2 
_chem_comp_bond.value_order 
_chem_comp_bond.pdbx_aromatic_flag 
_chem_comp_bond.pdbx_stereo_config 
_chem_comp_bond.pdbx_ordinal 
ALA N   CA   sing N N 1   
ALA N   H    sing N N 2   
ALA N   H2   sing N N 3   
ALA CA  C    sing N N 4   
ALA CA  CB   sing N N 5   
ALA CA  HA   sing N N 6   
ALA C   O    doub N N 7   
ALA C   OXT  sing N N 8   
ALA CB  HB1  sing N N 9   
ALA CB  HB2  sing N N 10  
ALA CB  HB3  sing N N 11  
ALA OXT HXT  sing N N 12  
ARG N   CA   sing N N 13  
ARG N   H    sing N N 14  
ARG N   H2   sing N N 15  
ARG CA  C    sing N N 16  
ARG CA  CB   sing N N 17  
ARG CA  HA   sing N N 18  
ARG C   O    doub N N 19  
ARG C   OXT  sing N N 20  
ARG CB  CG   sing N N 21  
ARG CB  HB2  sing N N 22  
ARG CB  HB3  sing N N 23  
ARG CG  CD   sing N N 24  
ARG CG  HG2  sing N N 25  
ARG CG  HG3  sing N N 26  
ARG CD  NE   sing N N 27  
ARG CD  HD2  sing N N 28  
ARG CD  HD3  sing N N 29  
ARG NE  CZ   sing N N 30  
ARG NE  HE   sing N N 31  
ARG CZ  NH1  sing N N 32  
ARG CZ  NH2  doub N N 33  
ARG NH1 HH11 sing N N 34  
ARG NH1 HH12 sing N N 35  
ARG NH2 HH21 sing N N 36  
ARG NH2 HH22 sing N N 37  
ARG OXT HXT  sing N N 38  
ASN N   CA   sing N N 39  
ASN N   H    sing N N 40  
ASN N   H2   sing N N 41  
ASN CA  C    sing N N 42  
ASN CA  CB   sing N N 43  
ASN CA  HA   sing N N 44  
ASN C   O    doub N N 45  
ASN C   OXT  sing N N 46  
ASN CB  CG   sing N N 47  
ASN CB  HB2  sing N N 48  
ASN CB  HB3  sing N N 49  
ASN CG  OD1  doub N N 50  
ASN CG  ND2  sing N N 51  
ASN ND2 HD21 sing N N 52  
ASN ND2 HD22 sing N N 53  
ASN OXT HXT  sing N N 54  
ASP N   CA   sing N N 55  
ASP N   H    sing N N 56  
ASP N   H2   sing N N 57  
ASP CA  C    sing N N 58  
ASP CA  CB   sing N N 59  
ASP CA  HA   sing N N 60  
ASP C   O    doub N N 61  
ASP C   OXT  sing N N 62  
ASP CB  CG   sing N N 63  
ASP CB  HB2  sing N N 64  
ASP CB  HB3  sing N N 65  
ASP CG  OD1  doub N N 66  
ASP CG  OD2  sing N N 67  
ASP OD2 HD2  sing N N 68  
ASP OXT HXT  sing N N 69  
CYS N   CA   sing N N 70  
CYS N   H    sing N N 71  
CYS N   H2   sing N N 72  
CYS CA  C    sing N N 73  
CYS CA  CB   sing N N 74  
CYS CA  HA   sing N N 75  
CYS C   O    doub N N 76  
CYS C   OXT  sing N N 77  
CYS CB  SG   sing N N 78  
CYS CB  HB2  sing N N 79  
CYS CB  HB3  sing N N 80  
CYS SG  HG   sing N N 81  
CYS OXT HXT  sing N N 82  
GLN N   CA   sing N N 83  
GLN N   H    sing N N 84  
GLN N   H2   sing N N 85  
GLN CA  C    sing N N 86  
GLN CA  CB   sing N N 87  
GLN CA  HA   sing N N 88  
GLN C   O    doub N N 89  
GLN C   OXT  sing N N 90  
GLN CB  CG   sing N N 91  
GLN CB  HB2  sing N N 92  
GLN CB  HB3  sing N N 93  
GLN CG  CD   sing N N 94  
GLN CG  HG2  sing N N 95  
GLN CG  HG3  sing N N 96  
GLN CD  OE1  doub N N 97  
GLN CD  NE2  sing N N 98  
GLN NE2 HE21 sing N N 99  
GLN NE2 HE22 sing N N 100 
GLN OXT HXT  sing N N 101 
GLU N   CA   sing N N 102 
GLU N   H    sing N N 103 
GLU N   H2   sing N N 104 
GLU CA  C    sing N N 105 
GLU CA  CB   sing N N 106 
GLU CA  HA   sing N N 107 
GLU C   O    doub N N 108 
GLU C   OXT  sing N N 109 
GLU CB  CG   sing N N 110 
GLU CB  HB2  sing N N 111 
GLU CB  HB3  sing N N 112 
GLU CG  CD   sing N N 113 
GLU CG  HG2  sing N N 114 
GLU CG  HG3  sing N N 115 
GLU CD  OE1  doub N N 116 
GLU CD  OE2  sing N N 117 
GLU OE2 HE2  sing N N 118 
GLU OXT HXT  sing N N 119 
GLY N   CA   sing N N 120 
GLY N   H    sing N N 121 
GLY N   H2   sing N N 122 
GLY CA  C    sing N N 123 
GLY CA  HA2  sing N N 124 
GLY CA  HA3  sing N N 125 
GLY C   O    doub N N 126 
GLY C   OXT  sing N N 127 
GLY OXT HXT  sing N N 128 
GNX N2  S1   sing N N 129 
GNX N2  C2   sing N N 130 
GNX C1  O1   sing N N 131 
GNX C1  C2   sing N N 132 
GNX C1  O5   sing N N 133 
GNX S1  O1S  doub N N 134 
GNX S1  O2S  doub N N 135 
GNX S1  O3S  sing N N 136 
GNX C2  C3   sing N N 137 
GNX C3  O3   sing N N 138 
GNX C3  C4   sing N N 139 
GNX O3  S12  sing N N 140 
GNX C4  O4   sing N N 141 
GNX C4  C5   sing N N 142 
GNX C5  O5   sing N N 143 
GNX C5  C6   sing N N 144 
GNX C6  O6   sing N N 145 
GNX O12 S12  sing N N 146 
GNX S12 O22  doub N N 147 
GNX S12 O32  doub N N 148 
GNX N2  HN21 sing N N 149 
GNX C1  H1   sing N N 150 
GNX O1  HO1  sing N N 151 
GNX C2  H2   sing N N 152 
GNX C3  H3   sing N N 153 
GNX C4  H4   sing N N 154 
GNX O4  HO4  sing N N 155 
GNX C5  H5   sing N N 156 
GNX C6  H61  sing N N 157 
GNX C6  H62  sing N N 158 
GNX O6  HO6  sing N N 159 
GNX O12 HO12 sing N N 160 
GNX O3S HO3S sing N N 161 
HIS N   CA   sing N N 162 
HIS N   H    sing N N 163 
HIS N   H2   sing N N 164 
HIS CA  C    sing N N 165 
HIS CA  CB   sing N N 166 
HIS CA  HA   sing N N 167 
HIS C   O    doub N N 168 
HIS C   OXT  sing N N 169 
HIS CB  CG   sing N N 170 
HIS CB  HB2  sing N N 171 
HIS CB  HB3  sing N N 172 
HIS CG  ND1  sing Y N 173 
HIS CG  CD2  doub Y N 174 
HIS ND1 CE1  doub Y N 175 
HIS ND1 HD1  sing N N 176 
HIS CD2 NE2  sing Y N 177 
HIS CD2 HD2  sing N N 178 
HIS CE1 NE2  sing Y N 179 
HIS CE1 HE1  sing N N 180 
HIS NE2 HE2  sing N N 181 
HIS OXT HXT  sing N N 182 
HOH O   H1   sing N N 183 
HOH O   H2   sing N N 184 
IDY S   O2   sing N N 185 
IDY S   OS1  doub N N 186 
IDY S   OS2  doub N N 187 
IDY S   OS3  sing N N 188 
IDY C1  O1   sing N N 189 
IDY C1  C2   sing N N 190 
IDY C1  O5   sing N N 191 
IDY O1  C7   sing N N 192 
IDY C2  O2   sing N N 193 
IDY C2  C3   sing N N 194 
IDY C3  O3   sing N N 195 
IDY C3  C4   sing N N 196 
IDY C4  O4   sing N N 197 
IDY C4  C5   sing N N 198 
IDY C5  O5   sing N N 199 
IDY C5  C6   sing N N 200 
IDY C6  O6A  doub N N 201 
IDY C6  O6B  sing N N 202 
IDY C1  H1   sing N N 203 
IDY C2  H2   sing N N 204 
IDY C3  H3   sing N N 205 
IDY O3  HO3  sing N N 206 
IDY C4  H4   sing N N 207 
IDY O4  HO4  sing N N 208 
IDY C5  H5   sing N N 209 
IDY C7  H7   sing N N 210 
IDY C7  H7A  sing N N 211 
IDY C7  H7B  sing N N 212 
IDY O6B HO6B sing N N 213 
IDY OS3 HOS3 sing N N 214 
ILE N   CA   sing N N 215 
ILE N   H    sing N N 216 
ILE N   H2   sing N N 217 
ILE CA  C    sing N N 218 
ILE CA  CB   sing N N 219 
ILE CA  HA   sing N N 220 
ILE C   O    doub N N 221 
ILE C   OXT  sing N N 222 
ILE CB  CG1  sing N N 223 
ILE CB  CG2  sing N N 224 
ILE CB  HB   sing N N 225 
ILE CG1 CD1  sing N N 226 
ILE CG1 HG12 sing N N 227 
ILE CG1 HG13 sing N N 228 
ILE CG2 HG21 sing N N 229 
ILE CG2 HG22 sing N N 230 
ILE CG2 HG23 sing N N 231 
ILE CD1 HD11 sing N N 232 
ILE CD1 HD12 sing N N 233 
ILE CD1 HD13 sing N N 234 
ILE OXT HXT  sing N N 235 
LEU N   CA   sing N N 236 
LEU N   H    sing N N 237 
LEU N   H2   sing N N 238 
LEU CA  C    sing N N 239 
LEU CA  CB   sing N N 240 
LEU CA  HA   sing N N 241 
LEU C   O    doub N N 242 
LEU C   OXT  sing N N 243 
LEU CB  CG   sing N N 244 
LEU CB  HB2  sing N N 245 
LEU CB  HB3  sing N N 246 
LEU CG  CD1  sing N N 247 
LEU CG  CD2  sing N N 248 
LEU CG  HG   sing N N 249 
LEU CD1 HD11 sing N N 250 
LEU CD1 HD12 sing N N 251 
LEU CD1 HD13 sing N N 252 
LEU CD2 HD21 sing N N 253 
LEU CD2 HD22 sing N N 254 
LEU CD2 HD23 sing N N 255 
LEU OXT HXT  sing N N 256 
LYS N   CA   sing N N 257 
LYS N   H    sing N N 258 
LYS N   H2   sing N N 259 
LYS CA  C    sing N N 260 
LYS CA  CB   sing N N 261 
LYS CA  HA   sing N N 262 
LYS C   O    doub N N 263 
LYS C   OXT  sing N N 264 
LYS CB  CG   sing N N 265 
LYS CB  HB2  sing N N 266 
LYS CB  HB3  sing N N 267 
LYS CG  CD   sing N N 268 
LYS CG  HG2  sing N N 269 
LYS CG  HG3  sing N N 270 
LYS CD  CE   sing N N 271 
LYS CD  HD2  sing N N 272 
LYS CD  HD3  sing N N 273 
LYS CE  NZ   sing N N 274 
LYS CE  HE2  sing N N 275 
LYS CE  HE3  sing N N 276 
LYS NZ  HZ1  sing N N 277 
LYS NZ  HZ2  sing N N 278 
LYS NZ  HZ3  sing N N 279 
LYS OXT HXT  sing N N 280 
MET N   CA   sing N N 281 
MET N   H    sing N N 282 
MET N   H2   sing N N 283 
MET CA  C    sing N N 284 
MET CA  CB   sing N N 285 
MET CA  HA   sing N N 286 
MET C   O    doub N N 287 
MET C   OXT  sing N N 288 
MET CB  CG   sing N N 289 
MET CB  HB2  sing N N 290 
MET CB  HB3  sing N N 291 
MET CG  SD   sing N N 292 
MET CG  HG2  sing N N 293 
MET CG  HG3  sing N N 294 
MET SD  CE   sing N N 295 
MET CE  HE1  sing N N 296 
MET CE  HE2  sing N N 297 
MET CE  HE3  sing N N 298 
MET OXT HXT  sing N N 299 
PHE N   CA   sing N N 300 
PHE N   H    sing N N 301 
PHE N   H2   sing N N 302 
PHE CA  C    sing N N 303 
PHE CA  CB   sing N N 304 
PHE CA  HA   sing N N 305 
PHE C   O    doub N N 306 
PHE C   OXT  sing N N 307 
PHE CB  CG   sing N N 308 
PHE CB  HB2  sing N N 309 
PHE CB  HB3  sing N N 310 
PHE CG  CD1  doub Y N 311 
PHE CG  CD2  sing Y N 312 
PHE CD1 CE1  sing Y N 313 
PHE CD1 HD1  sing N N 314 
PHE CD2 CE2  doub Y N 315 
PHE CD2 HD2  sing N N 316 
PHE CE1 CZ   doub Y N 317 
PHE CE1 HE1  sing N N 318 
PHE CE2 CZ   sing Y N 319 
PHE CE2 HE2  sing N N 320 
PHE CZ  HZ   sing N N 321 
PHE OXT HXT  sing N N 322 
PRO N   CA   sing N N 323 
PRO N   CD   sing N N 324 
PRO N   H    sing N N 325 
PRO CA  C    sing N N 326 
PRO CA  CB   sing N N 327 
PRO CA  HA   sing N N 328 
PRO C   O    doub N N 329 
PRO C   OXT  sing N N 330 
PRO CB  CG   sing N N 331 
PRO CB  HB2  sing N N 332 
PRO CB  HB3  sing N N 333 
PRO CG  CD   sing N N 334 
PRO CG  HG2  sing N N 335 
PRO CG  HG3  sing N N 336 
PRO CD  HD2  sing N N 337 
PRO CD  HD3  sing N N 338 
PRO OXT HXT  sing N N 339 
SER N   CA   sing N N 340 
SER N   H    sing N N 341 
SER N   H2   sing N N 342 
SER CA  C    sing N N 343 
SER CA  CB   sing N N 344 
SER CA  HA   sing N N 345 
SER C   O    doub N N 346 
SER C   OXT  sing N N 347 
SER CB  OG   sing N N 348 
SER CB  HB2  sing N N 349 
SER CB  HB3  sing N N 350 
SER OG  HG   sing N N 351 
SER OXT HXT  sing N N 352 
THR N   CA   sing N N 353 
THR N   H    sing N N 354 
THR N   H2   sing N N 355 
THR CA  C    sing N N 356 
THR CA  CB   sing N N 357 
THR CA  HA   sing N N 358 
THR C   O    doub N N 359 
THR C   OXT  sing N N 360 
THR CB  OG1  sing N N 361 
THR CB  CG2  sing N N 362 
THR CB  HB   sing N N 363 
THR OG1 HG1  sing N N 364 
THR CG2 HG21 sing N N 365 
THR CG2 HG22 sing N N 366 
THR CG2 HG23 sing N N 367 
THR OXT HXT  sing N N 368 
TRP N   CA   sing N N 369 
TRP N   H    sing N N 370 
TRP N   H2   sing N N 371 
TRP CA  C    sing N N 372 
TRP CA  CB   sing N N 373 
TRP CA  HA   sing N N 374 
TRP C   O    doub N N 375 
TRP C   OXT  sing N N 376 
TRP CB  CG   sing N N 377 
TRP CB  HB2  sing N N 378 
TRP CB  HB3  sing N N 379 
TRP CG  CD1  doub Y N 380 
TRP CG  CD2  sing Y N 381 
TRP CD1 NE1  sing Y N 382 
TRP CD1 HD1  sing N N 383 
TRP CD2 CE2  doub Y N 384 
TRP CD2 CE3  sing Y N 385 
TRP NE1 CE2  sing Y N 386 
TRP NE1 HE1  sing N N 387 
TRP CE2 CZ2  sing Y N 388 
TRP CE3 CZ3  doub Y N 389 
TRP CE3 HE3  sing N N 390 
TRP CZ2 CH2  doub Y N 391 
TRP CZ2 HZ2  sing N N 392 
TRP CZ3 CH2  sing Y N 393 
TRP CZ3 HZ3  sing N N 394 
TRP CH2 HH2  sing N N 395 
TRP OXT HXT  sing N N 396 
TYR N   CA   sing N N 397 
TYR N   H    sing N N 398 
TYR N   H2   sing N N 399 
TYR CA  C    sing N N 400 
TYR CA  CB   sing N N 401 
TYR CA  HA   sing N N 402 
TYR C   O    doub N N 403 
TYR C   OXT  sing N N 404 
TYR CB  CG   sing N N 405 
TYR CB  HB2  sing N N 406 
TYR CB  HB3  sing N N 407 
TYR CG  CD1  doub Y N 408 
TYR CG  CD2  sing Y N 409 
TYR CD1 CE1  sing Y N 410 
TYR CD1 HD1  sing N N 411 
TYR CD2 CE2  doub Y N 412 
TYR CD2 HD2  sing N N 413 
TYR CE1 CZ   doub Y N 414 
TYR CE1 HE1  sing N N 415 
TYR CE2 CZ   sing Y N 416 
TYR CE2 HE2  sing N N 417 
TYR CZ  OH   sing N N 418 
TYR OH  HH   sing N N 419 
TYR OXT HXT  sing N N 420 
VAL N   CA   sing N N 421 
VAL N   H    sing N N 422 
VAL N   H2   sing N N 423 
VAL CA  C    sing N N 424 
VAL CA  CB   sing N N 425 
VAL CA  HA   sing N N 426 
VAL C   O    doub N N 427 
VAL C   OXT  sing N N 428 
VAL CB  CG1  sing N N 429 
VAL CB  CG2  sing N N 430 
VAL CB  HB   sing N N 431 
VAL CG1 HG11 sing N N 432 
VAL CG1 HG12 sing N N 433 
VAL CG1 HG13 sing N N 434 
VAL CG2 HG21 sing N N 435 
VAL CG2 HG22 sing N N 436 
VAL CG2 HG23 sing N N 437 
VAL OXT HXT  sing N N 438 
# 
loop_
_pdbx_branch_scheme.asym_id 
_pdbx_branch_scheme.entity_id 
_pdbx_branch_scheme.mon_id 
_pdbx_branch_scheme.num 
_pdbx_branch_scheme.pdb_asym_id 
_pdbx_branch_scheme.pdb_mon_id 
_pdbx_branch_scheme.pdb_seq_num 
_pdbx_branch_scheme.auth_asym_id 
_pdbx_branch_scheme.auth_mon_id 
_pdbx_branch_scheme.auth_seq_num 
_pdbx_branch_scheme.hetero 
B 2 IDY 1 B IDY 1 D IDY 142 n 
B 2 GNX 2 B GNX 2 D GNX 141 n 
# 
loop_
_pdbx_chem_comp_identifier.comp_id 
_pdbx_chem_comp_identifier.type 
_pdbx_chem_comp_identifier.program 
_pdbx_chem_comp_identifier.program_version 
_pdbx_chem_comp_identifier.identifier 
GNX 'CONDENSED IUPAC CARBOHYDRATE SYMBOL' GMML     1.0 'DGlcpNS[3S]a'                    
GNX 'COMMON NAME'                         GMML     1.0 N-sulfo-3-sulfo-a-D-glucopyranose 
GNX 'IUPAC CARBOHYDRATE SYMBOL'           PDB-CARE 1.0 a-D-GlcpNSO33SO3                  
# 
_pdbx_entity_branch.entity_id   2 
_pdbx_entity_branch.type        oligosaccharide 
# 
loop_
_pdbx_entity_branch_descriptor.ordinal 
_pdbx_entity_branch_descriptor.entity_id 
_pdbx_entity_branch_descriptor.descriptor 
_pdbx_entity_branch_descriptor.type 
_pdbx_entity_branch_descriptor.program 
_pdbx_entity_branch_descriptor.program_version 
1 2 'WURCS=2.0/2,2,1/[a2121A-1a_1-5_1*OC_2*OSO/3=O/3=O][a2122h-1a_1-5_2*NSO/3=O/3=O_3*OSO/3=O/3=O]/1-2/a4-b1' WURCS  PDB2Glycan 
1.1.0 
2 2 '[][methyl]{[(1+1)][a-L-IdopA2SO3]{[(4+1)][a-D-GlcpNSO33SO3]{}}}'                                         LINUCS PDB-CARE   ? 
# 
_pdbx_entity_branch_link.link_id                    1 
_pdbx_entity_branch_link.entity_id                  2 
_pdbx_entity_branch_link.entity_branch_list_num_1   2 
_pdbx_entity_branch_link.comp_id_1                  GNX 
_pdbx_entity_branch_link.atom_id_1                  C1 
_pdbx_entity_branch_link.leaving_atom_id_1          O1 
_pdbx_entity_branch_link.entity_branch_list_num_2   1 
_pdbx_entity_branch_link.comp_id_2                  IDY 
_pdbx_entity_branch_link.atom_id_2                  O4 
_pdbx_entity_branch_link.leaving_atom_id_2          HO4 
_pdbx_entity_branch_link.value_order                sing 
_pdbx_entity_branch_link.details                    ? 
# 
loop_
_pdbx_entity_branch_list.entity_id 
_pdbx_entity_branch_list.comp_id 
_pdbx_entity_branch_list.num 
_pdbx_entity_branch_list.hetero 
2 IDY 1 n 
2 GNX 2 n 
# 
_pdbx_entity_nonpoly.entity_id   3 
_pdbx_entity_nonpoly.name        water 
_pdbx_entity_nonpoly.comp_id     HOH 
# 
_pdbx_initial_refinement_model.id               1 
_pdbx_initial_refinement_model.entity_id_list   ? 
_pdbx_initial_refinement_model.type             'experimental model' 
_pdbx_initial_refinement_model.source_name      PDB 
_pdbx_initial_refinement_model.accession_code   1BFC 
_pdbx_initial_refinement_model.details          'PDB ENTRY 1BFC' 
# 
